data_7B8S
#
_entry.id   7B8S
#
_cell.length_a   109.709
_cell.length_b   145.237
_cell.length_c   175.405
_cell.angle_alpha   90.000
_cell.angle_beta   90.000
_cell.angle_gamma   90.000
#
_symmetry.space_group_name_H-M   'P 21 21 21'
#
loop_
_entity.id
_entity.type
_entity.pdbx_description
1 polymer 'Multidrug efflux pump subunit AcrB,Multidrug efflux pump subunit AcrB'
2 polymer DARPin
3 non-polymer 'FUSIDIC ACID'
4 water water
#
loop_
_entity_poly.entity_id
_entity_poly.type
_entity_poly.pdbx_seq_one_letter_code
_entity_poly.pdbx_strand_id
1 'polypeptide(L)'
;SAPPAVTISASYPGADAKTVQDTVTQVIEQNMNGIDNLMYMSSNSDSTGTVQITLTFESGTDADIAQVQVQNKLQLAMPL
LPQEVQQQGVSVEKSSSSFLMVVGVINTDGTMTQEDISDYVAANMKDAISRTSGVGDVQLFGSQYAMRIWMNPNELNKFQ
LTPVDVITAIKAQNAQVAAGQLGGTPPVKGQQLNASIIAQTRLTSTEEFGKILLKVNQDGSRVLLRDVAKIELGGENYDI
IAEFNGQPASGLGIKLATGANALDTAAAIRAELAKMEPFFPSGLKIVYPYDTGGSGGSGGSSSFLPDEDQGVFMTMVQLP
AGATQERTQKVLNEVTHYYLTKEKNNVESVFAVNGFGFAGRGQNTGIAFVSLKDWADRPGEENKVEAITMRATRAFSQIK
DAMVFAFNLPAIVELGTATGFDFELIDQAGLGHEKLTQARNQLLAEAAKHPDMLTSVRPNGLEDTPQFKIDIDQEKAQAL
GVSINDINTTLGAAWGGSYVNDFIDRGRVKKVYVMSEAKYRMLPDDIGDWYVRAADGQMVPFSAFSSSRWEYGSPRLERY
NGLPSMEILGQAAPGKSTGEAMELMEQLASKLPTGVGYDWTGMSYQERLSSAL
;
A,B,C
2 'polypeptide(L)'
;MRGSHHHHHHGSDLGKKLLEAARAGRDDEVRILMANGADVNAADVVGWTPLHLAAYWGHLEIVEVLLKNGADVNAYDTLG
STPLHLAAHFGHLEIVEVLLKNGADVNAKDDNGITPLHLAANRGHLEIVEVLLKYGADVNAQDKFGKTAFDISINNGNED
LAEILQKLN
;
D,E,F
#
# COMPACT_ATOMS: atom_id res chain seq x y z
N ALA A 2 33.33 13.57 4.93
CA ALA A 2 32.32 12.54 4.74
C ALA A 2 30.92 13.13 4.76
N PRO A 3 30.46 13.62 3.61
CA PRO A 3 29.10 14.19 3.52
C PRO A 3 28.05 13.10 3.67
N PRO A 4 27.13 13.25 4.61
CA PRO A 4 26.11 12.21 4.83
C PRO A 4 25.22 12.04 3.61
N ALA A 5 24.98 10.79 3.22
CA ALA A 5 24.21 10.47 2.03
C ALA A 5 23.21 9.37 2.37
N VAL A 6 21.94 9.62 2.03
CA VAL A 6 20.86 8.64 2.14
C VAL A 6 20.61 8.09 0.74
N THR A 7 20.38 6.78 0.67
CA THR A 7 20.22 6.09 -0.61
C THR A 7 18.89 5.35 -0.65
N ILE A 8 18.10 5.61 -1.71
CA ILE A 8 16.90 4.85 -2.02
C ILE A 8 17.25 3.83 -3.08
N SER A 9 16.80 2.59 -2.90
CA SER A 9 17.08 1.50 -3.82
C SER A 9 15.80 0.73 -4.09
N ALA A 10 15.52 0.46 -5.37
CA ALA A 10 14.34 -0.28 -5.76
C ALA A 10 14.69 -1.19 -6.92
N SER A 11 13.95 -2.29 -7.05
CA SER A 11 14.19 -3.29 -8.05
C SER A 11 12.93 -3.53 -8.86
N TYR A 12 13.08 -3.63 -10.18
CA TYR A 12 11.98 -3.90 -11.10
C TYR A 12 12.46 -5.02 -12.02
N PRO A 13 12.17 -6.28 -11.66
CA PRO A 13 12.72 -7.41 -12.42
C PRO A 13 12.33 -7.38 -13.89
N GLY A 14 13.34 -7.45 -14.75
CA GLY A 14 13.14 -7.50 -16.18
C GLY A 14 12.88 -6.16 -16.85
N ALA A 15 12.99 -5.06 -16.12
CA ALA A 15 12.72 -3.74 -16.66
C ALA A 15 13.98 -3.13 -17.27
N ASP A 16 13.80 -2.42 -18.38
CA ASP A 16 14.88 -1.68 -19.00
C ASP A 16 15.14 -0.38 -18.23
N ALA A 17 16.17 0.35 -18.65
CA ALA A 17 16.55 1.56 -17.93
C ALA A 17 15.46 2.63 -18.03
N LYS A 18 14.87 2.82 -19.21
CA LYS A 18 13.88 3.86 -19.37
C LYS A 18 12.59 3.52 -18.63
N THR A 19 12.21 2.24 -18.60
CA THR A 19 11.03 1.85 -17.83
C THR A 19 11.23 2.13 -16.35
N VAL A 20 12.41 1.82 -15.82
CA VAL A 20 12.70 2.11 -14.41
C VAL A 20 12.63 3.60 -14.14
N GLN A 21 13.20 4.40 -15.04
CA GLN A 21 13.24 5.85 -14.82
C GLN A 21 11.85 6.46 -14.86
N ASP A 22 11.01 6.04 -15.81
CA ASP A 22 9.73 6.70 -16.04
C ASP A 22 8.60 6.17 -15.18
N THR A 23 8.75 4.99 -14.58
CA THR A 23 7.72 4.47 -13.69
C THR A 23 8.13 4.46 -12.23
N VAL A 24 9.42 4.64 -11.92
CA VAL A 24 9.88 4.57 -10.54
C VAL A 24 10.67 5.83 -10.18
N THR A 25 11.77 6.07 -10.90
CA THR A 25 12.71 7.12 -10.50
C THR A 25 12.06 8.50 -10.51
N GLN A 26 11.38 8.85 -11.59
CA GLN A 26 10.79 10.17 -11.70
C GLN A 26 9.70 10.39 -10.65
N VAL A 27 8.89 9.36 -10.39
CA VAL A 27 7.82 9.49 -9.41
C VAL A 27 8.39 9.75 -8.01
N ILE A 28 9.51 9.11 -7.69
CA ILE A 28 10.14 9.33 -6.40
C ILE A 28 10.83 10.69 -6.36
N GLU A 29 11.54 11.04 -7.42
CA GLU A 29 12.29 12.31 -7.42
C GLU A 29 11.36 13.51 -7.30
N GLN A 30 10.18 13.44 -7.90
CA GLN A 30 9.27 14.58 -7.88
C GLN A 30 8.78 14.92 -6.47
N ASN A 31 8.93 14.01 -5.52
CA ASN A 31 8.57 14.27 -4.13
C ASN A 31 9.78 14.58 -3.26
N MET A 32 10.99 14.58 -3.82
CA MET A 32 12.20 14.81 -3.03
C MET A 32 12.48 16.31 -2.96
N ASN A 33 11.60 17.00 -2.24
CA ASN A 33 11.76 18.42 -1.95
C ASN A 33 11.24 18.68 -0.54
N GLY A 34 11.58 19.85 0.00
CA GLY A 34 11.25 20.13 1.38
C GLY A 34 12.00 19.26 2.37
N ILE A 35 13.21 18.83 2.01
CA ILE A 35 14.07 18.04 2.89
C ILE A 35 15.18 18.95 3.38
N ASP A 36 15.39 18.97 4.70
CA ASP A 36 16.31 19.93 5.28
C ASP A 36 17.76 19.57 5.00
N ASN A 37 18.57 20.59 4.73
CA ASN A 37 20.02 20.47 4.57
C ASN A 37 20.39 19.57 3.39
N LEU A 38 19.59 19.59 2.34
CA LEU A 38 19.85 18.79 1.14
C LEU A 38 20.73 19.59 0.18
N MET A 39 21.91 19.06 -0.15
CA MET A 39 22.80 19.72 -1.10
C MET A 39 22.39 19.43 -2.53
N TYR A 40 22.32 18.14 -2.89
CA TYR A 40 21.98 17.75 -4.25
C TYR A 40 21.48 16.31 -4.23
N MET A 41 20.93 15.90 -5.36
CA MET A 41 20.36 14.57 -5.53
C MET A 41 20.72 14.03 -6.91
N SER A 42 21.14 12.77 -6.96
CA SER A 42 21.47 12.11 -8.22
C SER A 42 20.88 10.72 -8.20
N SER A 43 20.80 10.11 -9.39
CA SER A 43 20.18 8.79 -9.50
C SER A 43 20.69 8.09 -10.75
N ASN A 44 20.62 6.76 -10.71
CA ASN A 44 20.93 5.90 -11.85
C ASN A 44 19.75 4.96 -12.06
N SER A 45 19.30 4.84 -13.30
CA SER A 45 18.25 3.90 -13.69
C SER A 45 18.85 2.92 -14.68
N ASP A 46 19.00 1.66 -14.26
CA ASP A 46 19.73 0.67 -15.01
C ASP A 46 18.81 -0.29 -15.75
N SER A 47 19.31 -0.85 -16.85
CA SER A 47 18.61 -1.91 -17.55
C SER A 47 18.70 -3.25 -16.84
N THR A 48 19.36 -3.30 -15.68
CA THR A 48 19.26 -4.43 -14.77
C THR A 48 17.98 -4.40 -13.95
N GLY A 49 17.09 -3.44 -14.21
CA GLY A 49 15.89 -3.30 -13.40
C GLY A 49 16.15 -2.70 -12.03
N THR A 50 17.13 -1.82 -11.92
CA THR A 50 17.57 -1.29 -10.64
C THR A 50 17.63 0.23 -10.71
N VAL A 51 17.23 0.88 -9.62
CA VAL A 51 17.36 2.33 -9.48
C VAL A 51 18.03 2.61 -8.14
N GLN A 52 18.94 3.57 -8.14
CA GLN A 52 19.63 4.00 -6.93
C GLN A 52 19.63 5.53 -6.91
N ILE A 53 18.85 6.11 -6.02
CA ILE A 53 18.80 7.56 -5.83
C ILE A 53 19.65 7.91 -4.63
N THR A 54 20.57 8.84 -4.81
CA THR A 54 21.48 9.26 -3.74
C THR A 54 21.16 10.71 -3.37
N LEU A 55 20.97 10.95 -2.08
CA LEU A 55 20.68 12.28 -1.54
C LEU A 55 21.78 12.66 -0.57
N THR A 56 22.58 13.65 -0.96
CA THR A 56 23.74 14.08 -0.18
C THR A 56 23.38 15.30 0.66
N PHE A 57 23.74 15.26 1.94
CA PHE A 57 23.42 16.31 2.89
C PHE A 57 24.70 17.00 3.36
N GLU A 58 24.50 18.16 3.98
CA GLU A 58 25.63 18.96 4.45
C GLU A 58 26.26 18.33 5.70
N SER A 59 27.52 18.67 5.92
CA SER A 59 28.25 18.14 7.08
C SER A 59 27.58 18.61 8.37
N GLY A 60 27.43 17.68 9.31
CA GLY A 60 26.76 17.94 10.56
C GLY A 60 25.30 17.56 10.58
N THR A 61 24.71 17.26 9.41
CA THR A 61 23.31 16.85 9.36
C THR A 61 23.11 15.53 10.10
N ASP A 62 22.08 15.47 10.94
CA ASP A 62 21.73 14.23 11.62
C ASP A 62 21.29 13.19 10.60
N ALA A 63 22.06 12.10 10.50
CA ALA A 63 21.72 11.06 9.53
C ALA A 63 20.38 10.41 9.84
N ASP A 64 20.01 10.33 11.13
CA ASP A 64 18.71 9.79 11.50
C ASP A 64 17.59 10.66 10.97
N ILE A 65 17.70 11.98 11.15
CA ILE A 65 16.67 12.90 10.69
C ILE A 65 16.63 12.93 9.17
N ALA A 66 17.81 12.89 8.53
CA ALA A 66 17.85 12.90 7.06
C ALA A 66 17.19 11.68 6.47
N GLN A 67 17.41 10.51 7.09
CA GLN A 67 16.76 9.29 6.60
C GLN A 67 15.26 9.36 6.81
N VAL A 68 14.81 9.88 7.95
CA VAL A 68 13.39 9.97 8.23
C VAL A 68 12.70 10.88 7.22
N GLN A 69 13.32 12.03 6.92
CA GLN A 69 12.69 12.98 6.01
C GLN A 69 12.69 12.45 4.58
N VAL A 70 13.75 11.74 4.18
CA VAL A 70 13.77 11.16 2.84
C VAL A 70 12.68 10.11 2.69
N GLN A 71 12.53 9.25 3.69
CA GLN A 71 11.52 8.20 3.61
C GLN A 71 10.11 8.78 3.75
N ASN A 72 9.96 9.87 4.50
CA ASN A 72 8.64 10.50 4.60
C ASN A 72 8.17 11.00 3.24
N LYS A 73 9.09 11.54 2.43
CA LYS A 73 8.73 11.95 1.08
C LYS A 73 8.58 10.74 0.15
N LEU A 74 9.33 9.67 0.41
CA LEU A 74 9.19 8.46 -0.42
C LEU A 74 7.80 7.84 -0.26
N GLN A 75 7.20 7.95 0.93
CA GLN A 75 5.87 7.39 1.15
C GLN A 75 4.83 8.06 0.27
N LEU A 76 5.08 9.28 -0.20
CA LEU A 76 4.13 9.92 -1.11
C LEU A 76 4.10 9.23 -2.47
N ALA A 77 5.21 8.61 -2.87
CA ALA A 77 5.30 7.97 -4.16
C ALA A 77 5.04 6.47 -4.12
N MET A 78 5.14 5.83 -2.94
CA MET A 78 5.02 4.38 -2.84
C MET A 78 3.75 3.82 -3.46
N PRO A 79 2.54 4.35 -3.19
CA PRO A 79 1.34 3.79 -3.84
C PRO A 79 1.27 4.08 -5.34
N LEU A 80 2.14 4.94 -5.88
CA LEU A 80 2.19 5.17 -7.31
C LEU A 80 3.18 4.27 -8.02
N LEU A 81 3.98 3.51 -7.28
CA LEU A 81 4.98 2.64 -7.89
C LEU A 81 4.34 1.35 -8.37
N PRO A 82 4.91 0.73 -9.40
CA PRO A 82 4.38 -0.56 -9.85
C PRO A 82 4.42 -1.58 -8.72
N GLN A 83 3.40 -2.44 -8.68
CA GLN A 83 3.34 -3.46 -7.64
C GLN A 83 4.56 -4.36 -7.68
N GLU A 84 5.11 -4.62 -8.86
CA GLU A 84 6.30 -5.45 -8.97
C GLU A 84 7.50 -4.82 -8.27
N VAL A 85 7.50 -3.48 -8.16
CA VAL A 85 8.59 -2.82 -7.45
C VAL A 85 8.37 -2.85 -5.94
N GLN A 86 7.14 -2.57 -5.51
CA GLN A 86 6.84 -2.58 -4.08
C GLN A 86 7.07 -3.96 -3.48
N GLN A 87 6.74 -5.01 -4.24
CA GLN A 87 6.87 -6.38 -3.73
C GLN A 87 8.33 -6.77 -3.50
N GLN A 88 9.25 -6.20 -4.28
CA GLN A 88 10.67 -6.49 -4.07
C GLN A 88 11.20 -5.87 -2.78
N GLY A 89 10.57 -4.79 -2.31
CA GLY A 89 10.99 -4.15 -1.08
C GLY A 89 11.92 -2.99 -1.31
N VAL A 90 11.36 -1.77 -1.37
CA VAL A 90 12.17 -0.58 -1.48
C VAL A 90 12.95 -0.37 -0.19
N SER A 91 14.20 0.04 -0.31
CA SER A 91 15.08 0.21 0.84
C SER A 91 15.59 1.64 0.91
N VAL A 92 15.70 2.15 2.14
CA VAL A 92 16.27 3.47 2.42
C VAL A 92 17.35 3.28 3.46
N GLU A 93 18.59 3.61 3.09
CA GLU A 93 19.73 3.36 3.95
C GLU A 93 20.58 4.62 4.10
N LYS A 94 21.38 4.63 5.15
CA LYS A 94 22.26 5.75 5.50
C LYS A 94 23.63 5.15 5.82
N SER A 95 24.44 4.95 4.79
CA SER A 95 25.74 4.34 4.98
C SER A 95 26.78 5.04 4.11
N SER A 96 28.04 4.79 4.41
CA SER A 96 29.11 5.22 3.53
C SER A 96 28.99 4.51 2.19
N SER A 97 29.60 5.11 1.17
CA SER A 97 29.56 4.51 -0.16
C SER A 97 30.50 3.34 -0.29
N SER A 98 31.57 3.31 0.49
CA SER A 98 32.59 2.27 0.39
C SER A 98 32.36 1.17 1.43
N PHE A 99 32.97 0.02 1.18
CA PHE A 99 32.84 -1.13 2.07
C PHE A 99 33.77 -0.98 3.27
N LEU A 100 33.24 -1.27 4.45
CA LEU A 100 34.08 -1.36 5.64
C LEU A 100 34.88 -2.65 5.65
N MET A 101 34.25 -3.75 5.25
CA MET A 101 34.90 -5.04 5.20
C MET A 101 34.10 -5.96 4.28
N VAL A 102 34.74 -7.06 3.90
CA VAL A 102 34.10 -8.12 3.12
C VAL A 102 34.27 -9.42 3.88
N VAL A 103 33.18 -10.11 4.15
CA VAL A 103 33.20 -11.43 4.79
C VAL A 103 33.07 -12.47 3.68
N GLY A 104 34.14 -13.21 3.42
CA GLY A 104 34.12 -14.25 2.43
C GLY A 104 33.69 -15.58 3.02
N VAL A 105 33.04 -16.39 2.19
CA VAL A 105 32.57 -17.71 2.60
C VAL A 105 32.92 -18.70 1.49
N ILE A 106 33.68 -19.74 1.84
CA ILE A 106 34.09 -20.78 0.91
C ILE A 106 33.74 -22.13 1.53
N ASN A 107 33.94 -23.19 0.74
CA ASN A 107 33.77 -24.56 1.22
C ASN A 107 35.08 -25.30 0.96
N THR A 108 35.85 -25.51 2.04
CA THR A 108 37.16 -26.16 1.92
C THR A 108 37.06 -27.60 1.45
N ASP A 109 35.89 -28.24 1.61
CA ASP A 109 35.69 -29.58 1.07
C ASP A 109 35.30 -29.58 -0.40
N GLY A 110 34.94 -28.42 -0.96
CA GLY A 110 34.47 -28.37 -2.33
C GLY A 110 33.17 -29.10 -2.56
N THR A 111 32.37 -29.29 -1.52
CA THR A 111 31.11 -30.03 -1.60
C THR A 111 29.91 -29.12 -1.81
N MET A 112 30.12 -27.82 -1.99
CA MET A 112 29.04 -26.87 -2.21
C MET A 112 29.41 -25.96 -3.37
N THR A 113 28.47 -25.78 -4.30
CA THR A 113 28.72 -24.89 -5.44
C THR A 113 28.63 -23.43 -5.01
N GLN A 114 28.97 -22.54 -5.93
CA GLN A 114 28.82 -21.11 -5.68
C GLN A 114 27.37 -20.76 -5.39
N GLU A 115 26.43 -21.38 -6.11
CA GLU A 115 25.02 -21.12 -5.86
C GLU A 115 24.61 -21.61 -4.47
N ASP A 116 25.14 -22.75 -4.05
CA ASP A 116 24.82 -23.27 -2.72
C ASP A 116 25.37 -22.38 -1.61
N ILE A 117 26.62 -21.94 -1.76
CA ILE A 117 27.23 -21.10 -0.74
C ILE A 117 26.49 -19.78 -0.63
N SER A 118 26.09 -19.21 -1.77
CA SER A 118 25.36 -17.95 -1.75
C SER A 118 24.01 -18.09 -1.05
N ASP A 119 23.33 -19.21 -1.28
CA ASP A 119 22.04 -19.43 -0.61
C ASP A 119 22.23 -19.58 0.90
N TYR A 120 23.24 -20.34 1.32
CA TYR A 120 23.46 -20.52 2.75
C TYR A 120 23.76 -19.18 3.43
N VAL A 121 24.58 -18.35 2.78
CA VAL A 121 24.90 -17.06 3.36
C VAL A 121 23.66 -16.18 3.45
N ALA A 122 22.84 -16.19 2.39
CA ALA A 122 21.65 -15.35 2.37
C ALA A 122 20.59 -15.83 3.36
N ALA A 123 20.48 -17.14 3.56
CA ALA A 123 19.42 -17.70 4.37
C ALA A 123 19.80 -17.87 5.83
N ASN A 124 21.08 -17.95 6.15
CA ASN A 124 21.52 -18.22 7.52
C ASN A 124 22.38 -17.13 8.13
N MET A 125 22.88 -16.19 7.32
CA MET A 125 23.87 -15.24 7.85
C MET A 125 23.53 -13.79 7.57
N LYS A 126 22.96 -13.48 6.42
CA LYS A 126 22.87 -12.09 5.98
C LYS A 126 22.00 -11.24 6.91
N ASP A 127 20.86 -11.78 7.34
CA ASP A 127 19.91 -10.98 8.12
C ASP A 127 20.50 -10.52 9.44
N ALA A 128 21.14 -11.44 10.17
CA ALA A 128 21.70 -11.08 11.47
C ALA A 128 22.80 -10.04 11.32
N ILE A 129 23.60 -10.12 10.25
CA ILE A 129 24.58 -9.07 9.97
C ILE A 129 23.86 -7.76 9.66
N SER A 130 22.76 -7.84 8.89
CA SER A 130 22.03 -6.64 8.52
C SER A 130 21.44 -5.93 9.72
N ARG A 131 21.04 -6.67 10.75
CA ARG A 131 20.42 -6.07 11.93
C ARG A 131 21.44 -5.55 12.93
N THR A 132 22.71 -5.90 12.78
CA THR A 132 23.73 -5.43 13.72
C THR A 132 23.89 -3.92 13.62
N SER A 133 23.96 -3.28 14.79
CA SER A 133 24.10 -1.82 14.83
C SER A 133 25.42 -1.41 14.18
N GLY A 134 25.38 -0.25 13.51
CA GLY A 134 26.52 0.24 12.76
C GLY A 134 26.62 -0.29 11.35
N VAL A 135 25.88 -1.33 11.02
CA VAL A 135 25.88 -1.91 9.68
C VAL A 135 24.85 -1.15 8.85
N GLY A 136 25.32 -0.32 7.93
CA GLY A 136 24.43 0.50 7.12
C GLY A 136 23.88 -0.22 5.91
N ASP A 137 24.70 -1.05 5.26
CA ASP A 137 24.30 -1.74 4.05
C ASP A 137 25.08 -3.04 3.94
N VAL A 138 24.40 -4.09 3.50
CA VAL A 138 25.01 -5.41 3.27
C VAL A 138 24.74 -5.79 1.83
N GLN A 139 25.81 -5.98 1.06
CA GLN A 139 25.70 -6.43 -0.31
C GLN A 139 26.04 -7.91 -0.38
N LEU A 140 25.09 -8.73 -0.81
CA LEU A 140 25.33 -10.14 -1.00
C LEU A 140 26.02 -10.39 -2.33
N PHE A 141 27.16 -11.09 -2.29
CA PHE A 141 27.89 -11.43 -3.51
C PHE A 141 27.36 -12.78 -4.00
N GLY A 142 26.19 -12.71 -4.61
CA GLY A 142 25.42 -13.89 -4.98
C GLY A 142 23.95 -13.59 -4.83
N SER A 143 23.15 -14.66 -4.75
CA SER A 143 21.71 -14.52 -4.64
C SER A 143 21.14 -15.67 -3.82
N GLN A 144 20.14 -15.35 -3.01
CA GLN A 144 19.40 -16.37 -2.28
C GLN A 144 18.69 -17.29 -3.25
N TYR A 145 18.51 -18.55 -2.85
CA TYR A 145 17.73 -19.47 -3.65
C TYR A 145 16.29 -18.99 -3.77
N ALA A 146 15.72 -19.18 -4.94
CA ALA A 146 14.28 -19.08 -5.18
C ALA A 146 13.82 -20.39 -5.78
N MET A 147 12.51 -20.64 -5.69
CA MET A 147 11.93 -21.73 -6.47
C MET A 147 11.82 -21.27 -7.91
N ARG A 148 12.61 -21.87 -8.79
CA ARG A 148 12.67 -21.47 -10.20
C ARG A 148 11.81 -22.42 -11.01
N ILE A 149 10.86 -21.85 -11.75
CA ILE A 149 10.03 -22.59 -12.70
C ILE A 149 10.53 -22.20 -14.09
N TRP A 150 11.28 -23.09 -14.74
CA TRP A 150 11.85 -22.84 -16.06
C TRP A 150 10.89 -23.36 -17.12
N MET A 151 10.12 -22.46 -17.73
CA MET A 151 9.04 -22.84 -18.63
C MET A 151 9.57 -23.29 -19.99
N ASN A 152 8.82 -24.18 -20.62
CA ASN A 152 9.09 -24.67 -21.97
C ASN A 152 7.95 -24.24 -22.88
N PRO A 153 8.20 -23.37 -23.87
CA PRO A 153 7.09 -22.88 -24.70
C PRO A 153 6.50 -23.94 -25.61
N ASN A 154 7.29 -24.93 -26.04
CA ASN A 154 6.76 -26.00 -26.86
C ASN A 154 5.70 -26.80 -26.11
N GLU A 155 5.99 -27.14 -24.84
CA GLU A 155 5.05 -27.94 -24.07
C GLU A 155 3.87 -27.12 -23.59
N LEU A 156 4.08 -25.83 -23.28
CA LEU A 156 2.96 -24.97 -22.94
C LEU A 156 1.95 -24.88 -24.08
N ASN A 157 2.45 -24.71 -25.31
CA ASN A 157 1.56 -24.67 -26.46
C ASN A 157 0.94 -26.02 -26.74
N LYS A 158 1.64 -27.11 -26.40
CA LYS A 158 1.10 -28.44 -26.64
C LYS A 158 -0.20 -28.67 -25.86
N PHE A 159 -0.32 -28.07 -24.68
CA PHE A 159 -1.49 -28.24 -23.82
C PHE A 159 -2.37 -26.99 -23.77
N GLN A 160 -2.19 -26.08 -24.73
CA GLN A 160 -2.96 -24.84 -24.80
C GLN A 160 -2.82 -24.01 -23.52
N LEU A 161 -1.60 -23.96 -22.99
CA LEU A 161 -1.33 -23.23 -21.76
C LEU A 161 -0.33 -22.12 -22.02
N THR A 162 -0.41 -21.06 -21.21
CA THR A 162 0.47 -19.92 -21.30
C THR A 162 1.14 -19.69 -19.94
N PRO A 163 2.15 -18.82 -19.85
CA PRO A 163 2.67 -18.46 -18.52
C PRO A 163 1.60 -17.85 -17.61
N VAL A 164 0.55 -17.25 -18.17
CA VAL A 164 -0.53 -16.73 -17.34
C VAL A 164 -1.19 -17.86 -16.56
N ASP A 165 -1.41 -19.00 -17.22
CA ASP A 165 -1.97 -20.16 -16.54
C ASP A 165 -1.01 -20.70 -15.49
N VAL A 166 0.28 -20.69 -15.79
CA VAL A 166 1.28 -21.16 -14.83
C VAL A 166 1.28 -20.28 -13.59
N ILE A 167 1.26 -18.96 -13.79
CA ILE A 167 1.25 -18.03 -12.68
C ILE A 167 -0.02 -18.20 -11.86
N THR A 168 -1.17 -18.39 -12.53
CA THR A 168 -2.43 -18.55 -11.82
C THR A 168 -2.42 -19.81 -10.96
N ALA A 169 -1.92 -20.91 -11.50
CA ALA A 169 -1.92 -22.18 -10.76
C ALA A 169 -0.99 -22.15 -9.57
N ILE A 170 0.14 -21.43 -9.67
CA ILE A 170 1.08 -21.36 -8.56
C ILE A 170 0.49 -20.54 -7.42
N LYS A 171 -0.19 -19.43 -7.73
CA LYS A 171 -0.84 -18.65 -6.70
C LYS A 171 -1.95 -19.44 -6.02
N ALA A 172 -2.62 -20.33 -6.75
CA ALA A 172 -3.74 -21.08 -6.19
C ALA A 172 -3.30 -22.31 -5.42
N GLN A 173 -2.22 -22.97 -5.84
CA GLN A 173 -1.81 -24.23 -5.24
C GLN A 173 -0.53 -24.14 -4.42
N ASN A 174 0.12 -22.98 -4.41
CA ASN A 174 1.14 -22.66 -3.40
C ASN A 174 0.61 -21.51 -2.56
N ALA A 175 -0.35 -21.83 -1.70
CA ALA A 175 -1.09 -20.83 -0.95
C ALA A 175 -1.05 -21.16 0.54
N GLN A 176 -1.21 -20.11 1.34
CA GLN A 176 -1.31 -20.22 2.79
C GLN A 176 -2.70 -19.73 3.18
N VAL A 177 -3.59 -20.65 3.50
CA VAL A 177 -5.01 -20.36 3.67
C VAL A 177 -5.33 -20.16 5.15
N ALA A 178 -6.01 -19.06 5.47
CA ALA A 178 -6.62 -18.86 6.77
C ALA A 178 -8.00 -19.51 6.74
N ALA A 179 -8.18 -20.59 7.49
CA ALA A 179 -9.39 -21.40 7.39
C ALA A 179 -10.24 -21.39 8.65
N GLY A 180 -9.84 -20.65 9.68
CA GLY A 180 -10.66 -20.55 10.88
C GLY A 180 -10.50 -21.74 11.81
N GLN A 181 -11.54 -21.95 12.63
CA GLN A 181 -11.48 -22.95 13.69
C GLN A 181 -12.79 -23.71 13.78
N LEU A 182 -12.70 -24.94 14.29
CA LEU A 182 -13.87 -25.66 14.77
C LEU A 182 -14.18 -25.20 16.19
N GLY A 183 -15.44 -24.86 16.43
CA GLY A 183 -15.83 -24.43 17.76
C GLY A 183 -15.23 -23.11 18.19
N GLY A 184 -14.92 -22.24 17.24
CA GLY A 184 -14.39 -20.93 17.59
C GLY A 184 -15.46 -20.03 18.18
N THR A 185 -15.00 -18.94 18.80
CA THR A 185 -15.90 -17.99 19.43
C THR A 185 -16.56 -17.10 18.38
N PRO A 186 -17.84 -16.72 18.57
CA PRO A 186 -18.70 -17.20 19.66
C PRO A 186 -19.23 -18.60 19.38
N PRO A 187 -19.15 -19.49 20.36
CA PRO A 187 -19.58 -20.87 20.11
C PRO A 187 -21.01 -21.12 20.56
N VAL A 188 -21.58 -22.25 20.15
CA VAL A 188 -22.76 -22.76 20.84
C VAL A 188 -22.35 -23.17 22.24
N LYS A 189 -23.04 -22.62 23.24
CA LYS A 189 -22.65 -22.86 24.63
C LYS A 189 -22.62 -24.36 24.93
N GLY A 190 -21.62 -24.77 25.70
CA GLY A 190 -21.37 -26.17 25.96
C GLY A 190 -20.45 -26.84 24.95
N GLN A 191 -19.90 -26.08 24.00
CA GLN A 191 -18.99 -26.66 23.03
C GLN A 191 -17.72 -27.14 23.70
N GLN A 192 -17.36 -28.39 23.46
CA GLN A 192 -16.14 -28.97 24.01
C GLN A 192 -14.97 -28.91 23.03
N LEU A 193 -15.22 -29.22 21.76
CA LEU A 193 -14.16 -29.30 20.77
C LEU A 193 -13.80 -27.91 20.27
N ASN A 194 -12.50 -27.61 20.28
CA ASN A 194 -11.97 -26.38 19.68
C ASN A 194 -10.63 -26.71 19.05
N ALA A 195 -10.55 -26.57 17.73
CA ALA A 195 -9.33 -26.87 16.99
C ALA A 195 -9.22 -25.96 15.79
N SER A 196 -7.98 -25.64 15.43
CA SER A 196 -7.73 -24.83 14.24
C SER A 196 -7.88 -25.68 12.99
N ILE A 197 -8.50 -25.10 11.96
CA ILE A 197 -8.62 -25.74 10.67
C ILE A 197 -7.39 -25.38 9.85
N ILE A 198 -6.68 -26.40 9.37
CA ILE A 198 -5.50 -26.24 8.54
C ILE A 198 -5.87 -26.66 7.12
N ALA A 199 -5.77 -25.72 6.19
CA ALA A 199 -6.06 -25.98 4.78
C ALA A 199 -4.73 -25.99 4.00
N GLN A 200 -4.64 -25.34 2.85
CA GLN A 200 -3.42 -25.33 2.08
C GLN A 200 -2.32 -24.57 2.82
N THR A 201 -1.09 -25.04 2.64
CA THR A 201 0.08 -24.41 3.21
C THR A 201 1.13 -24.28 2.11
N ARG A 202 2.08 -23.36 2.32
CA ARG A 202 3.11 -23.11 1.31
C ARG A 202 3.86 -24.38 0.97
N LEU A 203 4.08 -24.59 -0.32
CA LEU A 203 4.90 -25.70 -0.75
C LEU A 203 6.35 -25.50 -0.31
N THR A 204 7.07 -26.60 -0.13
CA THR A 204 8.41 -26.57 0.44
C THR A 204 9.48 -27.23 -0.42
N SER A 205 9.15 -27.77 -1.59
CA SER A 205 10.10 -28.56 -2.34
C SER A 205 9.77 -28.52 -3.82
N THR A 206 10.80 -28.82 -4.65
CA THR A 206 10.58 -28.95 -6.08
C THR A 206 9.58 -30.03 -6.40
N GLU A 207 9.57 -31.11 -5.61
CA GLU A 207 8.60 -32.18 -5.81
C GLU A 207 7.18 -31.67 -5.72
N GLU A 208 6.90 -30.80 -4.75
CA GLU A 208 5.55 -30.29 -4.57
C GLU A 208 5.17 -29.33 -5.70
N PHE A 209 6.08 -28.44 -6.09
CA PHE A 209 5.81 -27.56 -7.22
C PHE A 209 5.64 -28.35 -8.51
N GLY A 210 6.36 -29.47 -8.64
CA GLY A 210 6.28 -30.25 -9.85
C GLY A 210 4.93 -30.88 -10.10
N LYS A 211 4.18 -31.19 -9.03
CA LYS A 211 2.88 -31.83 -9.17
C LYS A 211 1.72 -30.84 -9.03
N ILE A 212 1.99 -29.55 -9.20
CA ILE A 212 0.89 -28.58 -9.32
C ILE A 212 0.07 -28.93 -10.55
N LEU A 213 -1.24 -29.04 -10.36
CA LEU A 213 -2.15 -29.44 -11.44
C LEU A 213 -2.52 -28.22 -12.26
N LEU A 214 -2.09 -28.19 -13.52
CA LEU A 214 -2.41 -27.08 -14.41
C LEU A 214 -3.78 -27.24 -15.06
N LYS A 215 -4.10 -28.44 -15.54
CA LYS A 215 -5.39 -28.70 -16.16
C LYS A 215 -5.63 -30.20 -16.23
N VAL A 216 -6.89 -30.57 -16.32
CA VAL A 216 -7.32 -31.93 -16.62
C VAL A 216 -7.87 -31.93 -18.03
N ASN A 217 -7.31 -32.77 -18.89
CA ASN A 217 -7.81 -32.86 -20.25
C ASN A 217 -9.18 -33.52 -20.26
N GLN A 218 -9.93 -33.29 -21.36
CA GLN A 218 -11.26 -33.87 -21.47
C GLN A 218 -11.21 -35.39 -21.54
N ASP A 219 -10.08 -35.97 -21.94
CA ASP A 219 -9.93 -37.41 -21.95
C ASP A 219 -9.53 -37.99 -20.60
N GLY A 220 -9.27 -37.14 -19.60
CA GLY A 220 -8.98 -37.57 -18.25
C GLY A 220 -7.55 -37.33 -17.81
N SER A 221 -6.60 -37.30 -18.75
CA SER A 221 -5.20 -37.13 -18.40
C SER A 221 -4.96 -35.78 -17.76
N ARG A 222 -3.95 -35.73 -16.89
CA ARG A 222 -3.61 -34.52 -16.15
C ARG A 222 -2.33 -33.90 -16.69
N VAL A 223 -2.28 -32.57 -16.66
CA VAL A 223 -1.09 -31.81 -17.04
C VAL A 223 -0.54 -31.18 -15.77
N LEU A 224 0.62 -31.65 -15.33
CA LEU A 224 1.28 -31.11 -14.15
C LEU A 224 2.30 -30.05 -14.56
N LEU A 225 2.71 -29.24 -13.58
CA LEU A 225 3.66 -28.16 -13.85
C LEU A 225 4.98 -28.71 -14.37
N ARG A 226 5.40 -29.88 -13.88
CA ARG A 226 6.64 -30.50 -14.36
C ARG A 226 6.52 -30.99 -15.80
N ASP A 227 5.31 -31.08 -16.35
CA ASP A 227 5.13 -31.47 -17.75
C ASP A 227 5.37 -30.32 -18.71
N VAL A 228 5.43 -29.07 -18.22
CA VAL A 228 5.72 -27.92 -19.07
C VAL A 228 6.90 -27.10 -18.57
N ALA A 229 7.56 -27.53 -17.49
CA ALA A 229 8.64 -26.73 -16.92
C ALA A 229 9.61 -27.62 -16.17
N LYS A 230 10.83 -27.13 -16.02
CA LYS A 230 11.83 -27.73 -15.14
C LYS A 230 11.82 -27.02 -13.80
N ILE A 231 11.88 -27.78 -12.72
CA ILE A 231 11.73 -27.28 -11.37
C ILE A 231 13.05 -27.50 -10.62
N GLU A 232 13.59 -26.42 -10.06
CA GLU A 232 14.84 -26.51 -9.32
C GLU A 232 14.99 -25.29 -8.44
N LEU A 233 15.84 -25.42 -7.41
CA LEU A 233 16.23 -24.28 -6.60
C LEU A 233 17.31 -23.49 -7.34
N GLY A 234 17.12 -22.18 -7.41
CA GLY A 234 18.08 -21.32 -8.09
C GLY A 234 17.96 -19.90 -7.58
N GLY A 235 18.97 -19.11 -7.88
CA GLY A 235 19.03 -17.76 -7.35
C GLY A 235 17.88 -16.90 -7.86
N GLU A 236 17.53 -15.89 -7.06
CA GLU A 236 16.58 -14.88 -7.54
C GLU A 236 17.07 -14.23 -8.82
N ASN A 237 18.38 -13.99 -8.90
CA ASN A 237 19.03 -13.54 -10.12
C ASN A 237 20.35 -14.28 -10.25
N TYR A 238 20.90 -14.27 -11.46
CA TYR A 238 22.14 -14.97 -11.78
C TYR A 238 23.22 -13.99 -12.23
N ASP A 239 23.26 -12.82 -11.59
CA ASP A 239 24.13 -11.73 -12.05
C ASP A 239 25.42 -11.61 -11.27
N ILE A 240 25.52 -12.17 -10.08
CA ILE A 240 26.69 -11.98 -9.22
C ILE A 240 27.29 -13.35 -8.91
N ILE A 241 28.56 -13.53 -9.26
CA ILE A 241 29.30 -14.75 -8.97
C ILE A 241 30.68 -14.35 -8.45
N ALA A 242 31.08 -14.93 -7.33
CA ALA A 242 32.31 -14.56 -6.65
C ALA A 242 33.27 -15.74 -6.58
N GLU A 243 34.56 -15.42 -6.44
CA GLU A 243 35.62 -16.40 -6.30
C GLU A 243 36.60 -15.92 -5.24
N PHE A 244 37.19 -16.88 -4.52
CA PHE A 244 38.21 -16.59 -3.52
C PHE A 244 39.44 -17.43 -3.84
N ASN A 245 40.50 -16.78 -4.31
CA ASN A 245 41.71 -17.48 -4.75
C ASN A 245 41.39 -18.52 -5.81
N GLY A 246 40.46 -18.18 -6.70
CA GLY A 246 40.10 -19.04 -7.81
C GLY A 246 39.11 -20.14 -7.50
N GLN A 247 38.67 -20.28 -6.25
CA GLN A 247 37.71 -21.32 -5.88
C GLN A 247 36.34 -20.72 -5.62
N PRO A 248 35.28 -21.52 -5.77
CA PRO A 248 33.92 -20.97 -5.59
C PRO A 248 33.73 -20.37 -4.21
N ALA A 249 32.99 -19.25 -4.17
CA ALA A 249 32.80 -18.52 -2.93
C ALA A 249 31.59 -17.62 -3.05
N SER A 250 31.08 -17.21 -1.89
CA SER A 250 30.11 -16.13 -1.79
C SER A 250 30.61 -15.16 -0.72
N GLY A 251 29.80 -14.19 -0.33
CA GLY A 251 30.23 -13.30 0.72
C GLY A 251 29.27 -12.15 0.92
N LEU A 252 29.63 -11.31 1.90
CA LEU A 252 28.86 -10.13 2.27
C LEU A 252 29.76 -8.91 2.19
N GLY A 253 29.35 -7.92 1.41
CA GLY A 253 30.01 -6.62 1.43
C GLY A 253 29.31 -5.69 2.40
N ILE A 254 30.02 -5.24 3.43
CA ILE A 254 29.43 -4.48 4.53
C ILE A 254 29.91 -3.04 4.45
N LYS A 255 28.97 -2.11 4.47
CA LYS A 255 29.27 -0.69 4.53
C LYS A 255 28.88 -0.15 5.90
N LEU A 256 29.67 0.81 6.39
CA LEU A 256 29.47 1.37 7.72
C LEU A 256 28.30 2.36 7.69
N ALA A 257 27.42 2.26 8.69
CA ALA A 257 26.37 3.25 8.84
C ALA A 257 26.98 4.62 9.10
N THR A 258 26.29 5.66 8.65
CA THR A 258 26.80 7.02 8.76
C THR A 258 27.03 7.38 10.22
N GLY A 259 28.26 7.76 10.55
CA GLY A 259 28.59 8.19 11.89
C GLY A 259 28.87 7.08 12.88
N ALA A 260 28.80 5.81 12.47
CA ALA A 260 29.05 4.72 13.38
C ALA A 260 30.55 4.49 13.55
N ASN A 261 30.91 3.79 14.63
CA ASN A 261 32.30 3.51 14.93
C ASN A 261 32.78 2.31 14.12
N ALA A 262 33.87 2.51 13.37
CA ALA A 262 34.36 1.46 12.46
C ALA A 262 34.86 0.25 13.24
N LEU A 263 35.54 0.47 14.36
CA LEU A 263 36.12 -0.65 15.10
C LEU A 263 35.08 -1.37 15.95
N ASP A 264 34.14 -0.62 16.54
CA ASP A 264 33.08 -1.26 17.31
C ASP A 264 32.18 -2.10 16.42
N THR A 265 31.82 -1.57 15.24
CA THR A 265 30.97 -2.31 14.31
C THR A 265 31.67 -3.56 13.79
N ALA A 266 32.95 -3.45 13.46
CA ALA A 266 33.71 -4.60 12.99
C ALA A 266 33.78 -5.70 14.06
N ALA A 267 33.86 -5.31 15.33
CA ALA A 267 33.90 -6.30 16.40
C ALA A 267 32.55 -6.99 16.56
N ALA A 268 31.45 -6.22 16.47
CA ALA A 268 30.12 -6.82 16.58
C ALA A 268 29.84 -7.76 15.42
N ILE A 269 30.40 -7.49 14.24
CA ILE A 269 30.20 -8.38 13.10
C ILE A 269 30.87 -9.73 13.34
N ARG A 270 32.12 -9.69 13.85
CA ARG A 270 32.82 -10.94 14.14
C ARG A 270 32.14 -11.72 15.26
N ALA A 271 31.57 -11.02 16.24
CA ALA A 271 30.84 -11.70 17.30
C ALA A 271 29.61 -12.42 16.74
N GLU A 272 28.88 -11.78 15.83
CA GLU A 272 27.72 -12.43 15.22
C GLU A 272 28.14 -13.61 14.36
N LEU A 273 29.27 -13.49 13.65
CA LEU A 273 29.78 -14.62 12.87
C LEU A 273 30.17 -15.78 13.78
N ALA A 274 30.64 -15.49 14.99
CA ALA A 274 31.02 -16.55 15.91
C ALA A 274 29.81 -17.36 16.36
N LYS A 275 28.62 -16.76 16.36
CA LYS A 275 27.42 -17.51 16.73
C LYS A 275 26.97 -18.45 15.63
N MET A 276 27.33 -18.17 14.38
CA MET A 276 26.89 -19.01 13.26
C MET A 276 27.83 -20.17 12.96
N GLU A 277 29.12 -19.98 13.18
CA GLU A 277 30.13 -20.97 12.79
C GLU A 277 29.85 -22.37 13.31
N PRO A 278 29.55 -22.59 14.59
CA PRO A 278 29.37 -23.98 15.07
C PRO A 278 28.27 -24.75 14.35
N PHE A 279 27.41 -24.09 13.58
CA PHE A 279 26.29 -24.74 12.91
C PHE A 279 26.44 -24.73 11.40
N PHE A 280 27.63 -24.39 10.90
CA PHE A 280 27.91 -24.47 9.47
C PHE A 280 27.86 -25.94 9.01
N PRO A 281 27.39 -26.19 7.79
CA PRO A 281 27.55 -27.53 7.23
C PRO A 281 29.03 -27.84 7.01
N SER A 282 29.31 -29.12 6.81
CA SER A 282 30.70 -29.57 6.70
C SER A 282 31.39 -28.92 5.52
N GLY A 283 32.59 -28.38 5.75
CA GLY A 283 33.41 -27.79 4.72
C GLY A 283 33.33 -26.27 4.66
N LEU A 284 32.21 -25.69 5.05
CA LEU A 284 32.04 -24.25 4.94
C LEU A 284 32.95 -23.54 5.93
N LYS A 285 33.59 -22.46 5.48
CA LYS A 285 34.54 -21.72 6.30
C LYS A 285 34.48 -20.25 5.92
N ILE A 286 34.61 -19.38 6.93
CA ILE A 286 34.65 -17.94 6.71
C ILE A 286 36.09 -17.51 6.46
N VAL A 287 36.29 -16.68 5.44
CA VAL A 287 37.57 -16.05 5.17
C VAL A 287 37.37 -14.54 5.19
N TYR A 288 38.46 -13.82 5.41
CA TYR A 288 38.45 -12.36 5.59
C TYR A 288 39.35 -11.72 4.55
N PRO A 289 38.86 -11.54 3.32
CA PRO A 289 39.72 -11.06 2.23
C PRO A 289 39.84 -9.56 2.10
N TYR A 290 39.16 -8.77 2.92
CA TYR A 290 39.20 -7.30 2.77
C TYR A 290 38.80 -6.67 4.10
N ASP A 291 39.78 -6.16 4.84
CA ASP A 291 39.57 -5.43 6.07
C ASP A 291 40.18 -4.04 5.95
N THR A 292 39.58 -3.07 6.63
CA THR A 292 40.06 -1.70 6.58
C THR A 292 40.31 -1.14 7.98
N GLN A 310 48.91 -0.30 4.49
CA GLN A 310 47.45 -0.49 4.49
C GLN A 310 47.10 -1.97 4.52
N GLY A 311 47.63 -2.72 3.55
CA GLY A 311 47.44 -4.15 3.50
C GLY A 311 46.36 -4.64 2.56
N VAL A 312 45.53 -3.73 2.02
CA VAL A 312 44.45 -4.09 1.10
C VAL A 312 44.36 -3.04 0.01
N PHE A 313 43.80 -3.46 -1.13
CA PHE A 313 43.45 -2.54 -2.19
C PHE A 313 42.41 -3.23 -3.07
N MET A 314 41.83 -2.45 -3.98
CA MET A 314 40.79 -2.94 -4.88
C MET A 314 41.23 -2.79 -6.32
N THR A 315 40.62 -3.59 -7.19
CA THR A 315 40.86 -3.51 -8.62
C THR A 315 39.53 -3.35 -9.33
N MET A 316 39.35 -2.22 -10.01
CA MET A 316 38.13 -1.94 -10.74
C MET A 316 38.18 -2.58 -12.12
N VAL A 317 37.08 -3.20 -12.52
CA VAL A 317 36.96 -3.87 -13.81
C VAL A 317 35.68 -3.38 -14.47
N GLN A 318 35.83 -2.63 -15.57
CA GLN A 318 34.70 -2.05 -16.29
C GLN A 318 34.87 -2.35 -17.76
N LEU A 319 33.98 -3.17 -18.31
CA LEU A 319 33.94 -3.49 -19.73
C LEU A 319 32.91 -2.61 -20.42
N PRO A 320 32.98 -2.49 -21.74
CA PRO A 320 31.96 -1.69 -22.45
C PRO A 320 30.57 -2.26 -22.26
N ALA A 321 29.58 -1.38 -22.25
CA ALA A 321 28.20 -1.80 -22.10
C ALA A 321 27.82 -2.77 -23.22
N GLY A 322 27.11 -3.83 -22.84
CA GLY A 322 26.80 -4.92 -23.74
C GLY A 322 27.71 -6.12 -23.62
N ALA A 323 28.81 -5.99 -22.88
CA ALA A 323 29.70 -7.13 -22.67
C ALA A 323 29.05 -8.15 -21.77
N THR A 324 29.09 -9.42 -22.17
CA THR A 324 28.42 -10.48 -21.45
C THR A 324 29.19 -10.87 -20.19
N GLN A 325 28.53 -11.67 -19.35
CA GLN A 325 29.16 -12.14 -18.11
C GLN A 325 30.38 -13.01 -18.41
N GLU A 326 30.33 -13.78 -19.49
CA GLU A 326 31.49 -14.60 -19.87
C GLU A 326 32.69 -13.73 -20.21
N ARG A 327 32.47 -12.64 -20.95
CA ARG A 327 33.57 -11.74 -21.29
C ARG A 327 34.15 -11.08 -20.05
N THR A 328 33.30 -10.73 -19.08
CA THR A 328 33.79 -10.10 -17.86
C THR A 328 34.58 -11.08 -17.01
N GLN A 329 34.17 -12.35 -16.99
CA GLN A 329 34.89 -13.35 -16.21
C GLN A 329 36.30 -13.56 -16.76
N LYS A 330 36.47 -13.48 -18.07
CA LYS A 330 37.79 -13.67 -18.67
C LYS A 330 38.74 -12.56 -18.24
N VAL A 331 38.23 -11.33 -18.11
CA VAL A 331 39.07 -10.23 -17.65
C VAL A 331 39.40 -10.40 -16.17
N LEU A 332 38.42 -10.81 -15.37
CA LEU A 332 38.68 -11.07 -13.95
C LEU A 332 39.68 -12.21 -13.77
N ASN A 333 39.61 -13.23 -14.64
CA ASN A 333 40.60 -14.30 -14.58
C ASN A 333 42.01 -13.78 -14.81
N GLU A 334 42.17 -12.90 -15.80
CA GLU A 334 43.48 -12.32 -16.06
C GLU A 334 43.94 -11.46 -14.89
N VAL A 335 43.02 -10.73 -14.27
CA VAL A 335 43.37 -9.94 -13.09
C VAL A 335 43.76 -10.84 -11.93
N THR A 336 42.96 -11.88 -11.67
CA THR A 336 43.27 -12.81 -10.59
C THR A 336 44.55 -13.56 -10.86
N HIS A 337 44.76 -13.98 -12.12
CA HIS A 337 45.98 -14.70 -12.49
C HIS A 337 47.22 -13.86 -12.20
N TYR A 338 47.15 -12.55 -12.46
CA TYR A 338 48.29 -11.68 -12.21
C TYR A 338 48.68 -11.69 -10.74
N TYR A 339 47.70 -11.52 -9.85
CA TYR A 339 48.00 -11.49 -8.42
C TYR A 339 48.48 -12.84 -7.90
N LEU A 340 47.95 -13.94 -8.45
CA LEU A 340 48.31 -15.27 -7.98
C LEU A 340 49.62 -15.78 -8.55
N THR A 341 50.16 -15.14 -9.60
CA THR A 341 51.44 -15.55 -10.17
C THR A 341 52.50 -14.47 -9.99
N LYS A 342 52.32 -13.30 -10.60
CA LYS A 342 53.35 -12.26 -10.56
C LYS A 342 53.56 -11.71 -9.15
N GLU A 343 52.49 -11.57 -8.38
CA GLU A 343 52.56 -10.94 -7.07
C GLU A 343 52.28 -11.92 -5.93
N LYS A 344 52.52 -13.22 -6.16
CA LYS A 344 52.22 -14.22 -5.14
C LYS A 344 53.06 -14.05 -3.89
N ASN A 345 54.23 -13.40 -3.99
CA ASN A 345 55.04 -13.12 -2.81
C ASN A 345 54.48 -11.97 -1.97
N ASN A 346 53.61 -11.15 -2.54
CA ASN A 346 53.01 -10.05 -1.81
C ASN A 346 51.53 -10.24 -1.51
N VAL A 347 50.79 -10.90 -2.41
CA VAL A 347 49.34 -10.99 -2.30
C VAL A 347 48.96 -12.26 -1.55
N GLU A 348 48.17 -12.11 -0.50
CA GLU A 348 47.70 -13.24 0.30
C GLU A 348 46.41 -13.85 -0.26
N SER A 349 45.47 -13.01 -0.69
CA SER A 349 44.20 -13.51 -1.19
C SER A 349 43.62 -12.52 -2.19
N VAL A 350 42.77 -13.04 -3.08
CA VAL A 350 42.04 -12.24 -4.05
C VAL A 350 40.58 -12.69 -4.00
N PHE A 351 39.68 -11.75 -3.69
CA PHE A 351 38.24 -12.00 -3.70
C PHE A 351 37.66 -11.24 -4.90
N ALA A 352 37.34 -11.97 -5.97
CA ALA A 352 36.88 -11.38 -7.21
C ALA A 352 35.38 -11.60 -7.37
N VAL A 353 34.68 -10.56 -7.79
CA VAL A 353 33.23 -10.58 -7.92
C VAL A 353 32.86 -10.18 -9.34
N ASN A 354 32.16 -11.07 -10.05
CA ASN A 354 31.67 -10.79 -11.39
C ASN A 354 30.22 -10.34 -11.32
N GLY A 355 29.91 -9.22 -11.99
CA GLY A 355 28.57 -8.69 -12.03
C GLY A 355 28.32 -7.52 -11.10
N PHE A 356 29.20 -7.27 -10.14
CA PHE A 356 29.06 -6.16 -9.21
C PHE A 356 30.34 -5.34 -9.24
N GLY A 357 30.20 -4.03 -9.38
CA GLY A 357 31.37 -3.17 -9.44
C GLY A 357 31.17 -1.83 -8.76
N PHE A 358 32.15 -0.92 -8.95
CA PHE A 358 32.02 0.42 -8.40
C PHE A 358 30.79 1.13 -8.95
N ALA A 359 30.54 0.99 -10.25
CA ALA A 359 29.40 1.63 -10.90
C ALA A 359 28.14 0.77 -10.80
N GLY A 360 27.79 0.37 -9.58
CA GLY A 360 26.62 -0.45 -9.33
C GLY A 360 26.74 -1.89 -9.78
N ARG A 361 25.71 -2.39 -10.46
CA ARG A 361 25.66 -3.79 -10.88
C ARG A 361 25.43 -3.87 -12.38
N GLY A 362 25.97 -4.92 -12.99
CA GLY A 362 25.77 -5.20 -14.40
C GLY A 362 26.64 -6.32 -14.93
N GLN A 363 26.23 -6.92 -16.06
CA GLN A 363 27.05 -7.92 -16.72
C GLN A 363 28.41 -7.38 -17.13
N ASN A 364 28.54 -6.06 -17.21
CA ASN A 364 29.68 -5.35 -17.78
C ASN A 364 30.75 -5.01 -16.75
N THR A 365 30.56 -5.35 -15.49
CA THR A 365 31.36 -4.79 -14.42
C THR A 365 31.84 -5.90 -13.48
N GLY A 366 32.89 -5.58 -12.73
CA GLY A 366 33.43 -6.50 -11.74
C GLY A 366 34.36 -5.74 -10.81
N ILE A 367 34.74 -6.43 -9.74
CA ILE A 367 35.63 -5.84 -8.74
C ILE A 367 36.42 -6.97 -8.09
N ALA A 368 37.65 -6.66 -7.69
CA ALA A 368 38.49 -7.61 -6.98
C ALA A 368 39.00 -6.95 -5.70
N PHE A 369 38.82 -7.63 -4.57
CA PHE A 369 39.38 -7.21 -3.30
C PHE A 369 40.66 -8.00 -3.05
N VAL A 370 41.78 -7.31 -2.88
CA VAL A 370 43.08 -7.93 -2.74
C VAL A 370 43.60 -7.67 -1.33
N SER A 371 44.00 -8.74 -0.64
CA SER A 371 44.62 -8.64 0.67
C SER A 371 46.08 -9.07 0.57
N LEU A 372 46.97 -8.20 1.04
CA LEU A 372 48.40 -8.48 1.01
C LEU A 372 48.83 -9.26 2.25
N LYS A 373 50.06 -9.76 2.20
CA LYS A 373 50.65 -10.42 3.36
C LYS A 373 51.04 -9.37 4.40
N ASP A 374 51.54 -9.84 5.55
CA ASP A 374 51.89 -8.95 6.64
C ASP A 374 52.97 -7.96 6.19
N TRP A 375 52.90 -6.74 6.75
CA TRP A 375 53.81 -5.67 6.35
C TRP A 375 55.27 -6.06 6.54
N ALA A 376 55.56 -6.82 7.60
CA ALA A 376 56.95 -7.20 7.87
C ALA A 376 57.46 -8.20 6.83
N ASP A 377 56.57 -8.99 6.24
CA ASP A 377 56.96 -9.97 5.23
C ASP A 377 57.00 -9.40 3.82
N ARG A 378 56.91 -8.07 3.70
CA ARG A 378 57.01 -7.38 2.41
C ARG A 378 58.05 -6.28 2.51
N PRO A 379 59.33 -6.63 2.64
CA PRO A 379 60.36 -5.60 2.78
C PRO A 379 60.69 -4.95 1.45
N GLY A 380 60.98 -3.66 1.50
CA GLY A 380 61.32 -2.91 0.31
C GLY A 380 60.19 -1.95 -0.08
N GLU A 381 60.59 -0.86 -0.72
CA GLU A 381 59.60 0.13 -1.15
C GLU A 381 58.74 -0.39 -2.30
N GLU A 382 59.33 -1.21 -3.18
CA GLU A 382 58.59 -1.77 -4.31
C GLU A 382 57.58 -2.84 -3.89
N ASN A 383 57.53 -3.19 -2.61
CA ASN A 383 56.58 -4.18 -2.10
C ASN A 383 55.51 -3.56 -1.22
N LYS A 384 55.31 -2.24 -1.32
CA LYS A 384 54.25 -1.56 -0.60
C LYS A 384 53.05 -1.36 -1.51
N VAL A 385 51.93 -0.95 -0.90
CA VAL A 385 50.65 -0.89 -1.61
C VAL A 385 50.76 0.04 -2.82
N GLU A 386 51.43 1.19 -2.67
CA GLU A 386 51.50 2.15 -3.77
C GLU A 386 52.23 1.55 -4.97
N ALA A 387 53.36 0.87 -4.73
CA ALA A 387 54.10 0.29 -5.84
C ALA A 387 53.35 -0.89 -6.46
N ILE A 388 52.70 -1.71 -5.63
CA ILE A 388 51.99 -2.88 -6.14
C ILE A 388 50.83 -2.45 -7.03
N THR A 389 49.99 -1.51 -6.55
CA THR A 389 48.87 -1.05 -7.35
C THR A 389 49.34 -0.34 -8.62
N MET A 390 50.47 0.38 -8.53
CA MET A 390 51.01 1.04 -9.72
C MET A 390 51.44 0.01 -10.76
N ARG A 391 52.19 -1.01 -10.33
CA ARG A 391 52.60 -2.06 -11.26
C ARG A 391 51.40 -2.79 -11.84
N ALA A 392 50.42 -3.11 -10.99
CA ALA A 392 49.24 -3.84 -11.45
C ALA A 392 48.47 -3.04 -12.50
N THR A 393 48.30 -1.73 -12.25
CA THR A 393 47.57 -0.89 -13.20
C THR A 393 48.28 -0.84 -14.54
N ARG A 394 49.61 -0.68 -14.53
CA ARG A 394 50.37 -0.66 -15.78
C ARG A 394 50.33 -2.01 -16.47
N ALA A 395 50.37 -3.09 -15.69
CA ALA A 395 50.27 -4.42 -16.29
C ALA A 395 48.87 -4.67 -16.83
N PHE A 396 47.84 -4.11 -16.20
CA PHE A 396 46.47 -4.24 -16.69
C PHE A 396 46.13 -3.22 -17.76
N SER A 397 46.99 -2.22 -17.99
CA SER A 397 46.71 -1.20 -18.98
C SER A 397 46.69 -1.76 -20.40
N GLN A 398 47.30 -2.92 -20.62
CA GLN A 398 47.33 -3.52 -21.95
C GLN A 398 46.04 -4.27 -22.29
N ILE A 399 45.19 -4.53 -21.30
CA ILE A 399 43.92 -5.21 -21.56
C ILE A 399 43.05 -4.29 -22.39
N LYS A 400 42.67 -4.75 -23.58
CA LYS A 400 41.97 -3.91 -24.53
C LYS A 400 40.46 -4.10 -24.43
N ASP A 401 39.72 -3.03 -24.70
CA ASP A 401 38.26 -2.99 -24.57
C ASP A 401 37.84 -3.44 -23.17
N ALA A 402 38.52 -2.86 -22.16
CA ALA A 402 38.24 -3.13 -20.75
C ALA A 402 39.05 -2.17 -19.89
N MET A 403 38.38 -1.41 -19.03
CA MET A 403 39.05 -0.51 -18.11
C MET A 403 39.37 -1.26 -16.82
N VAL A 404 40.67 -1.41 -16.53
CA VAL A 404 41.13 -2.12 -15.35
C VAL A 404 42.16 -1.25 -14.64
N PHE A 405 41.89 -0.91 -13.38
CA PHE A 405 42.82 -0.14 -12.56
C PHE A 405 42.83 -0.70 -11.15
N ALA A 406 44.02 -0.76 -10.55
CA ALA A 406 44.18 -1.10 -9.15
C ALA A 406 44.58 0.14 -8.37
N PHE A 407 44.09 0.22 -7.13
CA PHE A 407 44.34 1.40 -6.32
C PHE A 407 43.92 1.14 -4.89
N ASN A 408 44.63 1.78 -3.96
CA ASN A 408 44.21 1.86 -2.57
C ASN A 408 43.25 3.03 -2.44
N LEU A 409 42.03 2.75 -1.96
CA LEU A 409 40.99 3.78 -1.92
C LEU A 409 41.40 5.04 -1.14
N PRO A 410 42.06 4.95 0.01
CA PRO A 410 42.57 6.19 0.64
C PRO A 410 43.48 7.01 -0.27
N ALA A 411 44.23 6.36 -1.17
CA ALA A 411 45.23 7.08 -1.95
C ALA A 411 44.62 7.87 -3.09
N ILE A 412 43.62 7.31 -3.79
CA ILE A 412 43.05 8.00 -4.93
C ILE A 412 42.07 9.08 -4.50
N VAL A 413 41.43 8.92 -3.34
CA VAL A 413 40.62 10.00 -2.77
C VAL A 413 41.50 11.20 -2.48
N GLU A 414 42.64 10.96 -1.84
CA GLU A 414 43.59 12.03 -1.53
C GLU A 414 44.03 12.76 -2.79
N LEU A 415 44.31 12.03 -3.87
CA LEU A 415 44.73 12.65 -5.12
C LEU A 415 43.57 13.29 -5.86
N GLY A 416 42.37 12.71 -5.76
CA GLY A 416 41.23 13.26 -6.48
C GLY A 416 40.83 14.63 -5.96
N THR A 417 40.78 14.78 -4.64
CA THR A 417 40.42 16.07 -4.06
C THR A 417 41.42 17.15 -4.45
N ALA A 418 42.70 16.78 -4.56
CA ALA A 418 43.72 17.77 -4.87
C ALA A 418 43.68 18.21 -6.33
N THR A 419 43.16 17.38 -7.24
CA THR A 419 43.30 17.67 -8.65
C THR A 419 42.01 17.48 -9.46
N GLY A 420 41.18 16.49 -9.07
CA GLY A 420 40.07 16.10 -9.92
C GLY A 420 38.83 16.95 -9.74
N PHE A 421 37.99 16.97 -10.78
CA PHE A 421 36.72 17.68 -10.75
C PHE A 421 35.59 16.74 -11.18
N ASP A 422 34.38 17.06 -10.72
CA ASP A 422 33.18 16.26 -10.96
C ASP A 422 32.12 17.14 -11.62
N PHE A 423 31.82 16.84 -12.89
CA PHE A 423 31.02 17.70 -13.75
C PHE A 423 29.69 17.03 -14.10
N GLU A 424 28.61 17.79 -14.06
CA GLU A 424 27.27 17.29 -14.39
C GLU A 424 26.72 18.08 -15.57
N LEU A 425 26.48 17.39 -16.68
CA LEU A 425 25.83 17.98 -17.85
C LEU A 425 24.34 17.69 -17.77
N ILE A 426 23.51 18.74 -17.76
CA ILE A 426 22.10 18.64 -17.42
C ILE A 426 21.25 19.03 -18.63
N ASP A 427 20.23 18.22 -18.92
CA ASP A 427 19.20 18.58 -19.90
C ASP A 427 18.17 19.44 -19.21
N GLN A 428 18.16 20.75 -19.53
CA GLN A 428 17.29 21.71 -18.89
C GLN A 428 16.18 22.21 -19.81
N ALA A 429 15.88 21.47 -20.89
CA ALA A 429 14.83 21.92 -21.80
C ALA A 429 14.05 20.77 -22.42
N GLY A 430 14.03 19.60 -21.80
CA GLY A 430 13.34 18.46 -22.39
C GLY A 430 13.94 18.02 -23.71
N LEU A 431 15.25 18.21 -23.90
CA LEU A 431 15.87 17.85 -25.17
C LEU A 431 15.89 16.34 -25.40
N GLY A 432 15.98 15.56 -24.33
CA GLY A 432 15.97 14.11 -24.44
C GLY A 432 17.37 13.52 -24.35
N HIS A 433 17.39 12.19 -24.27
CA HIS A 433 18.65 11.48 -24.05
C HIS A 433 19.57 11.59 -25.26
N GLU A 434 19.03 11.47 -26.47
CA GLU A 434 19.85 11.45 -27.66
C GLU A 434 20.55 12.79 -27.89
N LYS A 435 19.82 13.89 -27.70
CA LYS A 435 20.44 15.20 -27.89
C LYS A 435 21.41 15.53 -26.77
N LEU A 436 21.16 15.03 -25.55
CA LEU A 436 22.12 15.20 -24.47
C LEU A 436 23.41 14.44 -24.75
N THR A 437 23.31 13.28 -25.39
CA THR A 437 24.51 12.55 -25.79
C THR A 437 25.35 13.36 -26.76
N GLN A 438 24.70 14.00 -27.74
CA GLN A 438 25.42 14.83 -28.71
C GLN A 438 26.11 15.99 -28.01
N ALA A 439 25.40 16.70 -27.13
CA ALA A 439 26.00 17.81 -26.40
C ALA A 439 27.15 17.35 -25.52
N ARG A 440 27.08 16.11 -25.03
CA ARG A 440 28.21 15.56 -24.27
C ARG A 440 29.41 15.31 -25.18
N ASN A 441 29.18 14.75 -26.36
CA ASN A 441 30.26 14.48 -27.30
C ASN A 441 30.88 15.77 -27.81
N GLN A 442 30.08 16.82 -28.00
CA GLN A 442 30.63 18.12 -28.38
C GLN A 442 31.52 18.68 -27.28
N LEU A 443 31.12 18.50 -26.02
CA LEU A 443 31.91 19.00 -24.91
C LEU A 443 33.17 18.17 -24.71
N LEU A 444 33.08 16.84 -24.87
CA LEU A 444 34.25 16.00 -24.71
C LEU A 444 35.25 16.23 -25.83
N ALA A 445 34.78 16.54 -27.04
CA ALA A 445 35.70 16.79 -28.15
C ALA A 445 36.44 18.12 -27.96
N GLU A 446 35.72 19.15 -27.50
CA GLU A 446 36.37 20.43 -27.24
C GLU A 446 37.38 20.32 -26.11
N ALA A 447 37.06 19.53 -25.09
CA ALA A 447 38.01 19.31 -24.01
C ALA A 447 39.23 18.52 -24.46
N ALA A 448 39.11 17.75 -25.54
CA ALA A 448 40.24 17.02 -26.11
C ALA A 448 41.19 17.91 -26.89
N LYS A 449 40.87 19.20 -27.04
CA LYS A 449 41.73 20.15 -27.72
C LYS A 449 42.44 21.08 -26.75
N HIS A 450 42.41 20.78 -25.45
CA HIS A 450 43.08 21.58 -24.44
C HIS A 450 43.85 20.69 -23.48
N PRO A 451 44.89 20.00 -23.95
CA PRO A 451 45.70 19.18 -23.04
C PRO A 451 46.51 20.02 -22.06
N ASP A 452 46.67 21.32 -22.31
CA ASP A 452 47.41 22.19 -21.40
C ASP A 452 46.66 22.43 -20.08
N MET A 453 45.36 22.16 -20.05
CA MET A 453 44.56 22.41 -18.85
C MET A 453 43.76 21.20 -18.39
N LEU A 454 43.20 20.42 -19.32
CA LEU A 454 42.36 19.28 -18.99
C LEU A 454 43.07 18.00 -19.40
N THR A 455 43.09 17.03 -18.48
CA THR A 455 43.72 15.73 -18.72
C THR A 455 42.69 14.64 -18.48
N SER A 456 42.40 13.86 -19.52
CA SER A 456 41.47 12.74 -19.48
C SER A 456 40.08 13.18 -19.01
N VAL A 457 39.35 13.85 -19.89
CA VAL A 457 37.97 14.25 -19.64
C VAL A 457 37.07 13.19 -20.26
N ARG A 458 36.35 12.46 -19.43
CA ARG A 458 35.62 11.27 -19.87
C ARG A 458 34.25 11.21 -19.22
N PRO A 459 33.29 10.54 -19.86
CA PRO A 459 32.01 10.29 -19.18
C PRO A 459 32.14 9.19 -18.15
N ASN A 460 31.40 9.34 -17.06
CA ASN A 460 31.40 8.35 -15.99
C ASN A 460 30.43 7.21 -16.24
N GLY A 461 29.46 7.39 -17.14
CA GLY A 461 28.40 6.43 -17.37
C GLY A 461 28.69 5.48 -18.51
N LEU A 462 27.62 4.96 -19.10
CA LEU A 462 27.70 3.94 -20.13
C LEU A 462 27.16 4.49 -21.46
N GLU A 463 27.58 3.85 -22.54
CA GLU A 463 27.13 4.22 -23.88
C GLU A 463 25.89 3.43 -24.27
N ASP A 464 25.16 3.95 -25.25
CA ASP A 464 24.00 3.25 -25.77
C ASP A 464 24.39 1.91 -26.36
N THR A 465 23.45 0.98 -26.33
CA THR A 465 23.64 -0.38 -26.84
C THR A 465 22.43 -0.77 -27.68
N PRO A 466 22.59 -1.75 -28.56
CA PRO A 466 21.43 -2.22 -29.34
C PRO A 466 20.37 -2.85 -28.44
N GLN A 467 19.12 -2.52 -28.71
CA GLN A 467 18.00 -3.10 -27.98
C GLN A 467 16.92 -3.53 -28.96
N PHE A 468 16.09 -4.47 -28.51
CA PHE A 468 15.08 -5.15 -29.32
C PHE A 468 13.74 -4.45 -29.10
N LYS A 469 13.31 -3.66 -30.07
CA LYS A 469 12.05 -2.92 -29.97
C LYS A 469 10.95 -3.74 -30.64
N ILE A 470 9.99 -4.20 -29.84
CA ILE A 470 8.86 -4.99 -30.33
C ILE A 470 7.59 -4.17 -30.16
N ASP A 471 6.80 -4.10 -31.23
CA ASP A 471 5.55 -3.34 -31.25
C ASP A 471 4.38 -4.31 -31.25
N ILE A 472 3.51 -4.18 -30.26
CA ILE A 472 2.27 -4.94 -30.23
C ILE A 472 1.24 -4.24 -31.11
N ASP A 473 0.69 -4.96 -32.08
CA ASP A 473 -0.35 -4.39 -32.93
C ASP A 473 -1.70 -4.51 -32.22
N GLN A 474 -2.26 -3.37 -31.83
CA GLN A 474 -3.48 -3.38 -31.03
C GLN A 474 -4.66 -3.91 -31.83
N GLU A 475 -4.73 -3.61 -33.13
CA GLU A 475 -5.87 -4.04 -33.91
C GLU A 475 -5.86 -5.54 -34.14
N LYS A 476 -4.70 -6.11 -34.46
CA LYS A 476 -4.62 -7.55 -34.66
C LYS A 476 -4.91 -8.30 -33.35
N ALA A 477 -4.44 -7.75 -32.23
CA ALA A 477 -4.73 -8.36 -30.93
C ALA A 477 -6.22 -8.37 -30.65
N GLN A 478 -6.91 -7.26 -30.92
CA GLN A 478 -8.35 -7.21 -30.68
C GLN A 478 -9.11 -8.06 -31.68
N ALA A 479 -8.63 -8.12 -32.92
CA ALA A 479 -9.30 -8.95 -33.92
C ALA A 479 -9.23 -10.42 -33.57
N LEU A 480 -8.09 -10.86 -33.03
CA LEU A 480 -7.93 -12.25 -32.62
C LEU A 480 -8.49 -12.53 -31.23
N GLY A 481 -8.88 -11.50 -30.48
CA GLY A 481 -9.39 -11.71 -29.15
C GLY A 481 -8.32 -12.04 -28.14
N VAL A 482 -7.11 -11.52 -28.32
CA VAL A 482 -6.00 -11.75 -27.40
C VAL A 482 -5.84 -10.49 -26.54
N SER A 483 -5.92 -10.66 -25.23
CA SER A 483 -5.85 -9.51 -24.32
C SER A 483 -4.41 -9.02 -24.20
N ILE A 484 -4.28 -7.71 -24.01
CA ILE A 484 -2.96 -7.10 -23.88
C ILE A 484 -2.27 -7.58 -22.61
N ASN A 485 -3.03 -7.80 -21.53
CA ASN A 485 -2.44 -8.31 -20.30
C ASN A 485 -1.83 -9.68 -20.51
N ASP A 486 -2.49 -10.55 -21.26
CA ASP A 486 -1.93 -11.87 -21.55
C ASP A 486 -0.69 -11.76 -22.42
N ILE A 487 -0.67 -10.81 -23.35
CA ILE A 487 0.50 -10.60 -24.20
C ILE A 487 1.69 -10.13 -23.37
N ASN A 488 1.46 -9.10 -22.55
CA ASN A 488 2.57 -8.52 -21.80
C ASN A 488 3.06 -9.45 -20.70
N THR A 489 2.15 -10.20 -20.07
CA THR A 489 2.56 -11.15 -19.05
C THR A 489 3.37 -12.30 -19.65
N THR A 490 2.91 -12.84 -20.78
CA THR A 490 3.66 -13.91 -21.44
C THR A 490 5.04 -13.43 -21.85
N LEU A 491 5.12 -12.25 -22.46
CA LEU A 491 6.41 -11.71 -22.89
C LEU A 491 7.32 -11.41 -21.70
N GLY A 492 6.78 -10.71 -20.70
CA GLY A 492 7.61 -10.29 -19.58
C GLY A 492 8.05 -11.43 -18.69
N ALA A 493 7.13 -12.35 -18.38
CA ALA A 493 7.47 -13.47 -17.50
C ALA A 493 8.45 -14.42 -18.16
N ALA A 494 8.29 -14.66 -19.46
CA ALA A 494 9.17 -15.61 -20.15
C ALA A 494 10.57 -15.03 -20.32
N TRP A 495 10.68 -13.81 -20.84
CA TRP A 495 11.98 -13.24 -21.17
C TRP A 495 12.61 -12.43 -20.04
N GLY A 496 11.83 -12.02 -19.05
CA GLY A 496 12.37 -11.24 -17.95
C GLY A 496 12.27 -11.90 -16.60
N GLY A 497 11.34 -12.85 -16.45
CA GLY A 497 11.11 -13.48 -15.17
C GLY A 497 10.07 -12.76 -14.35
N SER A 498 9.25 -13.50 -13.61
CA SER A 498 8.18 -12.91 -12.81
C SER A 498 8.23 -13.46 -11.39
N TYR A 499 8.14 -12.55 -10.42
CA TYR A 499 8.01 -12.92 -9.01
C TYR A 499 6.55 -13.23 -8.72
N VAL A 500 6.24 -14.50 -8.50
CA VAL A 500 4.86 -14.95 -8.36
C VAL A 500 4.38 -14.78 -6.93
N ASN A 501 4.94 -15.57 -6.02
CA ASN A 501 4.63 -15.46 -4.60
C ASN A 501 5.79 -16.08 -3.82
N ASP A 502 5.55 -16.42 -2.56
CA ASP A 502 6.57 -16.95 -1.69
C ASP A 502 6.31 -18.42 -1.37
N PHE A 503 7.38 -19.12 -0.99
CA PHE A 503 7.30 -20.48 -0.50
C PHE A 503 8.23 -20.60 0.71
N ILE A 504 8.26 -21.78 1.32
CA ILE A 504 9.08 -22.02 2.51
C ILE A 504 10.16 -23.01 2.14
N ASP A 505 11.42 -22.56 2.18
CA ASP A 505 12.56 -23.40 1.88
C ASP A 505 13.32 -23.65 3.18
N ARG A 506 13.19 -24.86 3.72
CA ARG A 506 13.85 -25.26 4.96
C ARG A 506 13.53 -24.28 6.09
N GLY A 507 12.24 -23.95 6.21
CA GLY A 507 11.77 -23.10 7.29
C GLY A 507 11.92 -21.61 7.08
N ARG A 508 12.37 -21.17 5.90
CA ARG A 508 12.58 -19.75 5.63
C ARG A 508 11.76 -19.33 4.41
N VAL A 509 11.12 -18.17 4.53
CA VAL A 509 10.35 -17.62 3.41
C VAL A 509 11.29 -17.21 2.29
N LYS A 510 11.01 -17.67 1.08
CA LYS A 510 11.80 -17.33 -0.10
C LYS A 510 10.85 -17.13 -1.27
N LYS A 511 11.38 -16.60 -2.37
CA LYS A 511 10.57 -16.21 -3.50
C LYS A 511 10.38 -17.36 -4.49
N VAL A 512 9.33 -17.25 -5.29
CA VAL A 512 9.02 -18.18 -6.37
C VAL A 512 9.05 -17.38 -7.67
N TYR A 513 9.85 -17.84 -8.63
CA TYR A 513 10.04 -17.12 -9.88
C TYR A 513 9.64 -18.00 -11.06
N VAL A 514 8.91 -17.41 -12.00
CA VAL A 514 8.53 -18.04 -13.25
C VAL A 514 9.31 -17.36 -14.38
N MET A 515 9.95 -18.17 -15.22
CA MET A 515 10.75 -17.64 -16.31
C MET A 515 11.01 -18.76 -17.33
N SER A 516 11.22 -18.36 -18.57
CA SER A 516 11.55 -19.32 -19.62
C SER A 516 12.88 -19.99 -19.34
N GLU A 517 12.95 -21.29 -19.62
CA GLU A 517 14.24 -21.96 -19.65
C GLU A 517 15.17 -21.23 -20.62
N ALA A 518 16.47 -21.31 -20.34
CA ALA A 518 17.45 -20.44 -21.01
C ALA A 518 17.38 -20.57 -22.53
N LYS A 519 17.29 -21.80 -23.04
CA LYS A 519 17.44 -22.02 -24.47
C LYS A 519 16.31 -21.46 -25.31
N TYR A 520 15.16 -21.12 -24.71
CA TYR A 520 14.03 -20.60 -25.45
C TYR A 520 13.92 -19.07 -25.38
N ARG A 521 14.92 -18.39 -24.82
CA ARG A 521 14.90 -16.94 -24.71
C ARG A 521 16.26 -16.35 -25.07
N MET A 522 16.93 -16.95 -26.05
CA MET A 522 18.26 -16.52 -26.45
C MET A 522 18.30 -15.75 -27.77
N LEU A 523 17.52 -16.18 -28.76
CA LEU A 523 17.58 -15.62 -30.10
C LEU A 523 16.29 -14.89 -30.45
N PRO A 524 16.36 -13.89 -31.34
CA PRO A 524 15.13 -13.17 -31.74
C PRO A 524 14.06 -14.06 -32.36
N ASP A 525 14.45 -15.15 -33.03
CA ASP A 525 13.47 -16.06 -33.58
C ASP A 525 12.65 -16.76 -32.51
N ASP A 526 13.15 -16.83 -31.28
CA ASP A 526 12.43 -17.50 -30.20
C ASP A 526 11.18 -16.74 -29.78
N ILE A 527 11.05 -15.46 -30.18
CA ILE A 527 9.83 -14.72 -29.89
C ILE A 527 8.62 -15.42 -30.51
N GLY A 528 8.77 -15.91 -31.74
CA GLY A 528 7.68 -16.57 -32.43
C GLY A 528 7.29 -17.91 -31.86
N ASP A 529 8.11 -18.50 -31.00
CA ASP A 529 7.80 -19.79 -30.40
C ASP A 529 6.89 -19.68 -29.18
N TRP A 530 6.54 -18.46 -28.76
CA TRP A 530 5.69 -18.26 -27.59
C TRP A 530 4.26 -17.96 -28.04
N TYR A 531 3.30 -18.65 -27.43
CA TYR A 531 1.91 -18.57 -27.82
C TYR A 531 1.07 -17.98 -26.69
N VAL A 532 0.04 -17.25 -27.07
CA VAL A 532 -0.95 -16.71 -26.15
C VAL A 532 -2.31 -17.24 -26.54
N ARG A 533 -3.11 -17.64 -25.55
CA ARG A 533 -4.44 -18.18 -25.80
C ARG A 533 -5.44 -17.05 -25.94
N ALA A 534 -6.17 -17.06 -27.05
CA ALA A 534 -7.18 -16.05 -27.32
C ALA A 534 -8.48 -16.38 -26.59
N ALA A 535 -9.48 -15.50 -26.74
CA ALA A 535 -10.75 -15.68 -26.05
C ALA A 535 -11.46 -16.93 -26.52
N ASP A 536 -11.40 -17.23 -27.82
CA ASP A 536 -12.06 -18.40 -28.37
C ASP A 536 -11.28 -19.69 -28.15
N GLY A 537 -10.21 -19.66 -27.36
CA GLY A 537 -9.44 -20.84 -27.06
C GLY A 537 -8.34 -21.17 -28.03
N GLN A 538 -8.20 -20.41 -29.12
CA GLN A 538 -7.17 -20.68 -30.10
C GLN A 538 -5.83 -20.13 -29.62
N MET A 539 -4.77 -20.89 -29.84
CA MET A 539 -3.42 -20.44 -29.51
C MET A 539 -2.87 -19.59 -30.64
N VAL A 540 -2.30 -18.44 -30.28
CA VAL A 540 -1.84 -17.45 -31.24
C VAL A 540 -0.36 -17.18 -30.99
N PRO A 541 0.52 -17.39 -31.97
CA PRO A 541 1.94 -17.08 -31.75
C PRO A 541 2.18 -15.59 -31.67
N PHE A 542 3.30 -15.23 -31.04
CA PHE A 542 3.64 -13.81 -30.87
C PHE A 542 3.85 -13.11 -32.21
N SER A 543 4.30 -13.85 -33.23
CA SER A 543 4.56 -13.25 -34.53
C SER A 543 3.28 -12.78 -35.22
N ALA A 544 2.11 -13.23 -34.75
CA ALA A 544 0.86 -12.87 -35.42
C ALA A 544 0.37 -11.47 -35.05
N PHE A 545 0.79 -10.92 -33.90
CA PHE A 545 0.33 -9.60 -33.46
C PHE A 545 1.48 -8.69 -33.08
N SER A 546 2.71 -9.00 -33.51
CA SER A 546 3.86 -8.19 -33.14
C SER A 546 4.80 -8.02 -34.32
N SER A 547 5.57 -6.95 -34.25
CA SER A 547 6.64 -6.66 -35.20
C SER A 547 7.80 -6.06 -34.42
N SER A 548 9.01 -6.26 -34.92
CA SER A 548 10.20 -5.89 -34.17
C SER A 548 11.25 -5.28 -35.09
N ARG A 549 12.18 -4.56 -34.47
CA ARG A 549 13.28 -3.92 -35.17
C ARG A 549 14.36 -3.61 -34.15
N TRP A 550 15.59 -3.42 -34.65
CA TRP A 550 16.71 -3.05 -33.80
C TRP A 550 16.79 -1.53 -33.69
N GLU A 551 17.12 -1.06 -32.48
CA GLU A 551 17.37 0.35 -32.25
C GLU A 551 18.45 0.46 -31.18
N TYR A 552 18.75 1.69 -30.78
CA TYR A 552 19.72 1.92 -29.71
C TYR A 552 19.02 2.57 -28.53
N GLY A 553 19.57 2.35 -27.34
CA GLY A 553 19.00 2.88 -26.12
C GLY A 553 20.01 2.80 -25.00
N SER A 554 19.68 3.47 -23.90
CA SER A 554 20.67 3.54 -22.83
C SER A 554 20.50 2.39 -21.85
N PRO A 555 21.61 1.81 -21.38
CA PRO A 555 21.55 0.85 -20.28
C PRO A 555 21.65 1.49 -18.90
N ARG A 556 21.99 2.77 -18.82
CA ARG A 556 22.03 3.50 -17.56
C ARG A 556 21.67 4.95 -17.84
N LEU A 557 20.51 5.38 -17.38
CA LEU A 557 20.09 6.77 -17.48
C LEU A 557 20.40 7.46 -16.16
N GLU A 558 21.12 8.57 -16.24
CA GLU A 558 21.49 9.35 -15.07
C GLU A 558 20.60 10.58 -14.96
N ARG A 559 20.40 11.03 -13.74
CA ARG A 559 19.63 12.24 -13.46
C ARG A 559 20.30 13.00 -12.33
N TYR A 560 20.31 14.32 -12.43
CA TYR A 560 20.91 15.17 -11.41
C TYR A 560 19.90 16.22 -11.00
N ASN A 561 19.49 16.20 -9.73
CA ASN A 561 18.46 17.10 -9.20
C ASN A 561 17.18 17.02 -10.03
N GLY A 562 16.81 15.80 -10.41
CA GLY A 562 15.55 15.55 -11.08
C GLY A 562 15.53 15.72 -12.58
N LEU A 563 16.64 16.15 -13.19
CA LEU A 563 16.67 16.34 -14.63
C LEU A 563 17.67 15.39 -15.27
N PRO A 564 17.44 14.97 -16.52
CA PRO A 564 18.38 14.05 -17.17
C PRO A 564 19.78 14.63 -17.20
N SER A 565 20.77 13.79 -16.92
CA SER A 565 22.13 14.28 -16.73
C SER A 565 23.13 13.25 -17.24
N MET A 566 24.37 13.70 -17.36
CA MET A 566 25.50 12.84 -17.70
C MET A 566 26.71 13.33 -16.93
N GLU A 567 27.28 12.45 -16.10
CA GLU A 567 28.42 12.82 -15.29
C GLU A 567 29.71 12.76 -16.09
N ILE A 568 30.58 13.75 -15.89
CA ILE A 568 31.84 13.86 -16.61
C ILE A 568 32.95 14.11 -15.61
N LEU A 569 33.97 13.24 -15.62
CA LEU A 569 35.08 13.33 -14.69
C LEU A 569 36.35 13.82 -15.40
N GLY A 570 37.26 14.36 -14.62
CA GLY A 570 38.52 14.86 -15.15
C GLY A 570 39.36 15.45 -14.04
N GLN A 571 40.62 15.73 -14.39
CA GLN A 571 41.58 16.29 -13.45
C GLN A 571 42.30 17.46 -14.11
N ALA A 572 42.81 18.37 -13.26
CA ALA A 572 43.55 19.52 -13.74
C ALA A 572 44.93 19.09 -14.25
N ALA A 573 45.47 19.90 -15.17
CA ALA A 573 46.79 19.66 -15.71
C ALA A 573 47.85 19.83 -14.63
N PRO A 574 49.03 19.21 -14.80
CA PRO A 574 50.10 19.34 -13.79
C PRO A 574 50.42 20.79 -13.43
N GLY A 575 50.30 21.13 -12.15
CA GLY A 575 50.52 22.46 -11.66
C GLY A 575 49.30 23.36 -11.68
N LYS A 576 48.43 23.18 -12.66
CA LYS A 576 47.19 23.96 -12.72
C LYS A 576 46.29 23.61 -11.54
N SER A 577 45.56 24.61 -11.06
CA SER A 577 44.65 24.40 -9.95
C SER A 577 43.32 23.85 -10.44
N THR A 578 42.55 23.30 -9.50
CA THR A 578 41.22 22.81 -9.83
C THR A 578 40.32 23.96 -10.29
N GLY A 579 40.45 25.12 -9.65
CA GLY A 579 39.65 26.27 -10.06
C GLY A 579 39.95 26.72 -11.48
N GLU A 580 41.16 26.45 -11.96
CA GLU A 580 41.49 26.77 -13.35
C GLU A 580 40.85 25.79 -14.32
N ALA A 581 40.85 24.50 -13.98
CA ALA A 581 40.21 23.51 -14.83
C ALA A 581 38.69 23.69 -14.84
N MET A 582 38.10 23.94 -13.67
CA MET A 582 36.67 24.22 -13.62
C MET A 582 36.33 25.47 -14.41
N GLU A 583 37.24 26.44 -14.48
CA GLU A 583 36.99 27.66 -15.23
C GLU A 583 36.86 27.37 -16.72
N LEU A 584 37.77 26.55 -17.26
CA LEU A 584 37.73 26.24 -18.69
C LEU A 584 36.52 25.37 -19.02
N MET A 585 36.19 24.42 -18.14
CA MET A 585 35.03 23.56 -18.39
C MET A 585 33.76 24.38 -18.49
N GLU A 586 33.63 25.42 -17.66
CA GLU A 586 32.46 26.29 -17.75
C GLU A 586 32.43 27.06 -19.07
N GLN A 587 33.60 27.51 -19.55
CA GLN A 587 33.65 28.24 -20.81
C GLN A 587 33.26 27.35 -21.98
N LEU A 588 33.76 26.11 -22.01
CA LEU A 588 33.38 25.20 -23.08
C LEU A 588 31.90 24.85 -23.02
N ALA A 589 31.35 24.71 -21.81
CA ALA A 589 29.93 24.39 -21.68
C ALA A 589 29.06 25.54 -22.11
N SER A 590 29.56 26.78 -22.04
CA SER A 590 28.76 27.94 -22.43
C SER A 590 28.48 27.97 -23.92
N LYS A 591 29.21 27.20 -24.73
CA LYS A 591 29.01 27.15 -26.16
C LYS A 591 28.18 25.94 -26.60
N LEU A 592 27.62 25.20 -25.65
CA LEU A 592 26.80 24.04 -25.97
C LEU A 592 25.43 24.47 -26.49
N PRO A 593 24.69 23.56 -27.13
CA PRO A 593 23.37 23.93 -27.66
C PRO A 593 22.44 24.43 -26.57
N THR A 594 21.41 25.14 -27.01
CA THR A 594 20.45 25.75 -26.09
C THR A 594 19.70 24.69 -25.31
N GLY A 595 19.48 24.97 -24.03
CA GLY A 595 18.81 24.04 -23.14
C GLY A 595 19.74 23.13 -22.37
N VAL A 596 21.02 23.08 -22.73
CA VAL A 596 22.00 22.25 -22.03
C VAL A 596 22.68 23.10 -20.98
N GLY A 597 22.47 22.76 -19.71
CA GLY A 597 23.13 23.42 -18.60
C GLY A 597 24.16 22.52 -17.96
N TYR A 598 24.66 22.98 -16.80
CA TYR A 598 25.69 22.24 -16.10
C TYR A 598 25.65 22.61 -14.61
N ASP A 599 26.36 21.81 -13.82
CA ASP A 599 26.53 22.06 -12.40
C ASP A 599 27.72 21.25 -11.91
N TRP A 600 28.23 21.63 -10.75
CA TRP A 600 29.36 20.95 -10.12
C TRP A 600 28.87 20.17 -8.91
N THR A 601 29.37 18.94 -8.77
CA THR A 601 28.96 18.06 -7.69
C THR A 601 30.18 17.41 -7.06
N GLY A 602 29.94 16.68 -5.97
CA GLY A 602 31.02 15.95 -5.32
C GLY A 602 32.06 16.88 -4.74
N MET A 603 33.32 16.60 -5.06
CA MET A 603 34.41 17.45 -4.55
C MET A 603 34.38 18.83 -5.16
N SER A 604 33.83 18.97 -6.37
CA SER A 604 33.75 20.27 -7.01
C SER A 604 32.70 21.17 -6.39
N TYR A 605 31.73 20.60 -5.69
CA TYR A 605 30.66 21.37 -5.06
C TYR A 605 31.21 22.32 -3.99
N ALA B 2 15.94 0.59 32.43
CA ALA B 2 15.47 -0.60 31.73
C ALA B 2 15.65 -0.45 30.22
N PRO B 3 16.04 -1.53 29.55
CA PRO B 3 16.21 -1.48 28.10
C PRO B 3 14.89 -1.20 27.39
N PRO B 4 14.84 -0.16 26.56
CA PRO B 4 13.59 0.14 25.86
C PRO B 4 13.21 -0.96 24.88
N ALA B 5 11.91 -1.12 24.68
CA ALA B 5 11.38 -2.17 23.83
C ALA B 5 10.27 -1.62 22.96
N VAL B 6 10.35 -1.89 21.66
CA VAL B 6 9.33 -1.51 20.70
C VAL B 6 8.59 -2.78 20.28
N THR B 7 7.26 -2.69 20.17
CA THR B 7 6.41 -3.83 19.90
C THR B 7 5.63 -3.61 18.62
N ILE B 8 5.69 -4.57 17.71
CA ILE B 8 4.87 -4.59 16.51
C ILE B 8 3.74 -5.57 16.70
N SER B 9 2.50 -5.14 16.42
CA SER B 9 1.33 -5.99 16.55
C SER B 9 0.58 -6.00 15.24
N ALA B 10 0.28 -7.19 14.74
CA ALA B 10 -0.51 -7.36 13.52
C ALA B 10 -1.48 -8.50 13.73
N SER B 11 -2.57 -8.49 12.95
CA SER B 11 -3.63 -9.46 13.10
C SER B 11 -4.00 -10.04 11.74
N TYR B 12 -4.38 -11.32 11.75
CA TYR B 12 -4.80 -12.03 10.55
C TYR B 12 -6.03 -12.83 10.92
N PRO B 13 -7.22 -12.28 10.66
CA PRO B 13 -8.46 -12.92 11.12
C PRO B 13 -8.61 -14.34 10.59
N GLY B 14 -8.76 -15.29 11.52
CA GLY B 14 -9.00 -16.67 11.15
C GLY B 14 -7.78 -17.44 10.70
N ALA B 15 -6.58 -16.94 10.99
CA ALA B 15 -5.35 -17.60 10.57
C ALA B 15 -4.78 -18.42 11.72
N ASP B 16 -4.20 -19.56 11.39
CA ASP B 16 -3.47 -20.36 12.35
C ASP B 16 -2.09 -19.77 12.60
N ALA B 17 -1.39 -20.34 13.58
CA ALA B 17 -0.09 -19.80 13.97
C ALA B 17 0.92 -19.88 12.82
N LYS B 18 0.92 -20.98 12.08
CA LYS B 18 1.88 -21.15 11.00
C LYS B 18 1.59 -20.21 9.84
N THR B 19 0.31 -20.04 9.50
CA THR B 19 -0.06 -19.06 8.48
C THR B 19 0.37 -17.66 8.88
N VAL B 20 0.17 -17.29 10.15
CA VAL B 20 0.59 -15.96 10.61
C VAL B 20 2.11 -15.82 10.51
N GLN B 21 2.84 -16.86 10.92
CA GLN B 21 4.29 -16.77 10.95
C GLN B 21 4.89 -16.71 9.55
N ASP B 22 4.36 -17.49 8.62
CA ASP B 22 4.98 -17.66 7.31
C ASP B 22 4.52 -16.63 6.28
N THR B 23 3.48 -15.85 6.57
CA THR B 23 3.09 -14.75 5.69
C THR B 23 3.25 -13.37 6.33
N VAL B 24 3.45 -13.28 7.64
CA VAL B 24 3.56 -12.00 8.30
C VAL B 24 4.87 -11.89 9.08
N THR B 25 5.08 -12.80 10.04
CA THR B 25 6.17 -12.63 10.99
C THR B 25 7.53 -12.70 10.32
N GLN B 26 7.75 -13.72 9.49
CA GLN B 26 9.03 -13.86 8.81
C GLN B 26 9.29 -12.67 7.89
N VAL B 27 8.25 -12.20 7.19
CA VAL B 27 8.42 -11.09 6.26
C VAL B 27 8.86 -9.83 7.00
N ILE B 28 8.19 -9.53 8.12
CA ILE B 28 8.57 -8.35 8.90
C ILE B 28 9.97 -8.53 9.48
N GLU B 29 10.27 -9.70 10.02
CA GLU B 29 11.57 -9.94 10.63
C GLU B 29 12.70 -9.77 9.60
N GLN B 30 12.51 -10.32 8.40
CA GLN B 30 13.53 -10.21 7.35
C GLN B 30 13.75 -8.78 6.88
N ASN B 31 12.93 -7.83 7.31
CA ASN B 31 13.04 -6.44 6.89
C ASN B 31 13.31 -5.49 8.04
N MET B 32 13.70 -6.00 9.21
CA MET B 32 14.04 -5.16 10.36
C MET B 32 15.52 -4.80 10.37
N ASN B 33 16.07 -4.44 9.22
CA ASN B 33 17.49 -4.16 9.07
C ASN B 33 17.74 -2.66 9.11
N GLY B 34 19.01 -2.30 9.33
CA GLY B 34 19.39 -0.91 9.33
C GLY B 34 18.88 -0.10 10.50
N ILE B 35 18.44 -0.77 11.57
CA ILE B 35 17.96 -0.10 12.77
C ILE B 35 19.07 -0.08 13.80
N ASP B 36 19.28 1.08 14.44
CA ASP B 36 20.41 1.26 15.35
C ASP B 36 20.12 0.67 16.72
N ASN B 37 21.18 0.14 17.34
CA ASN B 37 21.18 -0.23 18.76
C ASN B 37 20.15 -1.30 19.09
N LEU B 38 19.97 -2.25 18.18
CA LEU B 38 19.02 -3.34 18.38
C LEU B 38 19.72 -4.48 19.13
N MET B 39 19.37 -4.66 20.40
CA MET B 39 19.98 -5.73 21.19
C MET B 39 19.58 -7.11 20.66
N TYR B 40 18.29 -7.42 20.69
CA TYR B 40 17.78 -8.67 20.16
C TYR B 40 16.33 -8.49 19.74
N MET B 41 15.75 -9.54 19.17
CA MET B 41 14.41 -9.51 18.60
C MET B 41 13.73 -10.84 18.87
N SER B 42 12.47 -10.78 19.28
CA SER B 42 11.68 -11.97 19.55
C SER B 42 10.26 -11.75 19.03
N SER B 43 9.56 -12.86 18.80
CA SER B 43 8.23 -12.77 18.20
C SER B 43 7.39 -13.98 18.61
N ASN B 44 6.07 -13.78 18.57
CA ASN B 44 5.09 -14.83 18.78
C ASN B 44 4.08 -14.80 17.65
N SER B 45 3.74 -15.97 17.13
CA SER B 45 2.71 -16.13 16.11
C SER B 45 1.66 -17.10 16.66
N ASP B 46 0.47 -16.59 16.94
CA ASP B 46 -0.57 -17.33 17.63
C ASP B 46 -1.66 -17.81 16.69
N SER B 47 -2.36 -18.85 17.11
CA SER B 47 -3.51 -19.35 16.36
C SER B 47 -4.77 -18.53 16.60
N THR B 48 -4.67 -17.43 17.35
CA THR B 48 -5.70 -16.41 17.35
C THR B 48 -5.60 -15.48 16.15
N GLY B 49 -4.64 -15.72 15.26
CA GLY B 49 -4.41 -14.84 14.14
C GLY B 49 -3.59 -13.62 14.47
N THR B 50 -2.78 -13.67 15.53
CA THR B 50 -2.10 -12.50 16.05
C THR B 50 -0.60 -12.75 16.08
N VAL B 51 0.17 -11.73 15.73
CA VAL B 51 1.63 -11.76 15.83
C VAL B 51 2.09 -10.57 16.65
N GLN B 52 3.05 -10.81 17.53
CA GLN B 52 3.66 -9.74 18.33
C GLN B 52 5.17 -9.87 18.20
N ILE B 53 5.81 -8.84 17.64
CA ILE B 53 7.26 -8.81 17.47
C ILE B 53 7.81 -7.75 18.41
N THR B 54 8.67 -8.17 19.34
CA THR B 54 9.26 -7.29 20.33
C THR B 54 10.73 -7.06 19.99
N LEU B 55 11.10 -5.79 19.81
CA LEU B 55 12.47 -5.40 19.51
C LEU B 55 13.03 -4.67 20.71
N THR B 56 13.96 -5.30 21.41
CA THR B 56 14.59 -4.71 22.58
C THR B 56 15.88 -4.01 22.18
N PHE B 57 16.07 -2.80 22.69
CA PHE B 57 17.20 -1.96 22.30
C PHE B 57 18.18 -1.80 23.45
N GLU B 58 19.35 -1.26 23.12
CA GLU B 58 20.38 -1.02 24.12
C GLU B 58 19.91 0.01 25.14
N SER B 59 20.45 -0.09 26.35
CA SER B 59 20.16 0.89 27.38
C SER B 59 20.71 2.24 26.99
N GLY B 60 19.90 3.28 27.16
CA GLY B 60 20.25 4.62 26.73
C GLY B 60 19.75 4.98 25.36
N THR B 61 19.21 4.03 24.60
CA THR B 61 18.66 4.34 23.29
C THR B 61 17.46 5.27 23.42
N ASP B 62 17.38 6.24 22.51
CA ASP B 62 16.21 7.12 22.46
C ASP B 62 15.01 6.31 21.95
N ALA B 63 14.02 6.09 22.81
CA ALA B 63 12.85 5.32 22.41
C ALA B 63 12.11 5.97 21.25
N ASP B 64 12.11 7.31 21.19
CA ASP B 64 11.51 8.00 20.06
C ASP B 64 12.17 7.60 18.75
N ILE B 65 13.50 7.63 18.73
CA ILE B 65 14.23 7.30 17.50
C ILE B 65 14.06 5.82 17.16
N ALA B 66 14.10 4.96 18.18
CA ALA B 66 13.95 3.53 17.93
C ALA B 66 12.58 3.21 17.36
N GLN B 67 11.52 3.83 17.90
CA GLN B 67 10.19 3.59 17.38
C GLN B 67 10.07 4.07 15.94
N VAL B 68 10.64 5.24 15.63
CA VAL B 68 10.54 5.79 14.29
C VAL B 68 11.25 4.89 13.29
N GLN B 69 12.47 4.44 13.63
CA GLN B 69 13.21 3.58 12.72
C GLN B 69 12.49 2.27 12.49
N VAL B 70 11.83 1.73 13.52
CA VAL B 70 11.07 0.51 13.36
C VAL B 70 9.84 0.75 12.50
N GLN B 71 9.13 1.85 12.77
CA GLN B 71 7.94 2.16 11.98
C GLN B 71 8.29 2.37 10.52
N ASN B 72 9.42 3.02 10.24
CA ASN B 72 9.79 3.29 8.86
C ASN B 72 10.18 2.00 8.12
N LYS B 73 10.83 1.07 8.81
CA LYS B 73 11.15 -0.21 8.19
C LYS B 73 9.89 -1.02 7.94
N LEU B 74 8.93 -0.96 8.88
CA LEU B 74 7.68 -1.69 8.71
C LEU B 74 6.87 -1.13 7.55
N GLN B 75 6.90 0.19 7.37
CA GLN B 75 6.17 0.81 6.26
C GLN B 75 6.66 0.28 4.92
N LEU B 76 7.98 0.18 4.75
CA LEU B 76 8.52 -0.34 3.50
C LEU B 76 8.23 -1.82 3.30
N ALA B 77 7.96 -2.56 4.36
CA ALA B 77 7.60 -3.97 4.25
C ALA B 77 6.10 -4.20 4.16
N MET B 78 5.29 -3.18 4.42
CA MET B 78 3.84 -3.32 4.35
C MET B 78 3.33 -3.88 3.02
N PRO B 79 3.84 -3.49 1.85
CA PRO B 79 3.34 -4.10 0.60
C PRO B 79 3.63 -5.58 0.46
N LEU B 80 4.40 -6.17 1.36
CA LEU B 80 4.72 -7.59 1.29
C LEU B 80 3.80 -8.45 2.15
N LEU B 81 2.93 -7.84 2.96
CA LEU B 81 2.04 -8.56 3.85
C LEU B 81 0.71 -8.85 3.17
N PRO B 82 -0.04 -9.84 3.66
CA PRO B 82 -1.37 -10.11 3.10
C PRO B 82 -2.26 -8.89 3.23
N GLN B 83 -3.15 -8.72 2.25
CA GLN B 83 -4.09 -7.61 2.29
C GLN B 83 -4.96 -7.67 3.54
N GLU B 84 -5.31 -8.89 3.97
CA GLU B 84 -6.14 -9.05 5.16
C GLU B 84 -5.43 -8.54 6.41
N VAL B 85 -4.10 -8.56 6.42
CA VAL B 85 -3.35 -8.07 7.57
C VAL B 85 -3.20 -6.55 7.50
N GLN B 86 -2.95 -6.01 6.30
CA GLN B 86 -2.79 -4.57 6.14
C GLN B 86 -4.06 -3.83 6.58
N GLN B 87 -5.22 -4.28 6.11
CA GLN B 87 -6.46 -3.58 6.39
C GLN B 87 -6.89 -3.70 7.85
N GLN B 88 -6.33 -4.66 8.60
CA GLN B 88 -6.59 -4.72 10.03
C GLN B 88 -5.86 -3.62 10.79
N GLY B 89 -4.86 -3.01 10.19
CA GLY B 89 -4.08 -2.00 10.88
C GLY B 89 -2.97 -2.60 11.72
N VAL B 90 -1.73 -2.22 11.41
CA VAL B 90 -0.57 -2.64 12.18
C VAL B 90 -0.23 -1.54 13.17
N SER B 91 0.18 -1.93 14.38
CA SER B 91 0.51 -0.98 15.42
C SER B 91 1.97 -1.16 15.84
N VAL B 92 2.62 -0.04 16.15
CA VAL B 92 4.00 -0.03 16.63
C VAL B 92 4.02 0.85 17.88
N GLU B 93 4.31 0.24 19.02
CA GLU B 93 4.21 0.91 20.30
C GLU B 93 5.53 0.89 21.05
N LYS B 94 5.72 1.91 21.91
CA LYS B 94 6.91 2.03 22.77
C LYS B 94 6.39 2.27 24.19
N SER B 95 6.05 1.18 24.88
CA SER B 95 5.48 1.28 26.22
C SER B 95 6.02 0.15 27.08
N SER B 96 5.80 0.28 28.37
CA SER B 96 6.13 -0.78 29.31
C SER B 96 5.27 -2.01 29.06
N SER B 97 5.72 -3.15 29.59
CA SER B 97 4.96 -4.38 29.42
C SER B 97 3.81 -4.49 30.41
N SER B 98 3.93 -3.85 31.58
CA SER B 98 2.92 -3.91 32.63
C SER B 98 1.96 -2.73 32.53
N PHE B 99 0.80 -2.89 33.17
CA PHE B 99 -0.24 -1.87 33.12
C PHE B 99 0.01 -0.79 34.17
N LEU B 100 -0.19 0.47 33.76
CA LEU B 100 -0.13 1.57 34.71
C LEU B 100 -1.43 1.67 35.51
N MET B 101 -2.57 1.52 34.84
CA MET B 101 -3.86 1.57 35.50
C MET B 101 -4.88 0.85 34.63
N VAL B 102 -6.02 0.55 35.22
CA VAL B 102 -7.16 -0.04 34.52
C VAL B 102 -8.38 0.83 34.79
N VAL B 103 -9.03 1.28 33.74
CA VAL B 103 -10.29 2.02 33.85
C VAL B 103 -11.42 1.02 33.62
N GLY B 104 -12.18 0.74 34.67
CA GLY B 104 -13.32 -0.16 34.55
C GLY B 104 -14.61 0.60 34.29
N VAL B 105 -15.51 -0.05 33.55
CA VAL B 105 -16.80 0.54 33.21
C VAL B 105 -17.88 -0.51 33.44
N ILE B 106 -18.89 -0.14 34.23
CA ILE B 106 -20.02 -1.02 34.51
C ILE B 106 -21.31 -0.23 34.31
N ASN B 107 -22.43 -0.93 34.42
CA ASN B 107 -23.76 -0.32 34.41
C ASN B 107 -24.47 -0.73 35.70
N THR B 108 -24.67 0.22 36.60
CA THR B 108 -25.31 -0.05 37.89
C THR B 108 -26.80 -0.34 37.75
N ASP B 109 -27.40 -0.07 36.59
CA ASP B 109 -28.81 -0.33 36.37
C ASP B 109 -29.05 -1.60 35.57
N GLY B 110 -28.00 -2.35 35.25
CA GLY B 110 -28.14 -3.61 34.53
C GLY B 110 -28.78 -3.52 33.16
N THR B 111 -28.95 -2.30 32.65
CA THR B 111 -29.61 -2.08 31.37
C THR B 111 -28.67 -2.29 30.17
N MET B 112 -27.39 -2.54 30.41
CA MET B 112 -26.41 -2.75 29.35
C MET B 112 -25.66 -4.04 29.61
N THR B 113 -25.57 -4.89 28.61
CA THR B 113 -24.84 -6.14 28.74
C THR B 113 -23.34 -5.89 28.61
N GLN B 114 -22.55 -6.96 28.81
CA GLN B 114 -21.11 -6.85 28.66
C GLN B 114 -20.73 -6.37 27.26
N GLU B 115 -21.49 -6.81 26.25
CA GLU B 115 -21.19 -6.42 24.88
C GLU B 115 -21.54 -4.96 24.63
N ASP B 116 -22.64 -4.48 25.23
CA ASP B 116 -23.00 -3.07 25.08
C ASP B 116 -21.96 -2.17 25.70
N ILE B 117 -21.50 -2.52 26.91
CA ILE B 117 -20.50 -1.69 27.59
C ILE B 117 -19.21 -1.64 26.79
N SER B 118 -18.80 -2.78 26.22
CA SER B 118 -17.56 -2.83 25.46
C SER B 118 -17.64 -1.93 24.24
N ASP B 119 -18.78 -1.93 23.54
CA ASP B 119 -18.91 -1.07 22.36
C ASP B 119 -18.90 0.40 22.75
N TYR B 120 -19.60 0.76 23.83
CA TYR B 120 -19.60 2.16 24.26
C TYR B 120 -18.18 2.63 24.58
N VAL B 121 -17.43 1.83 25.33
CA VAL B 121 -16.07 2.21 25.69
C VAL B 121 -15.21 2.35 24.43
N ALA B 122 -15.34 1.41 23.51
CA ALA B 122 -14.53 1.46 22.29
C ALA B 122 -14.94 2.62 21.40
N ALA B 123 -16.25 2.88 21.30
CA ALA B 123 -16.76 3.89 20.38
C ALA B 123 -16.74 5.30 20.94
N ASN B 124 -16.73 5.46 22.26
CA ASN B 124 -16.87 6.78 22.88
C ASN B 124 -15.73 7.17 23.80
N MET B 125 -14.90 6.24 24.24
CA MET B 125 -13.89 6.53 25.26
C MET B 125 -12.46 6.20 24.84
N LYS B 126 -12.26 5.13 24.07
CA LYS B 126 -10.92 4.59 23.87
C LYS B 126 -10.02 5.56 23.12
N ASP B 127 -10.54 6.21 22.07
CA ASP B 127 -9.68 7.01 21.21
C ASP B 127 -9.12 8.22 21.95
N ALA B 128 -9.99 8.95 22.67
CA ALA B 128 -9.50 10.12 23.40
C ALA B 128 -8.53 9.72 24.52
N ILE B 129 -8.72 8.54 25.11
CA ILE B 129 -7.75 8.04 26.08
C ILE B 129 -6.44 7.71 25.37
N SER B 130 -6.50 7.10 24.19
CA SER B 130 -5.30 6.70 23.47
C SER B 130 -4.51 7.92 22.99
N ARG B 131 -5.16 9.05 22.79
CA ARG B 131 -4.50 10.26 22.34
C ARG B 131 -3.97 11.09 23.49
N THR B 132 -4.20 10.68 24.74
CA THR B 132 -3.64 11.39 25.87
C THR B 132 -2.14 11.17 25.94
N SER B 133 -1.40 12.25 26.19
CA SER B 133 0.05 12.16 26.23
C SER B 133 0.50 11.27 27.39
N GLY B 134 1.47 10.41 27.11
CA GLY B 134 1.98 9.47 28.09
C GLY B 134 1.35 8.10 28.04
N VAL B 135 0.31 7.91 27.24
CA VAL B 135 -0.37 6.63 27.13
C VAL B 135 0.26 5.87 25.96
N GLY B 136 0.99 4.81 26.28
CA GLY B 136 1.73 4.07 25.28
C GLY B 136 0.94 2.98 24.59
N ASP B 137 0.01 2.37 25.32
CA ASP B 137 -0.80 1.28 24.78
C ASP B 137 -2.10 1.21 25.55
N VAL B 138 -3.19 0.98 24.82
CA VAL B 138 -4.52 0.84 25.41
C VAL B 138 -5.07 -0.51 24.99
N GLN B 139 -5.42 -1.34 25.97
CA GLN B 139 -6.01 -2.64 25.73
C GLN B 139 -7.48 -2.57 26.12
N LEU B 140 -8.36 -2.76 25.14
CA LEU B 140 -9.80 -2.82 25.40
C LEU B 140 -10.14 -4.22 25.90
N PHE B 141 -10.77 -4.28 27.08
CA PHE B 141 -11.21 -5.57 27.65
C PHE B 141 -12.61 -5.85 27.11
N GLY B 142 -12.64 -6.29 25.86
CA GLY B 142 -13.86 -6.40 25.10
C GLY B 142 -13.56 -6.08 23.65
N SER B 143 -14.63 -5.89 22.87
CA SER B 143 -14.47 -5.61 21.46
C SER B 143 -15.50 -4.57 21.03
N GLN B 144 -15.10 -3.73 20.07
CA GLN B 144 -16.05 -2.80 19.46
C GLN B 144 -17.06 -3.56 18.62
N TYR B 145 -18.27 -3.01 18.54
CA TYR B 145 -19.29 -3.62 17.69
C TYR B 145 -18.84 -3.63 16.23
N ALA B 146 -19.27 -4.65 15.51
CA ALA B 146 -19.21 -4.69 14.06
C ALA B 146 -20.58 -5.09 13.56
N MET B 147 -20.82 -4.88 12.26
CA MET B 147 -22.01 -5.43 11.64
C MET B 147 -21.73 -6.91 11.36
N ARG B 148 -22.34 -7.79 12.15
CA ARG B 148 -22.13 -9.22 12.02
C ARG B 148 -23.18 -9.82 11.09
N ILE B 149 -22.73 -10.41 10.00
CA ILE B 149 -23.58 -11.18 9.09
C ILE B 149 -23.36 -12.66 9.40
N TRP B 150 -24.34 -13.30 10.03
CA TRP B 150 -24.23 -14.70 10.46
C TRP B 150 -24.90 -15.57 9.41
N MET B 151 -24.09 -16.18 8.54
CA MET B 151 -24.60 -16.90 7.40
C MET B 151 -25.16 -18.26 7.79
N ASN B 152 -26.17 -18.70 7.03
CA ASN B 152 -26.77 -20.02 7.18
C ASN B 152 -26.47 -20.82 5.92
N PRO B 153 -25.71 -21.92 6.02
CA PRO B 153 -25.36 -22.66 4.80
C PRO B 153 -26.54 -23.36 4.14
N ASN B 154 -27.55 -23.74 4.91
CA ASN B 154 -28.74 -24.35 4.32
C ASN B 154 -29.47 -23.36 3.42
N GLU B 155 -29.67 -22.14 3.90
CA GLU B 155 -30.36 -21.13 3.10
C GLU B 155 -29.51 -20.65 1.93
N LEU B 156 -28.19 -20.60 2.12
CA LEU B 156 -27.32 -20.21 1.02
C LEU B 156 -27.37 -21.23 -0.11
N ASN B 157 -27.33 -22.51 0.23
CA ASN B 157 -27.43 -23.56 -0.78
C ASN B 157 -28.83 -23.58 -1.42
N LYS B 158 -29.87 -23.28 -0.65
CA LYS B 158 -31.22 -23.27 -1.18
C LYS B 158 -31.36 -22.28 -2.33
N PHE B 159 -30.68 -21.13 -2.25
CA PHE B 159 -30.72 -20.12 -3.29
C PHE B 159 -29.47 -20.13 -4.17
N GLN B 160 -28.67 -21.20 -4.10
CA GLN B 160 -27.48 -21.36 -4.93
C GLN B 160 -26.49 -20.21 -4.75
N LEU B 161 -26.28 -19.81 -3.50
CA LEU B 161 -25.38 -18.72 -3.17
C LEU B 161 -24.30 -19.21 -2.21
N THR B 162 -23.16 -18.54 -2.23
CA THR B 162 -22.01 -18.85 -1.39
C THR B 162 -21.60 -17.62 -0.61
N PRO B 163 -20.72 -17.77 0.38
CA PRO B 163 -20.16 -16.57 1.04
C PRO B 163 -19.50 -15.59 0.08
N VAL B 164 -19.03 -16.07 -1.07
CA VAL B 164 -18.44 -15.15 -2.06
C VAL B 164 -19.50 -14.20 -2.58
N ASP B 165 -20.73 -14.70 -2.79
CA ASP B 165 -21.80 -13.84 -3.29
C ASP B 165 -22.22 -12.83 -2.22
N VAL B 166 -22.28 -13.24 -0.96
CA VAL B 166 -22.63 -12.33 0.12
C VAL B 166 -21.58 -11.22 0.24
N ILE B 167 -20.30 -11.59 0.18
CA ILE B 167 -19.23 -10.61 0.28
C ILE B 167 -19.30 -9.62 -0.88
N THR B 168 -19.49 -10.13 -2.09
CA THR B 168 -19.56 -9.27 -3.26
C THR B 168 -20.73 -8.30 -3.16
N ALA B 169 -21.88 -8.76 -2.69
CA ALA B 169 -23.04 -7.88 -2.59
C ALA B 169 -22.86 -6.82 -1.53
N ILE B 170 -22.20 -7.17 -0.41
CA ILE B 170 -21.97 -6.19 0.65
C ILE B 170 -21.05 -5.09 0.17
N LYS B 171 -20.01 -5.44 -0.61
CA LYS B 171 -19.12 -4.42 -1.15
C LYS B 171 -19.84 -3.54 -2.17
N ALA B 172 -20.78 -4.12 -2.91
CA ALA B 172 -21.50 -3.35 -3.93
C ALA B 172 -22.60 -2.47 -3.33
N GLN B 173 -23.25 -2.93 -2.25
CA GLN B 173 -24.41 -2.24 -1.72
C GLN B 173 -24.18 -1.57 -0.37
N ASN B 174 -23.04 -1.80 0.27
CA ASN B 174 -22.58 -0.98 1.38
C ASN B 174 -21.36 -0.19 0.91
N ALA B 175 -21.61 0.82 0.09
CA ALA B 175 -20.57 1.56 -0.59
C ALA B 175 -20.75 3.05 -0.34
N GLN B 176 -19.64 3.78 -0.48
CA GLN B 176 -19.62 5.23 -0.38
C GLN B 176 -19.02 5.78 -1.66
N VAL B 177 -19.86 6.33 -2.52
CA VAL B 177 -19.50 6.63 -3.91
C VAL B 177 -19.18 8.11 -4.06
N ALA B 178 -18.03 8.40 -4.68
CA ALA B 178 -17.71 9.75 -5.11
C ALA B 178 -18.33 9.96 -6.48
N ALA B 179 -19.31 10.86 -6.56
CA ALA B 179 -20.11 11.02 -7.76
C ALA B 179 -19.95 12.37 -8.45
N GLY B 180 -19.05 13.23 -7.97
CA GLY B 180 -18.85 14.51 -8.61
C GLY B 180 -19.96 15.50 -8.27
N GLN B 181 -20.07 16.53 -9.10
CA GLN B 181 -21.00 17.63 -8.89
C GLN B 181 -21.73 17.96 -10.19
N LEU B 182 -22.90 18.59 -10.04
CA LEU B 182 -23.52 19.28 -11.16
C LEU B 182 -22.93 20.67 -11.28
N GLY B 183 -22.63 21.08 -12.51
CA GLY B 183 -21.96 22.35 -12.70
C GLY B 183 -20.57 22.39 -12.12
N GLY B 184 -19.89 21.24 -12.05
CA GLY B 184 -18.54 21.21 -11.55
C GLY B 184 -17.56 21.84 -12.52
N THR B 185 -16.37 22.14 -12.00
CA THR B 185 -15.36 22.78 -12.81
C THR B 185 -14.57 21.73 -13.60
N PRO B 186 -14.15 22.06 -14.83
CA PRO B 186 -14.47 23.32 -15.52
C PRO B 186 -15.89 23.32 -16.07
N PRO B 187 -16.62 24.41 -15.84
CA PRO B 187 -18.04 24.45 -16.24
C PRO B 187 -18.25 25.13 -17.59
N VAL B 188 -19.46 24.99 -18.13
CA VAL B 188 -19.82 25.71 -19.34
C VAL B 188 -20.13 27.16 -19.00
N LYS B 189 -20.09 28.01 -20.02
CA LYS B 189 -20.43 29.41 -19.84
C LYS B 189 -21.91 29.55 -19.50
N GLY B 190 -22.21 30.44 -18.56
CA GLY B 190 -23.57 30.70 -18.16
C GLY B 190 -24.17 29.70 -17.18
N GLN B 191 -23.36 28.83 -16.60
CA GLN B 191 -23.86 27.83 -15.66
C GLN B 191 -24.36 28.51 -14.39
N GLN B 192 -25.57 28.15 -13.96
CA GLN B 192 -26.20 28.79 -12.81
C GLN B 192 -26.19 27.93 -11.56
N LEU B 193 -26.19 26.61 -11.70
CA LEU B 193 -26.37 25.69 -10.58
C LEU B 193 -25.08 24.92 -10.32
N ASN B 194 -24.71 24.82 -9.05
CA ASN B 194 -23.61 23.97 -8.61
C ASN B 194 -24.07 23.23 -7.36
N ALA B 195 -23.95 21.90 -7.38
CA ALA B 195 -24.42 21.07 -6.29
C ALA B 195 -23.70 19.73 -6.32
N SER B 196 -23.42 19.20 -5.14
CA SER B 196 -22.79 17.88 -5.04
C SER B 196 -23.79 16.80 -5.45
N ILE B 197 -23.30 15.77 -6.11
CA ILE B 197 -24.08 14.59 -6.42
C ILE B 197 -23.84 13.56 -5.33
N ILE B 198 -24.92 13.11 -4.70
CA ILE B 198 -24.86 12.14 -3.62
C ILE B 198 -25.44 10.84 -4.14
N ALA B 199 -24.59 9.81 -4.24
CA ALA B 199 -24.97 8.51 -4.75
C ALA B 199 -25.08 7.54 -3.56
N GLN B 200 -24.56 6.32 -3.64
CA GLN B 200 -24.68 5.42 -2.50
C GLN B 200 -23.90 5.94 -1.30
N THR B 201 -24.35 5.58 -0.10
CA THR B 201 -23.68 5.92 1.14
C THR B 201 -23.66 4.70 2.05
N ARG B 202 -22.72 4.70 3.00
CA ARG B 202 -22.58 3.55 3.90
C ARG B 202 -23.89 3.26 4.62
N LEU B 203 -24.23 1.98 4.74
CA LEU B 203 -25.38 1.60 5.53
C LEU B 203 -25.10 1.86 7.01
N THR B 204 -26.18 2.02 7.78
CA THR B 204 -26.08 2.43 9.17
C THR B 204 -26.85 1.56 10.15
N SER B 205 -27.49 0.49 9.69
CA SER B 205 -28.36 -0.27 10.57
C SER B 205 -28.46 -1.71 10.06
N THR B 206 -28.87 -2.60 10.95
CA THR B 206 -29.11 -3.98 10.56
C THR B 206 -30.27 -4.07 9.56
N GLU B 207 -31.23 -3.14 9.65
CA GLU B 207 -32.33 -3.13 8.69
C GLU B 207 -31.82 -2.93 7.27
N GLU B 208 -30.89 -1.99 7.08
CA GLU B 208 -30.37 -1.73 5.74
C GLU B 208 -29.53 -2.90 5.24
N PHE B 209 -28.72 -3.49 6.11
CA PHE B 209 -27.94 -4.65 5.69
C PHE B 209 -28.85 -5.84 5.37
N GLY B 210 -29.99 -5.95 6.05
CA GLY B 210 -30.87 -7.07 5.82
C GLY B 210 -31.54 -7.06 4.46
N LYS B 211 -31.80 -5.87 3.91
CA LYS B 211 -32.46 -5.75 2.62
C LYS B 211 -31.48 -5.59 1.47
N ILE B 212 -30.20 -5.91 1.69
CA ILE B 212 -29.26 -6.02 0.58
C ILE B 212 -29.76 -7.09 -0.37
N LEU B 213 -29.84 -6.76 -1.65
CA LEU B 213 -30.41 -7.66 -2.65
C LEU B 213 -29.32 -8.60 -3.16
N LEU B 214 -29.42 -9.87 -2.81
CA LEU B 214 -28.44 -10.83 -3.27
C LEU B 214 -28.67 -11.23 -4.73
N LYS B 215 -29.91 -11.59 -5.06
CA LYS B 215 -30.22 -11.97 -6.43
C LYS B 215 -31.74 -12.00 -6.61
N VAL B 216 -32.16 -11.87 -7.86
CA VAL B 216 -33.56 -12.00 -8.25
C VAL B 216 -33.73 -13.37 -8.89
N ASN B 217 -34.71 -14.14 -8.39
CA ASN B 217 -34.92 -15.49 -8.89
C ASN B 217 -35.49 -15.44 -10.31
N GLN B 218 -35.67 -16.63 -10.88
CA GLN B 218 -36.21 -16.71 -12.24
C GLN B 218 -37.67 -16.26 -12.30
N ASP B 219 -38.44 -16.53 -11.25
CA ASP B 219 -39.84 -16.13 -11.18
C ASP B 219 -40.03 -14.70 -10.70
N GLY B 220 -38.95 -13.94 -10.53
CA GLY B 220 -39.04 -12.56 -10.12
C GLY B 220 -38.97 -12.32 -8.63
N SER B 221 -39.05 -13.37 -7.82
CA SER B 221 -38.93 -13.20 -6.38
C SER B 221 -37.51 -12.75 -6.01
N ARG B 222 -37.40 -12.12 -4.84
CA ARG B 222 -36.16 -11.52 -4.39
C ARG B 222 -35.54 -12.32 -3.26
N VAL B 223 -34.21 -12.43 -3.28
CA VAL B 223 -33.45 -13.04 -2.21
C VAL B 223 -32.67 -11.94 -1.51
N LEU B 224 -33.08 -11.60 -0.30
CA LEU B 224 -32.40 -10.58 0.48
C LEU B 224 -31.32 -11.22 1.37
N LEU B 225 -30.43 -10.38 1.89
CA LEU B 225 -29.39 -10.87 2.77
C LEU B 225 -29.95 -11.47 4.05
N ARG B 226 -31.07 -10.94 4.53
CA ARG B 226 -31.70 -11.50 5.73
C ARG B 226 -32.37 -12.83 5.48
N ASP B 227 -32.48 -13.26 4.22
CA ASP B 227 -33.01 -14.58 3.89
C ASP B 227 -31.97 -15.68 3.97
N VAL B 228 -30.69 -15.33 4.07
CA VAL B 228 -29.61 -16.30 4.21
C VAL B 228 -28.75 -16.05 5.44
N ALA B 229 -29.10 -15.07 6.27
CA ALA B 229 -28.22 -14.71 7.37
C ALA B 229 -29.01 -13.99 8.45
N LYS B 230 -28.58 -14.19 9.70
CA LYS B 230 -29.00 -13.35 10.80
C LYS B 230 -28.08 -12.14 10.86
N ILE B 231 -28.66 -10.97 11.08
CA ILE B 231 -27.92 -9.71 11.03
C ILE B 231 -28.09 -9.00 12.36
N GLU B 232 -26.97 -8.69 13.01
CA GLU B 232 -26.99 -8.08 14.32
C GLU B 232 -25.68 -7.36 14.56
N LEU B 233 -25.68 -6.43 15.51
CA LEU B 233 -24.46 -5.80 15.98
C LEU B 233 -23.75 -6.74 16.95
N GLY B 234 -22.44 -6.90 16.75
CA GLY B 234 -21.65 -7.76 17.60
C GLY B 234 -20.19 -7.42 17.49
N GLY B 235 -19.42 -7.88 18.47
CA GLY B 235 -18.02 -7.51 18.52
C GLY B 235 -17.25 -7.97 17.30
N GLU B 236 -16.17 -7.24 17.00
CA GLU B 236 -15.22 -7.69 15.97
C GLU B 236 -14.69 -9.07 16.29
N ASN B 237 -14.49 -9.34 17.58
CA ASN B 237 -14.18 -10.69 18.05
C ASN B 237 -14.92 -10.89 19.37
N TYR B 238 -14.90 -12.13 19.87
CA TYR B 238 -15.62 -12.49 21.09
C TYR B 238 -14.69 -13.16 22.09
N ASP B 239 -13.41 -12.76 22.11
CA ASP B 239 -12.41 -13.46 22.88
C ASP B 239 -12.19 -12.89 24.28
N ILE B 240 -12.52 -11.62 24.51
CA ILE B 240 -12.20 -10.95 25.76
C ILE B 240 -13.50 -10.52 26.43
N ILE B 241 -13.80 -11.14 27.57
CA ILE B 241 -14.97 -10.80 28.38
C ILE B 241 -14.48 -10.50 29.79
N ALA B 242 -14.95 -9.40 30.37
CA ALA B 242 -14.49 -8.93 31.66
C ALA B 242 -15.65 -8.86 32.65
N GLU B 243 -15.31 -8.93 33.93
CA GLU B 243 -16.27 -8.79 35.01
C GLU B 243 -15.66 -7.94 36.13
N PHE B 244 -16.53 -7.24 36.85
CA PHE B 244 -16.14 -6.43 38.00
C PHE B 244 -16.99 -6.87 39.19
N ASN B 245 -16.36 -7.50 40.17
CA ASN B 245 -17.06 -8.03 41.35
C ASN B 245 -18.20 -8.94 40.93
N GLY B 246 -18.01 -9.68 39.84
CA GLY B 246 -18.98 -10.64 39.36
C GLY B 246 -20.01 -10.10 38.39
N GLN B 247 -20.13 -8.78 38.26
CA GLN B 247 -21.14 -8.23 37.35
C GLN B 247 -20.50 -7.85 36.02
N PRO B 248 -21.30 -7.75 34.95
CA PRO B 248 -20.73 -7.47 33.63
C PRO B 248 -19.95 -6.16 33.59
N ALA B 249 -18.87 -6.15 32.83
CA ALA B 249 -18.01 -4.98 32.77
C ALA B 249 -17.21 -4.99 31.47
N SER B 250 -16.70 -3.83 31.12
CA SER B 250 -15.65 -3.69 30.12
C SER B 250 -14.60 -2.75 30.71
N GLY B 251 -13.61 -2.36 29.93
CA GLY B 251 -12.64 -1.43 30.45
C GLY B 251 -11.46 -1.25 29.51
N LEU B 252 -10.51 -0.45 29.99
CA LEU B 252 -9.31 -0.11 29.24
C LEU B 252 -8.09 -0.39 30.12
N GLY B 253 -7.19 -1.23 29.62
CA GLY B 253 -5.90 -1.41 30.26
C GLY B 253 -4.89 -0.45 29.66
N ILE B 254 -4.35 0.43 30.48
CA ILE B 254 -3.51 1.54 30.02
C ILE B 254 -2.07 1.26 30.43
N LYS B 255 -1.16 1.30 29.47
CA LYS B 255 0.27 1.12 29.69
C LYS B 255 0.97 2.45 29.52
N LEU B 256 1.98 2.71 30.35
CA LEU B 256 2.69 3.97 30.33
C LEU B 256 3.70 3.98 29.18
N ALA B 257 3.74 5.09 28.45
CA ALA B 257 4.71 5.23 27.37
C ALA B 257 6.12 5.31 27.93
N THR B 258 7.07 4.71 27.20
CA THR B 258 8.47 4.68 27.63
C THR B 258 9.00 6.07 27.89
N GLY B 259 9.28 6.39 29.15
CA GLY B 259 9.82 7.67 29.55
C GLY B 259 8.81 8.67 30.07
N ALA B 260 7.52 8.36 30.00
CA ALA B 260 6.50 9.30 30.42
C ALA B 260 6.37 9.32 31.94
N ASN B 261 5.90 10.45 32.48
CA ASN B 261 5.67 10.57 33.91
C ASN B 261 4.44 9.78 34.30
N ALA B 262 4.62 8.80 35.20
CA ALA B 262 3.52 7.90 35.53
C ALA B 262 2.39 8.63 36.24
N LEU B 263 2.73 9.62 37.07
CA LEU B 263 1.69 10.32 37.83
C LEU B 263 0.99 11.39 37.00
N ASP B 264 1.73 12.10 36.16
CA ASP B 264 1.11 13.09 35.29
C ASP B 264 0.18 12.42 34.27
N THR B 265 0.58 11.26 33.75
CA THR B 265 -0.25 10.54 32.80
C THR B 265 -1.55 10.09 33.44
N ALA B 266 -1.47 9.53 34.66
CA ALA B 266 -2.66 9.07 35.36
C ALA B 266 -3.63 10.22 35.61
N ALA B 267 -3.10 11.40 35.96
CA ALA B 267 -3.96 12.55 36.20
C ALA B 267 -4.62 13.03 34.91
N ALA B 268 -3.88 13.02 33.80
CA ALA B 268 -4.45 13.43 32.53
C ALA B 268 -5.52 12.46 32.05
N ILE B 269 -5.36 11.17 32.34
CA ILE B 269 -6.37 10.18 31.97
C ILE B 269 -7.66 10.45 32.73
N ARG B 270 -7.57 10.72 34.03
CA ARG B 270 -8.77 11.00 34.82
C ARG B 270 -9.42 12.30 34.39
N ALA B 271 -8.63 13.29 33.98
CA ALA B 271 -9.21 14.54 33.46
C ALA B 271 -10.01 14.27 32.19
N GLU B 272 -9.50 13.42 31.30
CA GLU B 272 -10.24 13.08 30.09
C GLU B 272 -11.51 12.31 30.42
N LEU B 273 -11.44 11.40 31.39
CA LEU B 273 -12.63 10.65 31.80
C LEU B 273 -13.71 11.57 32.34
N ALA B 274 -13.30 12.61 33.08
CA ALA B 274 -14.28 13.56 33.60
C ALA B 274 -15.02 14.27 32.48
N LYS B 275 -14.37 14.47 31.33
CA LYS B 275 -15.04 15.08 30.19
C LYS B 275 -16.09 14.14 29.59
N MET B 276 -15.91 12.83 29.73
CA MET B 276 -16.84 11.87 29.13
C MET B 276 -18.04 11.58 30.00
N GLU B 277 -17.90 11.69 31.32
CA GLU B 277 -18.96 11.26 32.23
C GLU B 277 -20.30 11.96 32.03
N PRO B 278 -20.39 13.29 31.86
CA PRO B 278 -21.71 13.92 31.76
C PRO B 278 -22.59 13.40 30.63
N PHE B 279 -22.02 12.67 29.67
CA PHE B 279 -22.77 12.20 28.51
C PHE B 279 -22.92 10.68 28.49
N PHE B 280 -22.54 10.00 29.58
CA PHE B 280 -22.80 8.58 29.70
C PHE B 280 -24.30 8.31 29.60
N PRO B 281 -24.70 7.18 29.03
CA PRO B 281 -26.09 6.74 29.17
C PRO B 281 -26.38 6.37 30.61
N SER B 282 -27.67 6.25 30.92
CA SER B 282 -28.09 6.01 32.30
C SER B 282 -27.53 4.69 32.81
N GLY B 283 -26.98 4.72 34.02
CA GLY B 283 -26.44 3.55 34.68
C GLY B 283 -24.95 3.38 34.54
N LEU B 284 -24.36 3.91 33.47
CA LEU B 284 -22.93 3.72 33.24
C LEU B 284 -22.11 4.44 34.30
N LYS B 285 -21.08 3.77 34.78
CA LYS B 285 -20.25 4.28 35.87
C LYS B 285 -18.82 3.82 35.66
N ILE B 286 -17.88 4.69 35.99
CA ILE B 286 -16.47 4.38 35.92
C ILE B 286 -16.01 3.87 37.29
N VAL B 287 -15.35 2.72 37.31
CA VAL B 287 -14.70 2.21 38.50
C VAL B 287 -13.21 2.14 38.23
N TYR B 288 -12.41 2.24 39.29
CA TYR B 288 -10.95 2.27 39.20
C TYR B 288 -10.40 1.06 39.94
N PRO B 289 -10.43 -0.12 39.31
CA PRO B 289 -10.08 -1.36 40.02
C PRO B 289 -8.59 -1.65 40.10
N TYR B 290 -7.73 -0.81 39.52
CA TYR B 290 -6.28 -1.09 39.52
C TYR B 290 -5.54 0.22 39.31
N ASP B 291 -5.11 0.84 40.41
CA ASP B 291 -4.29 2.04 40.38
C ASP B 291 -2.94 1.72 40.99
N THR B 292 -1.87 1.90 40.22
CA THR B 292 -0.52 1.68 40.73
C THR B 292 0.03 2.96 41.37
N GLN B 310 1.12 -0.28 48.62
CA GLN B 310 0.85 -0.84 47.30
C GLN B 310 -0.65 -0.81 47.01
N GLY B 311 -1.41 -1.66 47.70
CA GLY B 311 -2.85 -1.67 47.59
C GLY B 311 -3.43 -2.44 46.42
N VAL B 312 -2.61 -2.87 45.47
CA VAL B 312 -3.08 -3.60 44.30
C VAL B 312 -2.14 -4.75 44.01
N PHE B 313 -2.68 -5.79 43.38
CA PHE B 313 -1.89 -6.90 42.87
C PHE B 313 -2.71 -7.63 41.82
N MET B 314 -2.05 -8.57 41.14
CA MET B 314 -2.67 -9.30 40.04
C MET B 314 -2.69 -10.79 40.33
N THR B 315 -3.52 -11.50 39.57
CA THR B 315 -3.56 -12.96 39.60
C THR B 315 -3.66 -13.45 38.17
N MET B 316 -2.69 -14.24 37.73
CA MET B 316 -2.70 -14.78 36.37
C MET B 316 -3.30 -16.18 36.37
N VAL B 317 -4.01 -16.49 35.28
CA VAL B 317 -4.69 -17.77 35.12
C VAL B 317 -4.25 -18.34 33.77
N GLN B 318 -3.56 -19.48 33.80
CA GLN B 318 -3.03 -20.11 32.60
C GLN B 318 -3.50 -21.55 32.54
N LEU B 319 -4.44 -21.82 31.65
CA LEU B 319 -4.90 -23.17 31.37
C LEU B 319 -4.08 -23.77 30.24
N PRO B 320 -4.02 -25.10 30.15
CA PRO B 320 -3.25 -25.72 29.06
C PRO B 320 -3.87 -25.42 27.71
N ALA B 321 -3.02 -25.44 26.68
CA ALA B 321 -3.48 -25.14 25.33
C ALA B 321 -4.56 -26.13 24.90
N GLY B 322 -5.61 -25.60 24.27
CA GLY B 322 -6.77 -26.38 23.92
C GLY B 322 -7.98 -26.17 24.80
N ALA B 323 -7.84 -25.41 25.90
CA ALA B 323 -8.93 -25.16 26.80
C ALA B 323 -9.83 -24.05 26.26
N THR B 324 -11.14 -24.22 26.44
CA THR B 324 -12.12 -23.30 25.88
C THR B 324 -12.41 -22.15 26.84
N GLN B 325 -13.23 -21.21 26.36
CA GLN B 325 -13.58 -20.04 27.15
C GLN B 325 -14.35 -20.41 28.40
N GLU B 326 -15.19 -21.45 28.32
CA GLU B 326 -16.03 -21.83 29.45
C GLU B 326 -15.18 -22.40 30.59
N ARG B 327 -14.18 -23.20 30.26
CA ARG B 327 -13.36 -23.79 31.31
C ARG B 327 -12.46 -22.73 31.97
N THR B 328 -11.95 -21.78 31.18
CA THR B 328 -11.18 -20.69 31.76
C THR B 328 -12.04 -19.83 32.67
N GLN B 329 -13.30 -19.59 32.27
CA GLN B 329 -14.20 -18.80 33.11
C GLN B 329 -14.52 -19.52 34.41
N LYS B 330 -14.57 -20.85 34.40
CA LYS B 330 -14.78 -21.60 35.64
C LYS B 330 -13.65 -21.35 36.63
N VAL B 331 -12.41 -21.31 36.14
CA VAL B 331 -11.27 -21.05 37.00
C VAL B 331 -11.29 -19.61 37.50
N LEU B 332 -11.60 -18.66 36.60
CA LEU B 332 -11.72 -17.27 37.00
C LEU B 332 -12.78 -17.10 38.08
N ASN B 333 -13.88 -17.86 37.98
CA ASN B 333 -14.92 -17.79 39.00
C ASN B 333 -14.39 -18.20 40.36
N GLU B 334 -13.62 -19.29 40.43
CA GLU B 334 -13.06 -19.73 41.69
C GLU B 334 -12.07 -18.71 42.25
N VAL B 335 -11.27 -18.09 41.38
CA VAL B 335 -10.36 -17.05 41.81
C VAL B 335 -11.13 -15.86 42.38
N THR B 336 -12.11 -15.37 41.63
CA THR B 336 -12.92 -14.25 42.09
C THR B 336 -13.67 -14.60 43.37
N HIS B 337 -14.21 -15.83 43.44
CA HIS B 337 -14.94 -16.27 44.62
C HIS B 337 -14.06 -16.22 45.87
N TYR B 338 -12.81 -16.67 45.75
CA TYR B 338 -11.90 -16.68 46.88
C TYR B 338 -11.70 -15.27 47.44
N TYR B 339 -11.39 -14.31 46.56
CA TYR B 339 -11.18 -12.94 47.01
C TYR B 339 -12.46 -12.31 47.55
N LEU B 340 -13.62 -12.69 47.01
CA LEU B 340 -14.88 -12.09 47.45
C LEU B 340 -15.43 -12.73 48.71
N THR B 341 -14.93 -13.90 49.11
CA THR B 341 -15.39 -14.57 50.32
C THR B 341 -14.28 -14.70 51.36
N LYS B 342 -13.21 -15.44 51.04
CA LYS B 342 -12.15 -15.66 52.02
C LYS B 342 -11.44 -14.37 52.39
N GLU B 343 -11.31 -13.43 51.46
CA GLU B 343 -10.62 -12.16 51.70
C GLU B 343 -11.60 -10.99 51.70
N LYS B 344 -12.80 -11.19 52.25
CA LYS B 344 -13.80 -10.13 52.34
C LYS B 344 -13.22 -8.88 52.98
N ASN B 345 -12.54 -9.03 54.11
CA ASN B 345 -12.12 -7.89 54.92
C ASN B 345 -10.97 -7.12 54.29
N ASN B 346 -10.27 -7.70 53.32
CA ASN B 346 -9.09 -7.07 52.74
C ASN B 346 -9.28 -6.60 51.30
N VAL B 347 -10.05 -7.32 50.50
CA VAL B 347 -10.17 -7.03 49.07
C VAL B 347 -11.36 -6.12 48.84
N GLU B 348 -11.14 -5.03 48.09
CA GLU B 348 -12.22 -4.12 47.73
C GLU B 348 -12.91 -4.54 46.45
N SER B 349 -12.15 -4.94 45.43
CA SER B 349 -12.75 -5.29 44.15
C SER B 349 -11.84 -6.24 43.40
N VAL B 350 -12.44 -6.98 42.48
CA VAL B 350 -11.72 -7.88 41.58
C VAL B 350 -12.20 -7.61 40.16
N PHE B 351 -11.28 -7.23 39.28
CA PHE B 351 -11.56 -7.05 37.86
C PHE B 351 -10.94 -8.22 37.11
N ALA B 352 -11.78 -9.14 36.64
CA ALA B 352 -11.32 -10.37 36.02
C ALA B 352 -11.59 -10.33 34.52
N VAL B 353 -10.58 -10.71 33.73
CA VAL B 353 -10.65 -10.65 32.27
C VAL B 353 -10.43 -12.06 31.73
N ASN B 354 -11.42 -12.57 31.01
CA ASN B 354 -11.33 -13.88 30.38
C ASN B 354 -10.92 -13.70 28.92
N GLY B 355 -9.84 -14.38 28.53
CA GLY B 355 -9.34 -14.34 27.17
C GLY B 355 -8.12 -13.48 26.95
N PHE B 356 -7.72 -12.69 27.94
CA PHE B 356 -6.52 -11.88 27.87
C PHE B 356 -5.62 -12.26 29.04
N GLY B 357 -4.36 -12.56 28.74
CA GLY B 357 -3.44 -12.97 29.77
C GLY B 357 -2.11 -12.26 29.72
N PHE B 358 -1.16 -12.72 30.53
CA PHE B 358 0.15 -12.10 30.58
C PHE B 358 0.83 -12.16 29.20
N ALA B 359 0.80 -13.33 28.57
CA ALA B 359 1.43 -13.55 27.27
C ALA B 359 0.33 -13.65 26.22
N GLY B 360 -0.08 -12.49 25.69
CA GLY B 360 -1.01 -12.46 24.58
C GLY B 360 -2.41 -12.93 24.95
N ARG B 361 -3.26 -12.99 23.92
CA ARG B 361 -4.63 -13.46 24.05
C ARG B 361 -4.70 -14.97 23.95
N GLY B 362 -5.88 -15.51 24.25
CA GLY B 362 -6.12 -16.93 24.15
C GLY B 362 -7.36 -17.39 24.89
N GLN B 363 -8.05 -18.39 24.33
CA GLN B 363 -9.21 -18.97 25.00
C GLN B 363 -8.84 -19.71 26.28
N ASN B 364 -7.55 -19.88 26.56
CA ASN B 364 -7.06 -20.66 27.69
C ASN B 364 -6.34 -19.80 28.72
N THR B 365 -6.48 -18.48 28.66
CA THR B 365 -5.73 -17.60 29.55
C THR B 365 -6.66 -16.52 30.09
N GLY B 366 -6.29 -16.00 31.26
CA GLY B 366 -7.07 -14.96 31.91
C GLY B 366 -6.23 -14.24 32.94
N ILE B 367 -6.81 -13.17 33.48
CA ILE B 367 -6.11 -12.30 34.43
C ILE B 367 -7.14 -11.70 35.36
N ALA B 368 -6.73 -11.44 36.61
CA ALA B 368 -7.57 -10.78 37.60
C ALA B 368 -6.78 -9.67 38.25
N PHE B 369 -7.34 -8.45 38.22
CA PHE B 369 -6.77 -7.30 38.92
C PHE B 369 -7.48 -7.15 40.26
N VAL B 370 -6.72 -7.18 41.34
CA VAL B 370 -7.26 -7.14 42.69
C VAL B 370 -6.88 -5.81 43.33
N SER B 371 -7.86 -5.14 43.93
CA SER B 371 -7.64 -3.88 44.63
C SER B 371 -8.00 -4.06 46.09
N LEU B 372 -7.09 -3.66 46.98
CA LEU B 372 -7.28 -3.84 48.41
C LEU B 372 -7.99 -2.64 49.03
N LYS B 373 -8.56 -2.87 50.21
CA LYS B 373 -9.21 -1.81 50.95
C LYS B 373 -8.17 -0.80 51.44
N ASP B 374 -8.64 0.21 52.15
CA ASP B 374 -7.74 1.23 52.68
C ASP B 374 -6.66 0.58 53.55
N TRP B 375 -5.41 0.99 53.31
CA TRP B 375 -4.29 0.44 54.06
C TRP B 375 -4.48 0.61 55.57
N ALA B 376 -5.09 1.72 56.00
CA ALA B 376 -5.35 1.92 57.42
C ALA B 376 -6.37 0.93 57.96
N ASP B 377 -7.26 0.42 57.09
CA ASP B 377 -8.28 -0.54 57.48
C ASP B 377 -7.82 -1.99 57.34
N ARG B 378 -6.53 -2.22 57.06
CA ARG B 378 -5.95 -3.55 56.95
C ARG B 378 -4.80 -3.68 57.94
N PRO B 379 -5.08 -3.64 59.24
CA PRO B 379 -3.98 -3.69 60.22
C PRO B 379 -3.49 -5.12 60.43
N GLY B 380 -2.19 -5.24 60.63
CA GLY B 380 -1.56 -6.53 60.85
C GLY B 380 -0.72 -6.93 59.65
N GLU B 381 0.35 -7.69 59.93
CA GLU B 381 1.23 -8.14 58.86
C GLU B 381 0.55 -9.17 57.98
N GLU B 382 -0.38 -9.95 58.52
CA GLU B 382 -1.08 -10.96 57.74
C GLU B 382 -2.09 -10.36 56.77
N ASN B 383 -2.37 -9.06 56.88
CA ASN B 383 -3.31 -8.39 55.99
C ASN B 383 -2.61 -7.41 55.06
N LYS B 384 -1.30 -7.53 54.91
CA LYS B 384 -0.56 -6.74 53.94
C LYS B 384 -0.53 -7.47 52.60
N VAL B 385 -0.12 -6.75 51.56
CA VAL B 385 -0.24 -7.26 50.19
C VAL B 385 0.58 -8.55 50.02
N GLU B 386 1.81 -8.56 50.54
CA GLU B 386 2.67 -9.73 50.34
C GLU B 386 2.10 -10.96 51.04
N ALA B 387 1.60 -10.80 52.27
CA ALA B 387 0.99 -11.93 52.96
C ALA B 387 -0.27 -12.40 52.25
N ILE B 388 -1.03 -11.48 51.65
CA ILE B 388 -2.27 -11.86 50.97
C ILE B 388 -1.96 -12.61 49.69
N THR B 389 -1.02 -12.10 48.88
CA THR B 389 -0.67 -12.77 47.64
C THR B 389 -0.08 -14.16 47.91
N MET B 390 0.68 -14.29 49.00
CA MET B 390 1.23 -15.60 49.37
C MET B 390 0.10 -16.57 49.73
N ARG B 391 -0.85 -16.12 50.56
CA ARG B 391 -1.97 -16.98 50.94
C ARG B 391 -2.80 -17.37 49.73
N ALA B 392 -3.00 -16.43 48.79
CA ALA B 392 -3.82 -16.72 47.62
C ALA B 392 -3.15 -17.74 46.71
N THR B 393 -1.83 -17.61 46.51
CA THR B 393 -1.11 -18.57 45.67
C THR B 393 -1.21 -19.98 46.23
N ARG B 394 -1.07 -20.12 47.55
CA ARG B 394 -1.18 -21.45 48.16
C ARG B 394 -2.60 -21.98 48.06
N ALA B 395 -3.60 -21.11 48.18
CA ALA B 395 -4.99 -21.55 48.04
C ALA B 395 -5.27 -21.99 46.60
N PHE B 396 -4.75 -21.26 45.62
CA PHE B 396 -4.97 -21.59 44.22
C PHE B 396 -4.06 -22.72 43.74
N SER B 397 -3.09 -23.15 44.54
CA SER B 397 -2.14 -24.17 44.09
C SER B 397 -2.79 -25.53 43.89
N GLN B 398 -3.95 -25.77 44.50
CA GLN B 398 -4.64 -27.05 44.39
C GLN B 398 -5.69 -27.05 43.27
N ILE B 399 -5.59 -26.13 42.32
CA ILE B 399 -6.49 -26.11 41.17
C ILE B 399 -5.85 -26.94 40.05
N LYS B 400 -6.62 -27.91 39.53
CA LYS B 400 -6.09 -28.88 38.58
C LYS B 400 -5.97 -28.26 37.19
N ASP B 401 -4.90 -28.64 36.48
CA ASP B 401 -4.61 -28.20 35.11
C ASP B 401 -4.86 -26.70 34.95
N ALA B 402 -4.19 -25.91 35.78
CA ALA B 402 -4.28 -24.45 35.70
C ALA B 402 -3.18 -23.84 36.54
N MET B 403 -2.35 -23.01 35.92
CA MET B 403 -1.31 -22.27 36.65
C MET B 403 -1.94 -20.97 37.14
N VAL B 404 -2.29 -20.93 38.42
CA VAL B 404 -2.93 -19.78 39.04
C VAL B 404 -1.99 -19.21 40.09
N PHE B 405 -1.41 -18.04 39.80
CA PHE B 405 -0.44 -17.40 40.68
C PHE B 405 -0.87 -15.97 40.96
N ALA B 406 -0.67 -15.53 42.20
CA ALA B 406 -0.90 -14.15 42.60
C ALA B 406 0.45 -13.50 42.91
N PHE B 407 0.69 -12.34 42.30
CA PHE B 407 1.99 -11.68 42.40
C PHE B 407 1.80 -10.18 42.44
N ASN B 408 2.82 -9.49 42.95
CA ASN B 408 2.80 -8.03 43.07
C ASN B 408 3.66 -7.37 42.00
N GLY B 420 15.66 -15.97 38.53
CA GLY B 420 15.88 -17.13 37.68
C GLY B 420 16.64 -16.81 36.42
N PHE B 421 16.63 -17.73 35.46
CA PHE B 421 17.27 -17.52 34.17
C PHE B 421 16.22 -17.54 33.06
N ASP B 422 16.61 -16.97 31.91
CA ASP B 422 15.75 -16.88 30.73
C ASP B 422 16.53 -17.42 29.53
N PHE B 423 16.12 -18.59 29.04
CA PHE B 423 16.89 -19.37 28.09
C PHE B 423 16.11 -19.53 26.79
N GLU B 424 16.82 -19.47 25.66
CA GLU B 424 16.22 -19.57 24.34
C GLU B 424 16.89 -20.68 23.55
N LEU B 425 16.15 -21.76 23.30
CA LEU B 425 16.60 -22.81 22.39
C LEU B 425 16.33 -22.36 20.96
N ILE B 426 17.31 -22.51 20.07
CA ILE B 426 17.28 -21.91 18.75
C ILE B 426 17.50 -22.98 17.68
N ASP B 427 16.63 -22.98 16.67
CA ASP B 427 16.82 -23.81 15.48
C ASP B 427 17.79 -23.10 14.54
N GLN B 428 19.02 -23.62 14.43
CA GLN B 428 20.07 -22.97 13.68
C GLN B 428 20.30 -23.55 12.29
N ALA B 429 19.61 -24.66 11.95
CA ALA B 429 19.90 -25.32 10.67
C ALA B 429 18.62 -25.78 9.98
N GLY B 430 17.53 -25.03 10.11
CA GLY B 430 16.29 -25.37 9.43
C GLY B 430 15.70 -26.70 9.85
N LEU B 431 15.88 -27.08 11.12
CA LEU B 431 15.42 -28.40 11.57
C LEU B 431 13.90 -28.50 11.52
N GLY B 432 13.20 -27.45 11.91
CA GLY B 432 11.75 -27.44 11.90
C GLY B 432 11.17 -27.53 13.30
N HIS B 433 9.85 -27.33 13.35
CA HIS B 433 9.17 -27.25 14.65
C HIS B 433 9.20 -28.59 15.37
N GLU B 434 8.89 -29.68 14.67
CA GLU B 434 8.80 -30.98 15.31
C GLU B 434 10.15 -31.39 15.93
N LYS B 435 11.24 -31.20 15.19
CA LYS B 435 12.55 -31.58 15.70
C LYS B 435 13.01 -30.65 16.82
N LEU B 436 12.65 -29.37 16.75
CA LEU B 436 13.01 -28.46 17.83
C LEU B 436 12.28 -28.81 19.12
N THR B 437 11.04 -29.31 19.01
CA THR B 437 10.31 -29.76 20.19
C THR B 437 11.02 -30.93 20.85
N GLN B 438 11.43 -31.91 20.05
CA GLN B 438 12.14 -33.07 20.60
C GLN B 438 13.45 -32.65 21.26
N ALA B 439 14.19 -31.73 20.63
CA ALA B 439 15.41 -31.23 21.25
C ALA B 439 15.11 -30.45 22.52
N ARG B 440 13.96 -29.78 22.58
CA ARG B 440 13.54 -29.11 23.80
C ARG B 440 13.22 -30.13 24.89
N ASN B 441 12.45 -31.16 24.55
CA ASN B 441 12.10 -32.20 25.51
C ASN B 441 13.35 -32.91 26.02
N GLN B 442 14.33 -33.13 25.14
CA GLN B 442 15.57 -33.77 25.57
C GLN B 442 16.31 -32.90 26.58
N LEU B 443 16.30 -31.58 26.39
CA LEU B 443 16.98 -30.70 27.32
C LEU B 443 16.23 -30.61 28.65
N LEU B 444 14.90 -30.65 28.60
CA LEU B 444 14.12 -30.59 29.84
C LEU B 444 14.29 -31.86 30.66
N ALA B 445 14.34 -33.02 29.99
CA ALA B 445 14.47 -34.28 30.71
C ALA B 445 15.82 -34.39 31.41
N GLU B 446 16.87 -33.88 30.76
CA GLU B 446 18.19 -33.90 31.39
C GLU B 446 18.28 -32.90 32.54
N ALA B 447 17.64 -31.74 32.37
CA ALA B 447 17.59 -30.77 33.47
C ALA B 447 16.78 -31.29 34.64
N ALA B 448 15.81 -32.17 34.37
CA ALA B 448 15.06 -32.81 35.45
C ALA B 448 15.89 -33.81 36.22
N LYS B 449 16.97 -34.30 35.63
CA LYS B 449 17.88 -35.21 36.31
C LYS B 449 18.93 -34.50 37.16
N HIS B 450 18.86 -33.18 37.27
CA HIS B 450 19.74 -32.40 38.13
C HIS B 450 18.90 -31.52 39.05
N PRO B 451 18.14 -32.12 39.97
CA PRO B 451 17.37 -31.31 40.93
C PRO B 451 18.26 -30.57 41.93
N ASP B 452 19.55 -30.89 41.98
CA ASP B 452 20.48 -30.24 42.88
C ASP B 452 20.92 -28.87 42.39
N MET B 453 20.70 -28.55 41.13
CA MET B 453 21.15 -27.28 40.56
C MET B 453 20.04 -26.53 39.86
N LEU B 454 19.13 -27.22 39.18
CA LEU B 454 18.05 -26.59 38.42
C LEU B 454 16.71 -27.03 38.99
N THR B 455 15.83 -26.08 39.23
CA THR B 455 14.49 -26.37 39.72
C THR B 455 13.45 -25.69 38.83
N SER B 456 12.40 -26.43 38.50
CA SER B 456 11.31 -25.98 37.65
C SER B 456 11.82 -25.38 36.34
N VAL B 457 12.60 -26.17 35.62
CA VAL B 457 13.00 -25.83 34.25
C VAL B 457 11.86 -26.22 33.33
N ARG B 458 11.19 -25.22 32.76
CA ARG B 458 9.92 -25.42 32.08
C ARG B 458 9.88 -24.60 30.80
N PRO B 459 9.04 -24.99 29.84
CA PRO B 459 8.83 -24.13 28.66
C PRO B 459 7.92 -22.97 29.01
N ASN B 460 8.20 -21.81 28.41
CA ASN B 460 7.38 -20.63 28.62
C ASN B 460 6.17 -20.58 27.67
N GLY B 461 6.19 -21.36 26.60
CA GLY B 461 5.16 -21.30 25.58
C GLY B 461 4.11 -22.37 25.74
N LEU B 462 3.49 -22.75 24.63
CA LEU B 462 2.38 -23.68 24.60
C LEU B 462 2.78 -24.98 23.89
N GLU B 463 1.98 -26.01 24.15
CA GLU B 463 2.20 -27.33 23.58
C GLU B 463 1.34 -27.53 22.33
N ASP B 464 1.79 -28.44 21.47
CA ASP B 464 1.01 -28.79 20.29
C ASP B 464 -0.36 -29.32 20.70
N THR B 465 -1.37 -28.97 19.92
CA THR B 465 -2.75 -29.37 20.15
C THR B 465 -3.31 -30.00 18.88
N PRO B 466 -4.35 -30.82 19.01
CA PRO B 466 -4.99 -31.37 17.81
C PRO B 466 -5.54 -30.26 16.93
N GLN B 467 -5.39 -30.44 15.61
CA GLN B 467 -5.96 -29.51 14.66
C GLN B 467 -6.55 -30.28 13.49
N PHE B 468 -7.38 -29.59 12.72
CA PHE B 468 -8.17 -30.19 11.64
C PHE B 468 -7.49 -29.88 10.31
N LYS B 469 -6.82 -30.87 9.74
CA LYS B 469 -6.17 -30.71 8.46
C LYS B 469 -7.11 -31.17 7.35
N ILE B 470 -7.51 -30.23 6.49
CA ILE B 470 -8.41 -30.53 5.38
C ILE B 470 -7.64 -30.32 4.08
N ASP B 471 -7.68 -31.32 3.22
CA ASP B 471 -7.00 -31.29 1.93
C ASP B 471 -8.01 -31.04 0.82
N ILE B 472 -7.76 -30.01 0.03
CA ILE B 472 -8.59 -29.70 -1.14
C ILE B 472 -8.05 -30.51 -2.32
N ASP B 473 -8.92 -31.30 -2.93
CA ASP B 473 -8.51 -32.11 -4.08
C ASP B 473 -8.59 -31.25 -5.33
N GLN B 474 -7.43 -30.88 -5.87
CA GLN B 474 -7.38 -30.01 -7.03
C GLN B 474 -7.98 -30.67 -8.27
N GLU B 475 -7.81 -31.98 -8.41
CA GLU B 475 -8.35 -32.67 -9.58
C GLU B 475 -9.87 -32.67 -9.56
N LYS B 476 -10.47 -33.09 -8.45
CA LYS B 476 -11.93 -33.12 -8.36
C LYS B 476 -12.51 -31.72 -8.50
N ALA B 477 -11.84 -30.72 -7.93
CA ALA B 477 -12.33 -29.34 -8.05
C ALA B 477 -12.34 -28.89 -9.51
N GLN B 478 -11.26 -29.18 -10.25
CA GLN B 478 -11.21 -28.81 -11.66
C GLN B 478 -12.20 -29.61 -12.49
N ALA B 479 -12.34 -30.91 -12.19
CA ALA B 479 -13.26 -31.74 -12.94
C ALA B 479 -14.70 -31.27 -12.77
N LEU B 480 -15.03 -30.74 -11.59
CA LEU B 480 -16.37 -30.24 -11.32
C LEU B 480 -16.56 -28.78 -11.68
N GLY B 481 -15.49 -28.08 -12.05
CA GLY B 481 -15.60 -26.67 -12.38
C GLY B 481 -15.76 -25.76 -11.17
N VAL B 482 -15.14 -26.10 -10.05
CA VAL B 482 -15.21 -25.32 -8.83
C VAL B 482 -13.86 -24.64 -8.62
N SER B 483 -13.86 -23.31 -8.56
CA SER B 483 -12.63 -22.56 -8.45
C SER B 483 -12.07 -22.64 -7.03
N ILE B 484 -10.73 -22.71 -6.94
CA ILE B 484 -10.08 -22.79 -5.63
C ILE B 484 -10.33 -21.52 -4.82
N ASN B 485 -10.43 -20.38 -5.49
CA ASN B 485 -10.71 -19.13 -4.79
C ASN B 485 -12.06 -19.18 -4.10
N ASP B 486 -13.08 -19.70 -4.79
CA ASP B 486 -14.40 -19.85 -4.18
C ASP B 486 -14.36 -20.85 -3.02
N ILE B 487 -13.55 -21.90 -3.15
CA ILE B 487 -13.47 -22.91 -2.10
C ILE B 487 -12.84 -22.33 -0.84
N ASN B 488 -11.67 -21.68 -0.98
CA ASN B 488 -10.97 -21.18 0.19
C ASN B 488 -11.66 -19.98 0.81
N THR B 489 -12.34 -19.17 -0.01
CA THR B 489 -13.11 -18.05 0.54
C THR B 489 -14.33 -18.56 1.30
N THR B 490 -15.04 -19.54 0.73
CA THR B 490 -16.17 -20.13 1.44
C THR B 490 -15.73 -20.74 2.76
N LEU B 491 -14.62 -21.47 2.75
CA LEU B 491 -14.14 -22.12 3.97
C LEU B 491 -13.68 -21.08 4.99
N GLY B 492 -12.90 -20.09 4.56
CA GLY B 492 -12.34 -19.13 5.50
C GLY B 492 -13.37 -18.15 6.03
N ALA B 493 -14.23 -17.63 5.17
CA ALA B 493 -15.24 -16.69 5.62
C ALA B 493 -16.23 -17.37 6.57
N ALA B 494 -16.66 -18.58 6.25
CA ALA B 494 -17.63 -19.28 7.09
C ALA B 494 -17.03 -19.63 8.44
N TRP B 495 -15.88 -20.31 8.45
CA TRP B 495 -15.33 -20.85 9.68
C TRP B 495 -14.41 -19.90 10.42
N GLY B 496 -13.89 -18.88 9.75
CA GLY B 496 -12.95 -17.98 10.40
C GLY B 496 -13.41 -16.54 10.43
N GLY B 497 -14.38 -16.18 9.61
CA GLY B 497 -14.81 -14.80 9.53
C GLY B 497 -13.98 -14.00 8.54
N SER B 498 -14.63 -13.00 7.94
CA SER B 498 -13.99 -12.18 6.93
C SER B 498 -14.39 -10.73 7.14
N TYR B 499 -13.38 -9.84 7.22
CA TYR B 499 -13.58 -8.41 7.28
C TYR B 499 -13.89 -7.90 5.88
N VAL B 500 -15.15 -7.54 5.62
CA VAL B 500 -15.59 -7.14 4.29
C VAL B 500 -15.21 -5.69 4.02
N ASN B 501 -15.90 -4.76 4.68
CA ASN B 501 -15.63 -3.33 4.53
C ASN B 501 -16.17 -2.62 5.76
N ASP B 502 -16.31 -1.30 5.66
CA ASP B 502 -16.72 -0.47 6.80
C ASP B 502 -18.15 0.02 6.63
N PHE B 503 -18.80 0.30 7.76
CA PHE B 503 -20.10 0.95 7.79
C PHE B 503 -20.09 1.99 8.90
N ILE B 504 -21.16 2.77 8.99
CA ILE B 504 -21.25 3.88 9.93
C ILE B 504 -22.29 3.53 10.99
N ASP B 505 -21.83 3.26 12.20
CA ASP B 505 -22.70 2.94 13.34
C ASP B 505 -22.80 4.17 14.22
N ARG B 506 -23.94 4.86 14.15
CA ARG B 506 -24.21 6.04 14.97
C ARG B 506 -23.10 7.09 14.81
N GLY B 507 -22.73 7.35 13.55
CA GLY B 507 -21.76 8.36 13.23
C GLY B 507 -20.31 7.93 13.28
N ARG B 508 -20.02 6.68 13.65
CA ARG B 508 -18.65 6.20 13.79
C ARG B 508 -18.36 5.09 12.79
N VAL B 509 -17.21 5.20 12.13
CA VAL B 509 -16.76 4.16 11.21
C VAL B 509 -16.46 2.89 11.99
N LYS B 510 -17.05 1.77 11.57
CA LYS B 510 -16.83 0.48 12.19
C LYS B 510 -16.79 -0.59 11.10
N LYS B 511 -16.43 -1.81 11.49
CA LYS B 511 -16.18 -2.90 10.55
C LYS B 511 -17.45 -3.71 10.28
N VAL B 512 -17.43 -4.42 9.16
CA VAL B 512 -18.48 -5.37 8.78
C VAL B 512 -17.84 -6.73 8.63
N TYR B 513 -18.42 -7.74 9.29
CA TYR B 513 -17.86 -9.08 9.32
C TYR B 513 -18.87 -10.09 8.82
N VAL B 514 -18.40 -10.99 7.97
CA VAL B 514 -19.19 -12.11 7.45
C VAL B 514 -18.63 -13.39 8.06
N MET B 515 -19.52 -14.21 8.62
CA MET B 515 -19.10 -15.44 9.26
C MET B 515 -20.31 -16.37 9.39
N SER B 516 -20.03 -17.66 9.53
CA SER B 516 -21.09 -18.62 9.74
C SER B 516 -21.71 -18.44 11.12
N GLU B 517 -23.03 -18.57 11.19
CA GLU B 517 -23.68 -18.67 12.50
C GLU B 517 -23.08 -19.84 13.26
N ALA B 518 -23.03 -19.69 14.59
CA ALA B 518 -22.27 -20.62 15.44
C ALA B 518 -22.65 -22.07 15.19
N LYS B 519 -23.95 -22.36 15.10
CA LYS B 519 -24.41 -23.75 15.05
C LYS B 519 -23.99 -24.47 13.76
N TYR B 520 -23.46 -23.76 12.77
CA TYR B 520 -23.04 -24.39 11.52
C TYR B 520 -21.51 -24.45 11.38
N ARG B 521 -20.78 -24.24 12.48
CA ARG B 521 -19.32 -24.28 12.41
C ARG B 521 -18.75 -24.82 13.72
N MET B 522 -19.36 -25.87 14.25
CA MET B 522 -18.93 -26.45 15.53
C MET B 522 -18.33 -27.83 15.41
N LEU B 523 -18.81 -28.66 14.49
CA LEU B 523 -18.44 -30.06 14.39
C LEU B 523 -17.87 -30.38 13.02
N PRO B 524 -16.97 -31.36 12.92
CA PRO B 524 -16.39 -31.69 11.61
C PRO B 524 -17.41 -32.06 10.55
N ASP B 525 -18.54 -32.65 10.95
CA ASP B 525 -19.59 -32.98 9.97
C ASP B 525 -20.16 -31.73 9.33
N ASP B 526 -20.10 -30.58 10.02
CA ASP B 526 -20.61 -29.35 9.46
C ASP B 526 -19.86 -28.93 8.21
N ILE B 527 -18.62 -29.38 8.03
CA ILE B 527 -17.85 -29.07 6.83
C ILE B 527 -18.64 -29.44 5.58
N GLY B 528 -19.28 -30.61 5.60
CA GLY B 528 -20.04 -31.08 4.46
C GLY B 528 -21.32 -30.34 4.19
N ASP B 529 -21.77 -29.50 5.13
CA ASP B 529 -23.00 -28.74 4.94
C ASP B 529 -22.80 -27.47 4.12
N TRP B 530 -21.56 -27.14 3.77
CA TRP B 530 -21.24 -25.93 3.03
C TRP B 530 -21.10 -26.26 1.55
N TYR B 531 -21.75 -25.48 0.70
CA TYR B 531 -21.79 -25.73 -0.73
C TYR B 531 -21.10 -24.59 -1.47
N VAL B 532 -20.41 -24.95 -2.55
CA VAL B 532 -19.78 -23.99 -3.45
C VAL B 532 -20.40 -24.15 -4.83
N ARG B 533 -20.69 -23.03 -5.49
CA ARG B 533 -21.27 -23.08 -6.81
C ARG B 533 -20.18 -23.27 -7.86
N ALA B 534 -20.40 -24.23 -8.76
CA ALA B 534 -19.45 -24.51 -9.82
C ALA B 534 -19.69 -23.59 -11.01
N ALA B 535 -18.80 -23.68 -12.00
CA ALA B 535 -18.90 -22.83 -13.17
C ALA B 535 -20.19 -23.05 -13.95
N ASP B 536 -20.76 -24.26 -13.88
CA ASP B 536 -22.00 -24.57 -14.58
C ASP B 536 -23.24 -24.27 -13.74
N GLY B 537 -23.08 -23.60 -12.61
CA GLY B 537 -24.20 -23.23 -11.77
C GLY B 537 -24.65 -24.29 -10.78
N GLN B 538 -23.99 -25.45 -10.75
CA GLN B 538 -24.39 -26.51 -9.84
C GLN B 538 -23.75 -26.30 -8.46
N MET B 539 -24.49 -26.65 -7.42
CA MET B 539 -24.00 -26.55 -6.05
C MET B 539 -23.27 -27.84 -5.68
N VAL B 540 -22.08 -27.68 -5.11
CA VAL B 540 -21.17 -28.79 -4.82
C VAL B 540 -20.82 -28.75 -3.35
N PRO B 541 -21.07 -29.81 -2.59
CA PRO B 541 -20.72 -29.81 -1.16
C PRO B 541 -19.22 -29.97 -0.95
N PHE B 542 -18.75 -29.46 0.18
CA PHE B 542 -17.31 -29.54 0.50
C PHE B 542 -16.83 -30.97 0.55
N SER B 543 -17.70 -31.91 0.91
CA SER B 543 -17.31 -33.31 0.99
C SER B 543 -16.95 -33.88 -0.38
N ALA B 544 -17.44 -33.26 -1.46
CA ALA B 544 -17.18 -33.82 -2.78
C ALA B 544 -15.74 -33.61 -3.23
N PHE B 545 -15.07 -32.57 -2.71
CA PHE B 545 -13.71 -32.25 -3.18
C PHE B 545 -12.71 -32.09 -2.03
N SER B 546 -13.01 -32.64 -0.85
CA SER B 546 -12.11 -32.48 0.28
C SER B 546 -12.00 -33.78 1.06
N SER B 547 -10.94 -33.87 1.84
CA SER B 547 -10.73 -34.96 2.79
C SER B 547 -10.02 -34.37 4.00
N SER B 548 -10.22 -34.98 5.16
CA SER B 548 -9.72 -34.40 6.39
C SER B 548 -9.22 -35.48 7.34
N ARG B 549 -8.31 -35.07 8.21
CA ARG B 549 -7.74 -35.96 9.22
C ARG B 549 -7.29 -35.11 10.40
N TRP B 550 -7.17 -35.75 11.56
CA TRP B 550 -6.63 -35.09 12.74
C TRP B 550 -5.11 -35.16 12.74
N GLU B 551 -4.49 -34.12 13.27
CA GLU B 551 -3.04 -34.05 13.40
C GLU B 551 -2.71 -33.06 14.51
N TYR B 552 -1.42 -32.94 14.83
CA TYR B 552 -0.96 -32.02 15.87
C TYR B 552 -0.18 -30.88 15.25
N GLY B 553 -0.34 -29.69 15.82
CA GLY B 553 0.34 -28.50 15.36
C GLY B 553 0.43 -27.48 16.47
N SER B 554 1.20 -26.44 16.21
CA SER B 554 1.48 -25.48 17.29
C SER B 554 0.42 -24.40 17.34
N PRO B 555 -0.09 -24.06 18.52
CA PRO B 555 -0.93 -22.87 18.67
C PRO B 555 -0.14 -21.60 18.89
N ARG B 556 1.15 -21.69 19.16
CA ARG B 556 2.00 -20.51 19.31
C ARG B 556 3.41 -20.87 18.87
N LEU B 557 3.87 -20.22 17.80
CA LEU B 557 5.22 -20.41 17.29
C LEU B 557 6.09 -19.24 17.72
N GLU B 558 7.27 -19.55 18.24
CA GLU B 558 8.19 -18.53 18.75
C GLU B 558 9.39 -18.41 17.83
N ARG B 559 9.96 -17.21 17.79
CA ARG B 559 11.19 -16.94 17.05
C ARG B 559 12.07 -16.01 17.86
N TYR B 560 13.38 -16.19 17.72
CA TYR B 560 14.35 -15.34 18.41
C TYR B 560 15.44 -14.95 17.42
N ASN B 561 15.58 -13.63 17.21
CA ASN B 561 16.56 -13.08 16.27
C ASN B 561 16.40 -13.71 14.89
N GLY B 562 15.14 -13.89 14.47
CA GLY B 562 14.83 -14.33 13.12
C GLY B 562 14.74 -15.83 12.93
N LEU B 563 15.12 -16.64 13.91
CA LEU B 563 15.13 -18.09 13.77
C LEU B 563 14.08 -18.73 14.67
N PRO B 564 13.56 -19.90 14.31
CA PRO B 564 12.62 -20.59 15.20
C PRO B 564 13.27 -20.86 16.55
N SER B 565 12.47 -20.72 17.61
CA SER B 565 13.02 -20.78 18.96
C SER B 565 11.96 -21.25 19.94
N MET B 566 12.44 -21.60 21.14
CA MET B 566 11.57 -22.02 22.23
C MET B 566 12.16 -21.52 23.53
N GLU B 567 11.44 -20.63 24.20
CA GLU B 567 11.91 -20.01 25.44
C GLU B 567 11.74 -20.98 26.61
N ILE B 568 12.78 -21.11 27.43
CA ILE B 568 12.78 -22.01 28.58
C ILE B 568 13.09 -21.19 29.82
N LEU B 569 12.28 -21.36 30.85
CA LEU B 569 12.43 -20.65 32.11
C LEU B 569 12.85 -21.60 33.21
N GLY B 570 13.41 -21.02 34.28
CA GLY B 570 13.86 -21.80 35.41
C GLY B 570 14.69 -20.95 36.33
N GLN B 571 14.96 -21.51 37.51
CA GLN B 571 15.76 -20.84 38.52
C GLN B 571 16.73 -21.84 39.13
N ALA B 572 17.72 -21.31 39.84
CA ALA B 572 18.72 -22.16 40.48
C ALA B 572 18.13 -22.86 41.71
N ALA B 573 18.65 -24.04 42.00
CA ALA B 573 18.25 -24.77 43.19
C ALA B 573 18.67 -24.01 44.44
N PRO B 574 18.04 -24.29 45.58
CA PRO B 574 18.45 -23.63 46.83
C PRO B 574 19.92 -23.84 47.12
N GLY B 575 20.59 -22.76 47.51
CA GLY B 575 22.00 -22.81 47.82
C GLY B 575 22.93 -22.77 46.62
N LYS B 576 22.43 -22.42 45.45
CA LYS B 576 23.23 -22.35 44.24
C LYS B 576 23.06 -20.99 43.59
N SER B 577 24.14 -20.48 43.02
CA SER B 577 24.09 -19.19 42.34
C SER B 577 23.51 -19.36 40.93
N THR B 578 23.00 -18.25 40.40
CA THR B 578 22.42 -18.28 39.06
C THR B 578 23.47 -18.61 38.00
N GLY B 579 24.71 -18.16 38.20
CA GLY B 579 25.77 -18.48 37.26
C GLY B 579 26.05 -19.97 37.21
N GLU B 580 26.01 -20.64 38.36
CA GLU B 580 26.20 -22.09 38.38
C GLU B 580 25.08 -22.79 37.63
N ALA B 581 23.84 -22.36 37.84
CA ALA B 581 22.71 -22.95 37.12
C ALA B 581 22.79 -22.66 35.63
N MET B 582 23.16 -21.43 35.26
CA MET B 582 23.24 -21.08 33.85
C MET B 582 24.30 -21.91 33.12
N GLU B 583 25.45 -22.11 33.77
CA GLU B 583 26.53 -22.87 33.14
C GLU B 583 26.15 -24.33 32.96
N LEU B 584 25.45 -24.91 33.92
CA LEU B 584 24.94 -26.26 33.75
C LEU B 584 24.00 -26.35 32.56
N MET B 585 23.18 -25.31 32.36
CA MET B 585 22.30 -25.29 31.19
C MET B 585 23.12 -25.27 29.91
N GLU B 586 24.23 -24.53 29.90
CA GLU B 586 25.08 -24.49 28.71
C GLU B 586 25.74 -25.85 28.46
N GLN B 587 26.14 -26.54 29.53
CA GLN B 587 26.71 -27.87 29.38
C GLN B 587 25.70 -28.83 28.77
N LEU B 588 24.47 -28.84 29.31
CA LEU B 588 23.44 -29.71 28.77
C LEU B 588 23.08 -29.34 27.34
N ALA B 589 23.15 -28.05 27.00
CA ALA B 589 22.80 -27.60 25.66
C ALA B 589 23.85 -28.03 24.63
N SER B 590 25.11 -28.19 25.07
CA SER B 590 26.17 -28.56 24.13
C SER B 590 26.09 -30.02 23.69
N LYS B 591 25.24 -30.83 24.33
CA LYS B 591 25.07 -32.23 23.95
C LYS B 591 23.73 -32.47 23.25
N LEU B 592 23.14 -31.42 22.69
CA LEU B 592 21.88 -31.50 21.96
C LEU B 592 22.15 -31.86 20.50
N PRO B 593 21.12 -32.31 19.76
CA PRO B 593 21.33 -32.70 18.37
C PRO B 593 21.94 -31.60 17.52
N THR B 594 22.49 -32.01 16.38
CA THR B 594 23.17 -31.10 15.47
C THR B 594 22.20 -30.07 14.90
N GLY B 595 22.58 -28.80 14.96
CA GLY B 595 21.75 -27.72 14.48
C GLY B 595 20.95 -27.00 15.55
N VAL B 596 20.99 -27.46 16.80
CA VAL B 596 20.25 -26.86 17.88
C VAL B 596 21.20 -25.94 18.64
N GLY B 597 20.96 -24.63 18.56
CA GLY B 597 21.72 -23.65 19.30
C GLY B 597 20.96 -23.14 20.52
N TYR B 598 21.51 -22.09 21.12
CA TYR B 598 20.90 -21.50 22.29
C TYR B 598 21.43 -20.10 22.50
N ASP B 599 20.78 -19.35 23.40
CA ASP B 599 21.17 -17.99 23.73
C ASP B 599 20.45 -17.58 25.00
N TRP B 600 21.04 -16.63 25.70
CA TRP B 600 20.42 -16.03 26.89
C TRP B 600 19.75 -14.72 26.52
N THR B 601 18.64 -14.43 27.20
CA THR B 601 17.86 -13.24 26.93
C THR B 601 17.29 -12.69 28.23
N GLY B 602 16.70 -11.50 28.14
CA GLY B 602 16.04 -10.90 29.30
C GLY B 602 17.03 -10.64 30.42
N MET B 603 16.69 -11.14 31.61
CA MET B 603 17.57 -10.94 32.77
C MET B 603 18.90 -11.65 32.61
N SER B 604 18.91 -12.79 31.91
CA SER B 604 20.15 -13.55 31.72
C SER B 604 21.06 -12.97 30.67
N TYR B 605 20.68 -11.86 30.05
CA TYR B 605 21.50 -11.24 29.00
C TYR B 605 22.50 -10.27 29.61
N ALA C 2 2.91 31.05 19.54
CA ALA C 2 1.87 30.16 19.04
C ALA C 2 2.29 28.70 19.18
N PRO C 3 1.35 27.83 19.55
CA PRO C 3 1.68 26.40 19.72
C PRO C 3 2.00 25.76 18.38
N PRO C 4 2.96 24.84 18.35
CA PRO C 4 3.26 24.15 17.09
C PRO C 4 2.08 23.31 16.63
N ALA C 5 1.93 23.22 15.31
CA ALA C 5 0.80 22.53 14.71
C ALA C 5 1.27 21.75 13.49
N VAL C 6 0.62 20.61 13.27
CA VAL C 6 0.88 19.75 12.12
C VAL C 6 -0.44 19.52 11.40
N THR C 7 -0.41 19.60 10.06
CA THR C 7 -1.62 19.47 9.25
C THR C 7 -1.49 18.26 8.33
N ILE C 8 -2.50 17.41 8.34
CA ILE C 8 -2.65 16.33 7.37
C ILE C 8 -3.62 16.79 6.29
N SER C 9 -3.18 16.69 5.04
CA SER C 9 -4.00 17.10 3.90
C SER C 9 -4.15 15.91 2.96
N ALA C 10 -5.40 15.56 2.65
CA ALA C 10 -5.70 14.49 1.72
C ALA C 10 -6.75 14.97 0.73
N SER C 11 -6.81 14.31 -0.42
CA SER C 11 -7.70 14.70 -1.50
C SER C 11 -8.41 13.47 -2.04
N TYR C 12 -9.72 13.58 -2.24
CA TYR C 12 -10.56 12.53 -2.82
C TYR C 12 -11.28 13.17 -3.98
N PRO C 13 -10.72 13.11 -5.19
CA PRO C 13 -11.30 13.84 -6.32
C PRO C 13 -12.72 13.37 -6.63
N GLY C 14 -13.64 14.34 -6.69
CA GLY C 14 -15.03 14.06 -6.98
C GLY C 14 -15.86 13.65 -5.78
N ALA C 15 -15.30 13.62 -4.59
CA ALA C 15 -16.03 13.15 -3.41
C ALA C 15 -16.72 14.31 -2.71
N ASP C 16 -17.87 13.99 -2.10
CA ASP C 16 -18.61 14.94 -1.29
C ASP C 16 -18.07 14.94 0.14
N ALA C 17 -18.56 15.92 0.92
CA ALA C 17 -18.04 16.13 2.27
C ALA C 17 -18.21 14.88 3.14
N LYS C 18 -19.39 14.27 3.12
CA LYS C 18 -19.62 13.11 3.97
C LYS C 18 -18.80 11.92 3.49
N THR C 19 -18.67 11.74 2.18
CA THR C 19 -17.81 10.68 1.65
C THR C 19 -16.38 10.87 2.12
N VAL C 20 -15.89 12.10 2.10
CA VAL C 20 -14.53 12.38 2.56
C VAL C 20 -14.39 12.05 4.05
N GLN C 21 -15.36 12.50 4.84
CA GLN C 21 -15.25 12.33 6.29
C GLN C 21 -15.31 10.86 6.69
N ASP C 22 -16.20 10.09 6.06
CA ASP C 22 -16.46 8.73 6.50
C ASP C 22 -15.51 7.70 5.90
N THR C 23 -14.75 8.04 4.85
CA THR C 23 -13.77 7.11 4.31
C THR C 23 -12.34 7.55 4.53
N VAL C 24 -12.10 8.80 4.94
CA VAL C 24 -10.75 9.31 5.11
C VAL C 24 -10.58 9.89 6.51
N THR C 25 -11.33 10.96 6.79
CA THR C 25 -11.13 11.74 8.01
C THR C 25 -11.28 10.89 9.26
N GLN C 26 -12.38 10.14 9.35
CA GLN C 26 -12.60 9.32 10.55
C GLN C 26 -11.53 8.25 10.70
N VAL C 27 -11.11 7.66 9.58
CA VAL C 27 -10.11 6.59 9.63
C VAL C 27 -8.77 7.13 10.10
N ILE C 28 -8.40 8.34 9.65
CA ILE C 28 -7.14 8.92 10.07
C ILE C 28 -7.20 9.34 11.53
N GLU C 29 -8.29 9.98 11.94
CA GLU C 29 -8.43 10.39 13.33
C GLU C 29 -8.34 9.20 14.28
N GLN C 30 -8.96 8.08 13.90
CA GLN C 30 -8.93 6.88 14.74
C GLN C 30 -7.55 6.27 14.88
N ASN C 31 -6.58 6.72 14.08
CA ASN C 31 -5.21 6.23 14.15
C ASN C 31 -4.23 7.27 14.64
N MET C 32 -4.72 8.40 15.17
CA MET C 32 -3.87 9.45 15.72
C MET C 32 -3.51 9.22 17.18
N ASN C 33 -3.36 7.96 17.59
CA ASN C 33 -2.97 7.63 18.95
C ASN C 33 -1.46 7.42 19.04
N GLY C 34 -0.97 7.35 20.27
CA GLY C 34 0.45 7.15 20.49
C GLY C 34 1.32 8.33 20.13
N ILE C 35 0.75 9.53 20.03
CA ILE C 35 1.48 10.74 19.69
C ILE C 35 1.59 11.60 20.93
N ASP C 36 2.80 12.11 21.21
CA ASP C 36 3.08 12.82 22.44
C ASP C 36 2.71 14.29 22.34
N ASN C 37 2.31 14.85 23.49
CA ASN C 37 2.14 16.29 23.67
C ASN C 37 1.03 16.88 22.80
N LEU C 38 -0.01 16.08 22.52
CA LEU C 38 -1.11 16.52 21.67
C LEU C 38 -2.15 17.26 22.51
N MET C 39 -2.37 18.53 22.20
CA MET C 39 -3.36 19.32 22.93
C MET C 39 -4.77 19.03 22.42
N TYR C 40 -5.01 19.25 21.13
CA TYR C 40 -6.29 18.91 20.54
C TYR C 40 -6.10 18.65 19.05
N MET C 41 -7.19 18.20 18.43
CA MET C 41 -7.19 17.79 17.03
C MET C 41 -8.50 18.28 16.41
N SER C 42 -8.41 18.96 15.27
CA SER C 42 -9.59 19.44 14.56
C SER C 42 -9.44 19.14 13.07
N SER C 43 -10.58 18.92 12.42
CA SER C 43 -10.54 18.54 11.01
C SER C 43 -11.73 19.14 10.28
N ASN C 44 -11.56 19.32 8.97
CA ASN C 44 -12.61 19.76 8.05
C ASN C 44 -12.65 18.81 6.87
N SER C 45 -13.86 18.45 6.44
CA SER C 45 -14.07 17.66 5.23
C SER C 45 -15.08 18.39 4.37
N ASP C 46 -14.67 18.84 3.18
CA ASP C 46 -15.48 19.71 2.36
C ASP C 46 -15.92 19.01 1.07
N SER C 47 -16.77 19.71 0.31
CA SER C 47 -17.39 19.17 -0.90
C SER C 47 -16.47 19.20 -2.11
N THR C 48 -15.29 19.78 -2.00
CA THR C 48 -14.29 19.67 -3.07
C THR C 48 -13.44 18.42 -2.95
N GLY C 49 -13.79 17.52 -2.02
CA GLY C 49 -13.05 16.30 -1.83
C GLY C 49 -11.81 16.43 -0.96
N THR C 50 -11.66 17.54 -0.26
CA THR C 50 -10.46 17.83 0.52
C THR C 50 -10.74 17.65 2.01
N VAL C 51 -9.75 17.13 2.73
CA VAL C 51 -9.79 17.07 4.19
C VAL C 51 -8.49 17.66 4.72
N GLN C 52 -8.60 18.50 5.73
CA GLN C 52 -7.45 19.00 6.48
C GLN C 52 -7.64 18.64 7.95
N ILE C 53 -6.64 17.99 8.53
CA ILE C 53 -6.65 17.61 9.93
C ILE C 53 -5.49 18.32 10.60
N THR C 54 -5.80 19.19 11.56
CA THR C 54 -4.80 19.99 12.25
C THR C 54 -4.61 19.46 13.67
N LEU C 55 -3.36 19.14 14.02
CA LEU C 55 -3.00 18.63 15.33
C LEU C 55 -2.13 19.66 16.03
N THR C 56 -2.63 20.19 17.15
CA THR C 56 -1.94 21.23 17.89
C THR C 56 -1.24 20.61 19.09
N PHE C 57 0.01 21.00 19.31
CA PHE C 57 0.86 20.40 20.33
C PHE C 57 1.19 21.42 21.42
N GLU C 58 1.67 20.88 22.54
CA GLU C 58 2.03 21.72 23.69
C GLU C 58 3.10 22.73 23.31
N SER C 59 3.09 23.87 23.99
CA SER C 59 4.13 24.87 23.80
C SER C 59 5.48 24.27 24.17
N GLY C 60 6.46 24.45 23.29
CA GLY C 60 7.78 23.87 23.48
C GLY C 60 7.96 22.50 22.88
N THR C 61 6.93 21.95 22.24
CA THR C 61 7.07 20.66 21.58
C THR C 61 7.96 20.79 20.35
N ASP C 62 8.87 19.83 20.19
CA ASP C 62 9.69 19.75 18.99
C ASP C 62 8.80 19.50 17.77
N ALA C 63 8.73 20.48 16.86
CA ALA C 63 7.87 20.35 15.69
C ALA C 63 8.32 19.25 14.76
N ASP C 64 9.64 18.97 14.71
CA ASP C 64 10.13 17.87 13.90
C ASP C 64 9.67 16.53 14.46
N ILE C 65 9.79 16.36 15.77
CA ILE C 65 9.34 15.12 16.41
C ILE C 65 7.83 14.95 16.24
N ALA C 66 7.08 16.04 16.41
CA ALA C 66 5.64 15.97 16.24
C ALA C 66 5.25 15.60 14.82
N GLN C 67 5.89 16.22 13.83
CA GLN C 67 5.59 15.91 12.44
C GLN C 67 5.90 14.45 12.12
N VAL C 68 7.04 13.94 12.61
CA VAL C 68 7.43 12.57 12.32
C VAL C 68 6.47 11.59 12.98
N GLN C 69 6.10 11.84 14.24
CA GLN C 69 5.18 10.94 14.93
C GLN C 69 3.82 10.90 14.25
N VAL C 70 3.34 12.06 13.77
CA VAL C 70 2.07 12.09 13.05
C VAL C 70 2.22 11.39 11.71
N GLN C 71 3.33 11.61 11.02
CA GLN C 71 3.53 11.02 9.69
C GLN C 71 3.56 9.51 9.76
N ASN C 72 4.21 8.95 10.79
CA ASN C 72 4.32 7.49 10.88
C ASN C 72 2.97 6.86 11.17
N LYS C 73 2.17 7.46 12.04
CA LYS C 73 0.83 6.92 12.31
C LYS C 73 -0.06 6.99 11.08
N LEU C 74 0.07 8.07 10.30
CA LEU C 74 -0.73 8.18 9.09
C LEU C 74 -0.34 7.12 8.06
N GLN C 75 0.95 6.94 7.82
CA GLN C 75 1.40 6.01 6.81
C GLN C 75 1.04 4.57 7.16
N LEU C 76 0.99 4.24 8.44
CA LEU C 76 0.51 2.92 8.83
C LEU C 76 -0.98 2.76 8.58
N ALA C 77 -1.73 3.86 8.49
CA ALA C 77 -3.15 3.82 8.17
C ALA C 77 -3.41 3.95 6.68
N MET C 78 -2.37 4.10 5.85
CA MET C 78 -2.57 4.26 4.42
C MET C 78 -3.32 3.09 3.77
N PRO C 79 -3.07 1.82 4.09
CA PRO C 79 -3.90 0.75 3.51
C PRO C 79 -5.37 0.86 3.86
N LEU C 80 -5.71 1.60 4.93
CA LEU C 80 -7.10 1.78 5.33
C LEU C 80 -7.85 2.78 4.48
N LEU C 81 -7.16 3.56 3.66
CA LEU C 81 -7.73 4.67 2.93
C LEU C 81 -8.11 4.24 1.52
N PRO C 82 -9.05 4.95 0.89
CA PRO C 82 -9.40 4.62 -0.51
C PRO C 82 -8.20 4.73 -1.43
N GLN C 83 -8.21 3.91 -2.47
CA GLN C 83 -7.10 3.89 -3.42
C GLN C 83 -6.95 5.24 -4.13
N GLU C 84 -8.08 5.89 -4.42
CA GLU C 84 -8.04 7.18 -5.09
C GLU C 84 -7.43 8.25 -4.21
N VAL C 85 -7.55 8.12 -2.88
CA VAL C 85 -6.94 9.08 -1.98
C VAL C 85 -5.44 8.84 -1.86
N GLN C 86 -5.03 7.57 -1.79
CA GLN C 86 -3.61 7.26 -1.71
C GLN C 86 -2.85 7.78 -2.93
N GLN C 87 -3.48 7.74 -4.10
CA GLN C 87 -2.81 8.15 -5.33
C GLN C 87 -2.67 9.65 -5.47
N GLN C 88 -3.46 10.44 -4.74
CA GLN C 88 -3.27 11.88 -4.72
C GLN C 88 -2.14 12.30 -3.81
N GLY C 89 -1.68 11.42 -2.93
CA GLY C 89 -0.69 11.79 -1.93
C GLY C 89 -1.32 12.43 -0.72
N VAL C 90 -1.01 11.92 0.46
CA VAL C 90 -1.51 12.46 1.72
C VAL C 90 -0.33 13.10 2.43
N SER C 91 -0.29 14.43 2.47
CA SER C 91 0.85 15.15 3.00
C SER C 91 0.68 15.46 4.48
N VAL C 92 1.80 15.46 5.20
CA VAL C 92 1.86 15.78 6.61
C VAL C 92 2.94 16.84 6.78
N GLU C 93 2.53 18.07 7.09
CA GLU C 93 3.44 19.20 7.10
C GLU C 93 3.22 20.05 8.35
N LYS C 94 4.27 20.75 8.76
CA LYS C 94 4.17 21.70 9.86
C LYS C 94 3.39 22.93 9.42
N SER C 95 2.48 23.39 10.28
CA SER C 95 1.58 24.48 9.95
C SER C 95 2.07 25.83 10.47
N SER C 96 3.38 25.99 10.68
CA SER C 96 3.95 27.30 10.96
C SER C 96 3.90 28.08 9.64
N SER C 97 2.73 28.63 9.36
CA SER C 97 2.38 29.09 8.02
C SER C 97 2.90 30.49 7.73
N SER C 98 2.20 31.19 6.84
CA SER C 98 2.60 32.49 6.28
C SER C 98 3.88 32.34 5.44
N PHE C 99 3.81 32.73 4.18
CA PHE C 99 4.94 32.58 3.28
C PHE C 99 5.99 33.66 3.53
N LEU C 100 7.24 33.33 3.21
CA LEU C 100 8.29 34.34 3.21
C LEU C 100 8.03 35.39 2.13
N MET C 101 7.65 34.95 0.94
CA MET C 101 7.27 35.85 -0.15
C MET C 101 6.39 35.08 -1.12
N VAL C 102 5.58 35.83 -1.87
CA VAL C 102 4.69 35.28 -2.88
C VAL C 102 5.14 35.77 -4.24
N VAL C 103 5.55 34.84 -5.09
CA VAL C 103 6.00 35.15 -6.45
C VAL C 103 4.84 34.83 -7.40
N GLY C 104 4.42 35.82 -8.17
CA GLY C 104 3.40 35.64 -9.18
C GLY C 104 4.03 35.61 -10.57
N VAL C 105 3.42 34.83 -11.47
CA VAL C 105 3.92 34.68 -12.83
C VAL C 105 2.76 34.89 -13.79
N ILE C 106 2.92 35.84 -14.71
CA ILE C 106 1.92 36.16 -15.70
C ILE C 106 2.57 36.14 -17.09
N ASN C 107 1.74 36.28 -18.11
CA ASN C 107 2.20 36.41 -19.49
C ASN C 107 1.59 37.67 -20.08
N THR C 108 2.41 38.70 -20.27
CA THR C 108 1.94 39.98 -20.77
C THR C 108 1.56 39.96 -22.24
N ASP C 109 1.78 38.84 -22.93
CA ASP C 109 1.32 38.72 -24.32
C ASP C 109 -0.15 38.33 -24.41
N GLY C 110 -0.74 37.83 -23.31
CA GLY C 110 -2.09 37.32 -23.37
C GLY C 110 -2.25 36.06 -24.19
N THR C 111 -1.17 35.31 -24.37
CA THR C 111 -1.18 34.12 -25.22
C THR C 111 -1.04 32.83 -24.41
N MET C 112 -1.14 32.90 -23.09
CA MET C 112 -1.02 31.72 -22.24
C MET C 112 -2.17 31.69 -21.24
N THR C 113 -2.80 30.52 -21.09
CA THR C 113 -3.77 30.34 -20.04
C THR C 113 -3.07 30.14 -18.70
N GLN C 114 -3.85 30.14 -17.62
CA GLN C 114 -3.28 29.87 -16.30
C GLN C 114 -2.77 28.43 -16.21
N GLU C 115 -3.27 27.53 -17.06
CA GLU C 115 -2.72 26.17 -17.09
C GLU C 115 -1.35 26.15 -17.76
N ASP C 116 -1.18 26.91 -18.85
CA ASP C 116 0.11 27.01 -19.50
C ASP C 116 1.15 27.62 -18.58
N ILE C 117 0.78 28.68 -17.86
CA ILE C 117 1.71 29.32 -16.94
C ILE C 117 2.06 28.38 -15.79
N SER C 118 1.04 27.70 -15.23
CA SER C 118 1.28 26.82 -14.09
C SER C 118 2.21 25.68 -14.45
N ASP C 119 2.06 25.11 -15.65
CA ASP C 119 2.94 24.03 -16.05
C ASP C 119 4.37 24.52 -16.20
N TYR C 120 4.56 25.71 -16.78
CA TYR C 120 5.91 26.26 -16.90
C TYR C 120 6.54 26.48 -15.53
N VAL C 121 5.76 27.02 -14.58
CA VAL C 121 6.28 27.26 -13.24
C VAL C 121 6.64 25.94 -12.57
N ALA C 122 5.82 24.91 -12.79
CA ALA C 122 6.08 23.62 -12.16
C ALA C 122 7.31 22.95 -12.75
N ALA C 123 7.48 23.02 -14.07
CA ALA C 123 8.51 22.25 -14.76
C ALA C 123 9.81 23.02 -14.97
N ASN C 124 9.83 24.33 -14.73
CA ASN C 124 11.02 25.12 -14.99
C ASN C 124 11.41 26.08 -13.86
N MET C 125 10.59 26.22 -12.83
CA MET C 125 10.91 27.19 -11.79
C MET C 125 10.84 26.61 -10.39
N LYS C 126 9.86 25.76 -10.11
CA LYS C 126 9.58 25.36 -8.73
C LYS C 126 10.74 24.61 -8.10
N ASP C 127 11.34 23.66 -8.84
CA ASP C 127 12.38 22.82 -8.26
C ASP C 127 13.64 23.62 -7.97
N ALA C 128 14.07 24.46 -8.92
CA ALA C 128 15.24 25.31 -8.68
C ALA C 128 14.98 26.29 -7.54
N ILE C 129 13.72 26.71 -7.35
CA ILE C 129 13.38 27.54 -6.21
C ILE C 129 13.44 26.73 -4.92
N SER C 130 12.99 25.48 -4.97
CA SER C 130 13.03 24.62 -3.78
C SER C 130 14.46 24.34 -3.34
N ARG C 131 15.41 24.35 -4.28
CA ARG C 131 16.82 24.12 -3.97
C ARG C 131 17.56 25.38 -3.56
N THR C 132 16.90 26.54 -3.62
CA THR C 132 17.54 27.79 -3.23
C THR C 132 17.82 27.79 -1.73
N SER C 133 18.94 28.41 -1.35
CA SER C 133 19.37 28.42 0.04
C SER C 133 18.32 29.09 0.93
N GLY C 134 17.97 28.43 2.02
CA GLY C 134 17.02 28.95 2.98
C GLY C 134 15.56 28.67 2.65
N VAL C 135 15.28 28.02 1.54
CA VAL C 135 13.91 27.78 1.10
C VAL C 135 13.40 26.49 1.72
N GLY C 136 12.23 26.55 2.35
CA GLY C 136 11.59 25.37 2.90
C GLY C 136 10.61 24.74 1.94
N ASP C 137 9.33 24.69 2.33
CA ASP C 137 8.29 24.18 1.46
C ASP C 137 7.89 25.23 0.44
N VAL C 138 7.56 24.78 -0.78
CA VAL C 138 7.14 25.65 -1.86
C VAL C 138 5.77 25.19 -2.35
N GLN C 139 4.80 26.10 -2.38
CA GLN C 139 3.45 25.80 -2.83
C GLN C 139 3.24 26.37 -4.23
N LEU C 140 2.62 25.56 -5.09
CA LEU C 140 2.37 25.94 -6.48
C LEU C 140 0.94 26.40 -6.64
N PHE C 141 0.75 27.54 -7.32
CA PHE C 141 -0.58 28.10 -7.56
C PHE C 141 -1.11 27.51 -8.86
N GLY C 142 -1.59 26.27 -8.75
CA GLY C 142 -2.00 25.50 -9.91
C GLY C 142 -1.33 24.14 -9.91
N SER C 143 -1.07 23.59 -11.10
CA SER C 143 -0.44 22.29 -11.21
C SER C 143 0.28 22.18 -12.54
N GLN C 144 1.17 21.20 -12.63
CA GLN C 144 1.73 20.85 -13.93
C GLN C 144 0.63 20.31 -14.83
N TYR C 145 0.93 20.25 -16.12
CA TYR C 145 -0.03 19.77 -17.10
C TYR C 145 -0.54 18.38 -16.71
N ALA C 146 -1.77 18.09 -17.13
CA ALA C 146 -2.30 16.74 -17.09
C ALA C 146 -2.96 16.47 -18.43
N MET C 147 -2.75 15.27 -18.96
CA MET C 147 -3.45 14.86 -20.17
C MET C 147 -4.93 14.74 -19.86
N ARG C 148 -5.75 15.62 -20.44
CA ARG C 148 -7.18 15.66 -20.18
C ARG C 148 -7.93 14.95 -21.30
N ILE C 149 -8.70 13.93 -20.95
CA ILE C 149 -9.59 13.23 -21.86
C ILE C 149 -11.01 13.66 -21.50
N TRP C 150 -11.62 14.48 -22.36
CA TRP C 150 -12.96 15.00 -22.14
C TRP C 150 -13.95 14.15 -22.92
N MET C 151 -14.70 13.31 -22.21
CA MET C 151 -15.54 12.31 -22.85
C MET C 151 -16.85 12.90 -23.36
N ASN C 152 -17.35 12.31 -24.45
CA ASN C 152 -18.64 12.65 -25.04
C ASN C 152 -19.58 11.45 -24.89
N PRO C 153 -20.66 11.56 -24.12
CA PRO C 153 -21.55 10.40 -23.92
C PRO C 153 -22.32 10.02 -25.17
N ASN C 154 -22.60 10.97 -26.06
CA ASN C 154 -23.32 10.65 -27.29
C ASN C 154 -22.48 9.77 -28.21
N GLU C 155 -21.22 10.14 -28.40
CA GLU C 155 -20.33 9.32 -29.23
C GLU C 155 -20.00 8.01 -28.55
N LEU C 156 -19.92 7.99 -27.21
CA LEU C 156 -19.67 6.75 -26.50
C LEU C 156 -20.81 5.76 -26.68
N ASN C 157 -22.04 6.24 -26.51
CA ASN C 157 -23.21 5.38 -26.71
C ASN C 157 -23.33 4.92 -28.17
N LYS C 158 -22.91 5.76 -29.11
CA LYS C 158 -22.99 5.40 -30.52
C LYS C 158 -22.21 4.13 -30.82
N PHE C 159 -21.03 3.97 -30.23
CA PHE C 159 -20.20 2.80 -30.43
C PHE C 159 -20.31 1.81 -29.28
N GLN C 160 -21.34 1.95 -28.43
CA GLN C 160 -21.61 1.02 -27.33
C GLN C 160 -20.43 0.93 -26.37
N LEU C 161 -19.91 2.09 -25.98
CA LEU C 161 -18.79 2.16 -25.05
C LEU C 161 -19.17 3.01 -23.84
N THR C 162 -18.48 2.75 -22.73
CA THR C 162 -18.67 3.47 -21.48
C THR C 162 -17.33 4.03 -21.03
N PRO C 163 -17.32 4.91 -20.03
CA PRO C 163 -16.04 5.36 -19.46
C PRO C 163 -15.19 4.23 -18.94
N VAL C 164 -15.79 3.09 -18.56
CA VAL C 164 -14.99 1.93 -18.15
C VAL C 164 -14.12 1.46 -19.31
N ASP C 165 -14.67 1.41 -20.52
CA ASP C 165 -13.90 1.01 -21.68
C ASP C 165 -12.77 2.00 -21.97
N VAL C 166 -13.04 3.29 -21.80
CA VAL C 166 -12.00 4.31 -22.01
C VAL C 166 -10.87 4.13 -21.00
N ILE C 167 -11.22 3.94 -19.73
CA ILE C 167 -10.21 3.78 -18.69
C ILE C 167 -9.40 2.51 -18.93
N THR C 168 -10.07 1.41 -19.30
CA THR C 168 -9.37 0.17 -19.58
C THR C 168 -8.42 0.32 -20.77
N ALA C 169 -8.88 0.96 -21.85
CA ALA C 169 -8.04 1.10 -23.02
C ALA C 169 -6.82 1.97 -22.73
N ILE C 170 -6.99 3.00 -21.90
CA ILE C 170 -5.86 3.88 -21.57
C ILE C 170 -4.83 3.15 -20.73
N LYS C 171 -5.28 2.34 -19.77
CA LYS C 171 -4.33 1.56 -18.98
C LYS C 171 -3.65 0.49 -19.83
N ALA C 172 -4.31 0.03 -20.89
CA ALA C 172 -3.70 -0.99 -21.74
C ALA C 172 -2.78 -0.41 -22.79
N GLN C 173 -3.09 0.79 -23.29
CA GLN C 173 -2.34 1.36 -24.40
C GLN C 173 -1.50 2.57 -24.03
N ASN C 174 -1.63 3.08 -22.80
CA ASN C 174 -0.67 4.02 -22.23
C ASN C 174 0.07 3.30 -21.09
N ALA C 175 0.93 2.36 -21.49
CA ALA C 175 1.54 1.42 -20.57
C ALA C 175 3.05 1.39 -20.76
N GLN C 176 3.74 0.91 -19.72
CA GLN C 176 5.18 0.72 -19.76
C GLN C 176 5.52 -0.35 -18.71
N VAL C 177 5.81 -1.56 -19.19
CA VAL C 177 6.04 -2.70 -18.32
C VAL C 177 7.34 -3.39 -18.73
N ALA C 178 7.95 -4.08 -17.78
CA ALA C 178 9.16 -4.84 -18.02
C ALA C 178 8.94 -5.90 -19.10
N ALA C 179 9.87 -5.96 -20.07
CA ALA C 179 9.78 -6.94 -21.14
C ALA C 179 10.94 -7.93 -21.16
N GLY C 180 11.96 -7.75 -20.33
CA GLY C 180 13.03 -8.72 -20.26
C GLY C 180 14.15 -8.45 -21.25
N GLN C 181 14.92 -9.50 -21.53
CA GLN C 181 16.09 -9.40 -22.38
C GLN C 181 16.21 -10.66 -23.25
N LEU C 182 16.97 -10.53 -24.34
CA LEU C 182 17.50 -11.69 -25.03
C LEU C 182 18.89 -11.99 -24.48
N GLY C 183 19.19 -13.27 -24.32
CA GLY C 183 20.49 -13.64 -23.81
C GLY C 183 20.74 -13.25 -22.37
N GLY C 184 19.68 -13.00 -21.60
CA GLY C 184 19.86 -12.62 -20.21
C GLY C 184 20.24 -13.81 -19.34
N THR C 185 20.72 -13.47 -18.14
CA THR C 185 21.16 -14.50 -17.20
C THR C 185 19.95 -15.21 -16.58
N PRO C 186 20.04 -16.53 -16.36
CA PRO C 186 21.18 -17.37 -16.77
C PRO C 186 21.09 -17.76 -18.24
N PRO C 187 22.20 -17.63 -18.97
CA PRO C 187 22.16 -17.87 -20.41
C PRO C 187 22.58 -19.28 -20.78
N VAL C 188 22.34 -19.67 -22.03
CA VAL C 188 23.06 -20.81 -22.59
C VAL C 188 24.51 -20.43 -22.77
N LYS C 189 25.42 -21.25 -22.23
CA LYS C 189 26.84 -20.94 -22.28
C LYS C 189 27.29 -20.74 -23.72
N GLY C 190 28.09 -19.70 -23.94
CA GLY C 190 28.49 -19.31 -25.27
C GLY C 190 27.59 -18.29 -25.93
N GLN C 191 26.60 -17.77 -25.23
CA GLN C 191 25.73 -16.75 -25.79
C GLN C 191 26.51 -15.49 -26.09
N GLN C 192 26.26 -14.89 -27.25
CA GLN C 192 26.91 -13.65 -27.66
C GLN C 192 25.99 -12.45 -27.66
N LEU C 193 24.72 -12.64 -28.03
CA LEU C 193 23.77 -11.54 -28.11
C LEU C 193 23.12 -11.30 -26.76
N ASN C 194 23.17 -10.05 -26.30
CA ASN C 194 22.48 -9.62 -25.09
C ASN C 194 21.89 -8.25 -25.34
N ALA C 195 20.56 -8.15 -25.32
CA ALA C 195 19.88 -6.88 -25.59
C ALA C 195 18.60 -6.83 -24.79
N SER C 196 18.27 -5.63 -24.30
CA SER C 196 16.98 -5.44 -23.63
C SER C 196 15.85 -5.46 -24.65
N ILE C 197 14.74 -6.08 -24.27
CA ILE C 197 13.53 -6.04 -25.07
C ILE C 197 12.73 -4.80 -24.68
N ILE C 198 12.36 -4.00 -25.67
CA ILE C 198 11.60 -2.77 -25.45
C ILE C 198 10.23 -2.94 -26.08
N ALA C 199 9.19 -2.92 -25.24
CA ALA C 199 7.82 -3.02 -25.72
C ALA C 199 7.12 -1.66 -25.63
N GLN C 200 5.89 -1.65 -25.15
CA GLN C 200 5.14 -0.40 -25.06
C GLN C 200 5.83 0.58 -24.14
N THR C 201 5.82 1.86 -24.53
CA THR C 201 6.27 2.95 -23.69
C THR C 201 5.13 3.94 -23.49
N ARG C 202 5.26 4.77 -22.46
CA ARG C 202 4.23 5.75 -22.16
C ARG C 202 3.99 6.66 -23.36
N LEU C 203 2.72 6.99 -23.60
CA LEU C 203 2.39 7.96 -24.62
C LEU C 203 2.86 9.35 -24.20
N THR C 204 3.13 10.20 -25.18
CA THR C 204 3.78 11.48 -24.94
C THR C 204 3.01 12.69 -25.42
N SER C 205 1.88 12.51 -26.10
CA SER C 205 1.22 13.63 -26.76
C SER C 205 -0.27 13.37 -26.87
N THR C 206 -1.02 14.44 -27.14
CA THR C 206 -2.44 14.30 -27.41
C THR C 206 -2.68 13.47 -28.67
N GLU C 207 -1.78 13.57 -29.66
CA GLU C 207 -1.91 12.78 -30.87
C GLU C 207 -1.88 11.29 -30.55
N GLU C 208 -0.94 10.87 -29.71
CA GLU C 208 -0.83 9.44 -29.38
C GLU C 208 -2.02 8.96 -28.55
N PHE C 209 -2.55 9.81 -27.68
CA PHE C 209 -3.77 9.45 -26.96
C PHE C 209 -4.97 9.42 -27.89
N GLY C 210 -4.96 10.25 -28.93
CA GLY C 210 -6.08 10.30 -29.85
C GLY C 210 -6.27 9.05 -30.67
N LYS C 211 -5.18 8.36 -31.01
CA LYS C 211 -5.24 7.15 -31.81
C LYS C 211 -5.23 5.88 -30.97
N ILE C 212 -5.56 5.99 -29.67
CA ILE C 212 -5.78 4.80 -28.86
C ILE C 212 -6.96 4.04 -29.43
N LEU C 213 -6.79 2.75 -29.65
CA LEU C 213 -7.82 1.92 -30.26
C LEU C 213 -8.80 1.47 -29.19
N LEU C 214 -10.04 1.95 -29.26
CA LEU C 214 -11.06 1.52 -28.31
C LEU C 214 -11.66 0.18 -28.73
N LYS C 215 -12.04 0.05 -30.00
CA LYS C 215 -12.61 -1.18 -30.52
C LYS C 215 -12.61 -1.13 -32.04
N VAL C 216 -12.74 -2.30 -32.64
CA VAL C 216 -12.92 -2.43 -34.09
C VAL C 216 -14.36 -2.88 -34.33
N ASN C 217 -15.11 -2.09 -35.09
CA ASN C 217 -16.49 -2.42 -35.39
C ASN C 217 -16.57 -3.71 -36.21
N GLN C 218 -17.78 -4.25 -36.32
CA GLN C 218 -17.97 -5.47 -37.10
C GLN C 218 -17.63 -5.24 -38.57
N ASP C 219 -17.95 -4.06 -39.09
CA ASP C 219 -17.65 -3.71 -40.47
C ASP C 219 -16.20 -3.30 -40.69
N GLY C 220 -15.30 -3.64 -39.77
CA GLY C 220 -13.90 -3.37 -39.91
C GLY C 220 -13.45 -1.97 -39.55
N SER C 221 -14.37 -1.03 -39.37
CA SER C 221 -13.98 0.33 -39.04
C SER C 221 -13.43 0.40 -37.62
N ARG C 222 -12.51 1.34 -37.40
CA ARG C 222 -11.85 1.51 -36.13
C ARG C 222 -12.47 2.66 -35.35
N VAL C 223 -12.67 2.44 -34.05
CA VAL C 223 -13.14 3.48 -33.14
C VAL C 223 -11.94 3.88 -32.29
N LEU C 224 -11.46 5.10 -32.49
CA LEU C 224 -10.32 5.63 -31.76
C LEU C 224 -10.81 6.51 -30.60
N LEU C 225 -9.89 6.77 -29.66
CA LEU C 225 -10.25 7.55 -28.49
C LEU C 225 -10.69 8.96 -28.86
N ARG C 226 -10.04 9.55 -29.87
CA ARG C 226 -10.44 10.88 -30.34
C ARG C 226 -11.81 10.90 -30.97
N ASP C 227 -12.40 9.74 -31.28
CA ASP C 227 -13.74 9.68 -31.84
C ASP C 227 -14.83 9.80 -30.77
N VAL C 228 -14.48 9.72 -29.49
CA VAL C 228 -15.47 9.80 -28.43
C VAL C 228 -15.04 10.83 -27.38
N ALA C 229 -13.95 11.55 -27.66
CA ALA C 229 -13.42 12.45 -26.65
C ALA C 229 -12.58 13.54 -27.29
N LYS C 230 -12.58 14.70 -26.66
CA LYS C 230 -11.62 15.76 -26.96
C LYS C 230 -10.43 15.62 -26.03
N ILE C 231 -9.24 15.85 -26.57
CA ILE C 231 -7.99 15.55 -25.88
C ILE C 231 -7.09 16.78 -25.92
N GLU C 232 -6.63 17.19 -24.74
CA GLU C 232 -5.83 18.41 -24.61
C GLU C 232 -4.98 18.31 -23.37
N LEU C 233 -3.87 19.05 -23.37
CA LEU C 233 -3.11 19.28 -22.15
C LEU C 233 -3.82 20.32 -21.31
N GLY C 234 -4.15 19.96 -20.07
CA GLY C 234 -4.84 20.88 -19.19
C GLY C 234 -4.31 20.84 -17.78
N GLY C 235 -5.11 21.29 -16.82
CA GLY C 235 -4.72 21.23 -15.43
C GLY C 235 -5.23 19.98 -14.74
N GLU C 236 -4.60 19.65 -13.61
CA GLU C 236 -5.09 18.54 -12.81
C GLU C 236 -6.42 18.87 -12.15
N ASN C 237 -6.69 20.16 -11.94
CA ASN C 237 -7.88 20.60 -11.22
C ASN C 237 -8.26 22.00 -11.71
N TYR C 238 -9.55 22.29 -11.70
CA TYR C 238 -10.07 23.55 -12.23
C TYR C 238 -10.87 24.34 -11.20
N ASP C 239 -10.64 24.10 -9.91
CA ASP C 239 -11.41 24.78 -8.87
C ASP C 239 -10.89 26.18 -8.57
N ILE C 240 -9.63 26.45 -8.84
CA ILE C 240 -8.99 27.72 -8.49
C ILE C 240 -8.68 28.49 -9.77
N ILE C 241 -9.16 29.72 -9.86
CA ILE C 241 -8.81 30.65 -10.93
C ILE C 241 -8.04 31.80 -10.31
N ALA C 242 -6.84 32.07 -10.83
CA ALA C 242 -5.96 33.10 -10.30
C ALA C 242 -5.75 34.16 -11.37
N GLU C 243 -5.94 35.43 -11.00
CA GLU C 243 -5.78 36.54 -11.92
C GLU C 243 -4.96 37.64 -11.27
N PHE C 244 -4.05 38.23 -12.05
CA PHE C 244 -3.23 39.35 -11.62
C PHE C 244 -3.60 40.54 -12.51
N ASN C 245 -4.35 41.48 -11.93
CA ASN C 245 -4.85 42.64 -12.67
C ASN C 245 -5.64 42.21 -13.91
N GLY C 246 -6.48 41.20 -13.74
CA GLY C 246 -7.29 40.70 -14.82
C GLY C 246 -6.62 39.68 -15.72
N GLN C 247 -5.28 39.53 -15.64
CA GLN C 247 -4.53 38.60 -16.49
C GLN C 247 -4.41 37.25 -15.83
N PRO C 248 -4.42 36.17 -16.61
CA PRO C 248 -4.18 34.83 -16.04
C PRO C 248 -2.82 34.78 -15.36
N ALA C 249 -2.74 34.00 -14.28
CA ALA C 249 -1.56 33.99 -13.45
C ALA C 249 -1.38 32.65 -12.78
N SER C 250 -0.12 32.33 -12.48
CA SER C 250 0.23 31.25 -11.57
C SER C 250 1.22 31.85 -10.57
N GLY C 251 2.02 31.00 -9.96
CA GLY C 251 3.07 31.49 -9.08
C GLY C 251 3.43 30.47 -8.02
N LEU C 252 4.22 30.95 -7.05
CA LEU C 252 4.78 30.11 -6.01
C LEU C 252 4.64 30.79 -4.65
N GLY C 253 4.22 30.02 -3.66
CA GLY C 253 4.28 30.48 -2.28
C GLY C 253 5.47 29.85 -1.57
N ILE C 254 6.49 30.64 -1.25
CA ILE C 254 7.76 30.13 -0.75
C ILE C 254 7.84 30.36 0.75
N LYS C 255 8.18 29.31 1.49
CA LYS C 255 8.31 29.36 2.94
C LYS C 255 9.78 29.29 3.34
N LEU C 256 10.08 29.90 4.48
CA LEU C 256 11.44 29.94 5.01
C LEU C 256 11.71 28.70 5.84
N ALA C 257 12.86 28.08 5.61
CA ALA C 257 13.25 26.92 6.41
C ALA C 257 13.67 27.36 7.81
N THR C 258 13.33 26.55 8.81
CA THR C 258 13.61 26.90 10.19
C THR C 258 15.12 26.99 10.40
N GLY C 259 15.56 28.14 10.94
CA GLY C 259 16.95 28.41 11.15
C GLY C 259 17.59 29.32 10.12
N ALA C 260 16.99 29.40 8.93
CA ALA C 260 17.54 30.25 7.87
C ALA C 260 17.15 31.70 8.08
N ASN C 261 17.95 32.60 7.51
CA ASN C 261 17.73 34.03 7.63
C ASN C 261 16.77 34.51 6.55
N ALA C 262 15.80 35.35 6.95
CA ALA C 262 14.78 35.79 6.02
C ALA C 262 15.33 36.76 4.99
N LEU C 263 16.23 37.66 5.41
CA LEU C 263 16.77 38.65 4.48
C LEU C 263 17.65 37.99 3.43
N ASP C 264 18.53 37.06 3.85
CA ASP C 264 19.41 36.40 2.89
C ASP C 264 18.64 35.49 1.96
N THR C 265 17.53 34.90 2.43
CA THR C 265 16.76 34.00 1.58
C THR C 265 15.96 34.77 0.52
N ALA C 266 15.44 35.94 0.89
CA ALA C 266 14.71 36.75 -0.07
C ALA C 266 15.61 37.19 -1.22
N ALA C 267 16.86 37.55 -0.92
CA ALA C 267 17.80 37.89 -1.98
C ALA C 267 18.22 36.65 -2.76
N ALA C 268 18.32 35.51 -2.09
CA ALA C 268 18.69 34.27 -2.78
C ALA C 268 17.59 33.84 -3.75
N ILE C 269 16.33 34.05 -3.38
CA ILE C 269 15.23 33.73 -4.28
C ILE C 269 15.24 34.68 -5.49
N ARG C 270 15.44 35.98 -5.24
CA ARG C 270 15.44 36.94 -6.33
C ARG C 270 16.64 36.78 -7.25
N ALA C 271 17.77 36.30 -6.72
CA ALA C 271 18.91 36.01 -7.57
C ALA C 271 18.63 34.79 -8.46
N GLU C 272 17.97 33.78 -7.91
CA GLU C 272 17.60 32.61 -8.71
C GLU C 272 16.54 32.98 -9.74
N LEU C 273 15.61 33.86 -9.37
CA LEU C 273 14.57 34.27 -10.31
C LEU C 273 15.16 35.10 -11.45
N ALA C 274 16.12 35.97 -11.15
CA ALA C 274 16.81 36.71 -12.21
C ALA C 274 17.64 35.81 -13.10
N LYS C 275 18.01 34.61 -12.62
CA LYS C 275 18.75 33.67 -13.43
C LYS C 275 17.85 32.96 -14.46
N MET C 276 16.57 32.77 -14.13
CA MET C 276 15.65 32.11 -15.05
C MET C 276 15.04 33.07 -16.06
N GLU C 277 15.02 34.37 -15.77
CA GLU C 277 14.34 35.32 -16.63
C GLU C 277 14.84 35.33 -18.07
N PRO C 278 16.15 35.21 -18.36
CA PRO C 278 16.56 35.12 -19.77
C PRO C 278 15.97 33.94 -20.51
N PHE C 279 15.64 32.85 -19.81
CA PHE C 279 15.11 31.65 -20.43
C PHE C 279 13.58 31.64 -20.51
N PHE C 280 12.93 32.73 -20.14
CA PHE C 280 11.48 32.79 -20.18
C PHE C 280 10.99 32.80 -21.63
N PRO C 281 9.83 32.21 -21.90
CA PRO C 281 9.17 32.43 -23.20
C PRO C 281 8.66 33.86 -23.29
N SER C 282 8.32 34.25 -24.51
CA SER C 282 7.91 35.64 -24.76
C SER C 282 6.66 35.98 -23.97
N GLY C 283 6.74 37.08 -23.23
CA GLY C 283 5.62 37.59 -22.46
C GLY C 283 5.61 37.20 -21.00
N LEU C 284 6.27 36.11 -20.63
CA LEU C 284 6.27 35.66 -19.24
C LEU C 284 7.00 36.66 -18.36
N LYS C 285 6.35 37.05 -17.26
CA LYS C 285 6.88 38.07 -16.38
C LYS C 285 6.61 37.70 -14.93
N ILE C 286 7.57 38.01 -14.05
CA ILE C 286 7.45 37.76 -12.62
C ILE C 286 6.90 39.01 -11.95
N VAL C 287 5.90 38.84 -11.09
CA VAL C 287 5.35 39.92 -10.29
C VAL C 287 5.38 39.49 -8.83
N TYR C 288 5.16 40.47 -7.94
CA TYR C 288 5.16 40.24 -6.49
C TYR C 288 3.86 40.82 -5.94
N PRO C 289 2.77 40.03 -5.94
CA PRO C 289 1.45 40.58 -5.70
C PRO C 289 1.11 40.85 -4.24
N TYR C 290 1.93 40.42 -3.29
CA TYR C 290 1.57 40.56 -1.88
C TYR C 290 2.83 40.46 -1.04
N ASP C 291 3.22 41.55 -0.40
CA ASP C 291 4.38 41.56 0.49
C ASP C 291 3.95 41.59 1.95
N GLN C 310 0.74 49.66 6.23
CA GLN C 310 1.17 48.28 6.02
C GLN C 310 1.54 48.02 4.55
N GLY C 311 0.75 48.59 3.64
CA GLY C 311 1.01 48.49 2.23
C GLY C 311 0.17 47.47 1.48
N VAL C 312 -0.48 46.57 2.20
CA VAL C 312 -1.33 45.54 1.59
C VAL C 312 -2.59 45.35 2.41
N PHE C 313 -3.62 44.82 1.77
CA PHE C 313 -4.85 44.43 2.45
C PHE C 313 -5.58 43.43 1.57
N MET C 314 -6.61 42.82 2.15
CA MET C 314 -7.39 41.78 1.48
C MET C 314 -8.82 42.24 1.29
N THR C 315 -9.54 41.48 0.46
CA THR C 315 -10.96 41.74 0.19
C THR C 315 -11.64 40.39 0.01
N MET C 316 -12.52 40.04 0.95
CA MET C 316 -13.24 38.78 0.87
C MET C 316 -14.43 38.92 -0.07
N VAL C 317 -14.76 37.81 -0.74
CA VAL C 317 -15.90 37.76 -1.66
C VAL C 317 -16.66 36.48 -1.35
N GLN C 318 -17.86 36.61 -0.81
CA GLN C 318 -18.69 35.47 -0.42
C GLN C 318 -20.05 35.60 -1.10
N LEU C 319 -20.32 34.69 -2.03
CA LEU C 319 -21.60 34.60 -2.72
C LEU C 319 -22.50 33.58 -2.03
N PRO C 320 -23.81 33.62 -2.27
CA PRO C 320 -24.72 32.69 -1.57
C PRO C 320 -24.51 31.23 -1.96
N ALA C 321 -25.30 30.36 -1.35
CA ALA C 321 -25.16 28.92 -1.56
C ALA C 321 -25.54 28.55 -3.00
N GLY C 322 -24.79 27.61 -3.57
CA GLY C 322 -25.01 27.17 -4.92
C GLY C 322 -24.48 28.10 -5.99
N ALA C 323 -23.93 29.25 -5.62
CA ALA C 323 -23.39 30.18 -6.60
C ALA C 323 -22.19 29.57 -7.32
N THR C 324 -22.10 29.84 -8.62
CA THR C 324 -21.13 29.18 -9.48
C THR C 324 -19.81 29.94 -9.54
N GLN C 325 -18.81 29.28 -10.11
CA GLN C 325 -17.49 29.89 -10.28
C GLN C 325 -17.58 31.16 -11.12
N GLU C 326 -18.43 31.16 -12.16
CA GLU C 326 -18.51 32.31 -13.05
C GLU C 326 -19.08 33.53 -12.33
N ARG C 327 -20.11 33.32 -11.49
CA ARG C 327 -20.69 34.43 -10.76
C ARG C 327 -19.68 35.04 -9.79
N THR C 328 -18.89 34.20 -9.12
CA THR C 328 -17.86 34.71 -8.22
C THR C 328 -16.80 35.48 -8.99
N GLN C 329 -16.47 35.03 -10.20
CA GLN C 329 -15.48 35.74 -11.00
C GLN C 329 -16.00 37.11 -11.44
N LYS C 330 -17.31 37.24 -11.66
CA LYS C 330 -17.88 38.53 -12.02
C LYS C 330 -17.66 39.55 -10.91
N VAL C 331 -17.95 39.15 -9.67
CA VAL C 331 -17.74 40.06 -8.53
C VAL C 331 -16.27 40.38 -8.35
N LEU C 332 -15.40 39.36 -8.50
CA LEU C 332 -13.97 39.59 -8.36
C LEU C 332 -13.46 40.57 -9.41
N ASN C 333 -13.99 40.48 -10.64
CA ASN C 333 -13.60 41.43 -11.68
C ASN C 333 -14.10 42.83 -11.37
N GLU C 334 -15.30 42.95 -10.81
CA GLU C 334 -15.77 44.25 -10.33
C GLU C 334 -14.83 44.80 -9.27
N VAL C 335 -14.40 43.96 -8.33
CA VAL C 335 -13.49 44.39 -7.27
C VAL C 335 -12.16 44.82 -7.86
N THR C 336 -11.63 44.04 -8.81
CA THR C 336 -10.37 44.40 -9.45
C THR C 336 -10.51 45.70 -10.24
N HIS C 337 -11.61 45.86 -10.98
CA HIS C 337 -11.82 47.07 -11.76
C HIS C 337 -11.96 48.29 -10.86
N TYR C 338 -12.54 48.13 -9.68
CA TYR C 338 -12.70 49.26 -8.76
C TYR C 338 -11.35 49.77 -8.28
N TYR C 339 -10.49 48.87 -7.80
CA TYR C 339 -9.19 49.28 -7.27
C TYR C 339 -8.29 49.86 -8.34
N LEU C 340 -8.37 49.36 -9.57
CA LEU C 340 -7.50 49.83 -10.64
C LEU C 340 -8.00 51.09 -11.32
N THR C 341 -9.18 51.58 -10.95
CA THR C 341 -9.69 52.85 -11.48
C THR C 341 -9.96 53.85 -10.35
N LYS C 342 -10.88 53.54 -9.43
CA LYS C 342 -11.20 54.46 -8.35
C LYS C 342 -10.06 54.61 -7.35
N GLU C 343 -9.11 53.68 -7.36
CA GLU C 343 -7.93 53.77 -6.49
C GLU C 343 -6.64 53.61 -7.28
N LYS C 344 -6.63 54.11 -8.53
CA LYS C 344 -5.44 54.00 -9.37
C LYS C 344 -4.25 54.76 -8.79
N ASN C 345 -4.49 55.74 -7.92
CA ASN C 345 -3.41 56.48 -7.29
C ASN C 345 -2.78 55.73 -6.11
N ASN C 346 -3.49 54.74 -5.56
CA ASN C 346 -3.01 54.00 -4.39
C ASN C 346 -2.73 52.54 -4.67
N VAL C 347 -3.57 51.87 -5.43
CA VAL C 347 -3.45 50.43 -5.66
C VAL C 347 -2.48 50.18 -6.80
N GLU C 348 -1.53 49.28 -6.59
CA GLU C 348 -0.58 48.89 -7.62
C GLU C 348 -0.92 47.58 -8.29
N SER C 349 -1.59 46.66 -7.59
CA SER C 349 -1.92 45.36 -8.15
C SER C 349 -3.05 44.73 -7.35
N VAL C 350 -3.83 43.90 -8.03
CA VAL C 350 -4.92 43.14 -7.41
C VAL C 350 -4.76 41.68 -7.85
N PHE C 351 -4.50 40.81 -6.89
CA PHE C 351 -4.33 39.38 -7.14
C PHE C 351 -5.62 38.67 -6.72
N ALA C 352 -6.47 38.37 -7.68
CA ALA C 352 -7.78 37.79 -7.41
C ALA C 352 -7.70 36.27 -7.49
N VAL C 353 -8.16 35.60 -6.45
CA VAL C 353 -8.15 34.14 -6.37
C VAL C 353 -9.60 33.68 -6.25
N ASN C 354 -10.07 32.99 -7.29
CA ASN C 354 -11.44 32.47 -7.35
C ASN C 354 -11.39 31.00 -6.97
N GLY C 355 -11.93 30.65 -5.81
CA GLY C 355 -11.96 29.26 -5.41
C GLY C 355 -11.82 29.01 -3.92
N PHE C 356 -11.04 29.83 -3.22
CA PHE C 356 -10.92 29.70 -1.78
C PHE C 356 -10.98 31.08 -1.13
N GLY C 357 -11.37 31.08 0.13
CA GLY C 357 -11.46 32.29 0.91
C GLY C 357 -11.52 31.97 2.38
N PHE C 358 -12.00 32.93 3.15
CA PHE C 358 -12.07 32.74 4.60
C PHE C 358 -13.09 31.68 4.99
N ALA C 359 -14.10 31.46 4.16
CA ALA C 359 -15.09 30.42 4.42
C ALA C 359 -14.58 29.03 4.09
N GLY C 360 -13.42 28.91 3.43
CA GLY C 360 -12.89 27.63 3.01
C GLY C 360 -12.73 27.58 1.50
N ARG C 361 -13.11 26.45 0.92
CA ARG C 361 -13.04 26.24 -0.52
C ARG C 361 -14.45 26.10 -1.09
N GLY C 362 -14.59 26.43 -2.37
CA GLY C 362 -15.86 26.32 -3.05
C GLY C 362 -15.97 27.32 -4.17
N GLN C 363 -16.95 27.08 -5.06
CA GLN C 363 -17.15 27.93 -6.21
C GLN C 363 -17.70 29.31 -5.84
N ASN C 364 -18.36 29.44 -4.69
CA ASN C 364 -19.03 30.67 -4.30
C ASN C 364 -18.20 31.52 -3.36
N THR C 365 -16.89 31.28 -3.28
CA THR C 365 -15.99 32.05 -2.41
C THR C 365 -14.78 32.50 -3.20
N GLY C 366 -14.22 33.64 -2.79
CA GLY C 366 -13.03 34.19 -3.41
C GLY C 366 -12.40 35.22 -2.51
N ILE C 367 -11.17 35.59 -2.85
CA ILE C 367 -10.42 36.56 -2.07
C ILE C 367 -9.52 37.35 -3.02
N ALA C 368 -9.46 38.67 -2.80
CA ALA C 368 -8.62 39.55 -3.58
C ALA C 368 -7.51 40.10 -2.70
N PHE C 369 -6.27 39.92 -3.15
CA PHE C 369 -5.10 40.42 -2.45
C PHE C 369 -4.66 41.72 -3.12
N VAL C 370 -4.71 42.82 -2.37
CA VAL C 370 -4.43 44.14 -2.89
C VAL C 370 -3.05 44.58 -2.43
N SER C 371 -2.21 45.00 -3.37
CA SER C 371 -0.89 45.53 -3.09
C SER C 371 -0.88 47.01 -3.46
N LEU C 372 -0.55 47.86 -2.51
CA LEU C 372 -0.57 49.30 -2.71
C LEU C 372 0.83 49.82 -3.06
N LYS C 373 0.87 51.06 -3.51
CA LYS C 373 2.13 51.75 -3.71
C LYS C 373 2.77 52.08 -2.34
N ASP C 374 3.98 52.63 -2.39
CA ASP C 374 4.74 52.85 -1.17
C ASP C 374 4.05 53.88 -0.28
N TRP C 375 4.24 53.71 1.03
CA TRP C 375 3.66 54.63 2.01
C TRP C 375 4.09 56.07 1.73
N ALA C 376 5.37 56.27 1.38
CA ALA C 376 5.87 57.61 1.13
C ALA C 376 5.21 58.24 -0.09
N ASP C 377 4.73 57.42 -1.02
CA ASP C 377 4.06 57.92 -2.23
C ASP C 377 2.54 57.95 -2.08
N ARG C 378 2.02 57.73 -0.87
CA ARG C 378 0.60 57.82 -0.58
C ARG C 378 0.38 58.84 0.54
N PRO C 379 0.62 60.12 0.28
CA PRO C 379 0.50 61.12 1.35
C PRO C 379 -0.97 61.45 1.63
N GLY C 380 -1.29 61.52 2.92
CA GLY C 380 -2.63 61.86 3.34
C GLY C 380 -3.32 60.70 4.01
N GLU C 381 -4.12 61.01 5.03
CA GLU C 381 -4.87 59.97 5.73
C GLU C 381 -5.89 59.29 4.82
N GLU C 382 -6.37 60.00 3.80
CA GLU C 382 -7.33 59.42 2.86
C GLU C 382 -6.69 58.40 1.92
N ASN C 383 -5.36 58.36 1.83
CA ASN C 383 -4.65 57.41 0.99
C ASN C 383 -3.95 56.34 1.81
N LYS C 384 -4.48 56.02 2.98
CA LYS C 384 -3.96 54.97 3.85
C LYS C 384 -4.93 53.80 3.86
N VAL C 385 -4.44 52.66 4.37
CA VAL C 385 -5.19 51.41 4.28
C VAL C 385 -6.55 51.53 4.96
N GLU C 386 -6.61 52.26 6.07
CA GLU C 386 -7.88 52.39 6.80
C GLU C 386 -8.91 53.14 5.97
N ALA C 387 -8.53 54.26 5.37
CA ALA C 387 -9.47 55.01 4.53
C ALA C 387 -9.79 54.25 3.25
N ILE C 388 -8.79 53.59 2.67
CA ILE C 388 -9.01 52.87 1.42
C ILE C 388 -10.00 51.73 1.64
N THR C 389 -9.78 50.91 2.65
CA THR C 389 -10.67 49.78 2.91
C THR C 389 -12.07 50.25 3.28
N MET C 390 -12.19 51.37 3.99
CA MET C 390 -13.51 51.86 4.36
C MET C 390 -14.28 52.34 3.14
N ARG C 391 -13.61 53.05 2.23
CA ARG C 391 -14.28 53.46 1.00
C ARG C 391 -14.65 52.26 0.14
N ALA C 392 -13.77 51.25 0.08
CA ALA C 392 -14.05 50.08 -0.72
C ALA C 392 -15.23 49.30 -0.17
N THR C 393 -15.25 49.07 1.14
CA THR C 393 -16.36 48.34 1.75
C THR C 393 -17.69 49.07 1.53
N ARG C 394 -17.68 50.41 1.64
CA ARG C 394 -18.90 51.16 1.41
C ARG C 394 -19.32 51.12 -0.07
N ALA C 395 -18.34 51.21 -0.98
CA ALA C 395 -18.67 51.11 -2.39
C ALA C 395 -19.14 49.72 -2.76
N PHE C 396 -18.46 48.69 -2.26
CA PHE C 396 -18.84 47.31 -2.58
C PHE C 396 -20.16 46.90 -1.93
N SER C 397 -20.63 47.64 -0.93
CA SER C 397 -21.87 47.28 -0.25
C SER C 397 -23.08 47.27 -1.18
N GLN C 398 -22.95 47.86 -2.37
CA GLN C 398 -24.04 47.91 -3.34
C GLN C 398 -23.94 46.81 -4.39
N ILE C 399 -23.04 45.84 -4.21
CA ILE C 399 -22.98 44.67 -5.08
C ILE C 399 -24.08 43.71 -4.63
N LYS C 400 -24.99 43.38 -5.54
CA LYS C 400 -26.15 42.57 -5.21
C LYS C 400 -25.80 41.09 -5.13
N ASP C 401 -26.34 40.41 -4.12
CA ASP C 401 -26.18 38.97 -3.94
C ASP C 401 -24.70 38.59 -3.79
N ALA C 402 -24.01 39.31 -2.91
CA ALA C 402 -22.61 39.04 -2.61
C ALA C 402 -22.21 39.83 -1.37
N MET C 403 -21.42 39.19 -0.51
CA MET C 403 -20.82 39.86 0.63
C MET C 403 -19.37 40.18 0.27
N VAL C 404 -19.06 41.47 0.14
CA VAL C 404 -17.74 41.94 -0.26
C VAL C 404 -17.25 42.90 0.81
N PHE C 405 -16.21 42.49 1.54
CA PHE C 405 -15.68 43.29 2.63
C PHE C 405 -14.18 43.48 2.44
N ALA C 406 -13.74 44.73 2.47
CA ALA C 406 -12.32 45.06 2.45
C ALA C 406 -11.85 45.33 3.88
N PHE C 407 -10.65 44.86 4.18
CA PHE C 407 -10.03 45.00 5.49
C PHE C 407 -8.55 44.65 5.33
N ASN C 408 -7.77 44.93 6.36
CA ASN C 408 -6.41 44.43 6.41
C ASN C 408 -6.32 43.43 7.56
N LEU C 409 -5.92 42.20 7.21
CA LEU C 409 -5.94 41.06 8.14
C LEU C 409 -5.29 41.35 9.49
N PRO C 410 -4.13 42.00 9.58
CA PRO C 410 -3.53 42.22 10.91
C PRO C 410 -4.34 43.17 11.80
N ALA C 411 -5.05 44.14 11.23
CA ALA C 411 -5.77 45.09 12.07
C ALA C 411 -6.96 44.45 12.76
N ILE C 412 -7.67 43.55 12.09
CA ILE C 412 -8.79 42.87 12.72
C ILE C 412 -8.33 41.79 13.70
N VAL C 413 -7.11 41.27 13.54
CA VAL C 413 -6.59 40.30 14.48
C VAL C 413 -6.35 40.96 15.85
N GLU C 414 -5.83 42.18 15.84
CA GLU C 414 -5.53 42.86 17.10
C GLU C 414 -6.78 43.11 17.93
N LEU C 415 -7.92 43.37 17.29
CA LEU C 415 -9.19 43.53 17.99
C LEU C 415 -9.84 42.18 18.26
N GLY C 416 -9.44 41.14 17.53
CA GLY C 416 -9.92 39.79 17.76
C GLY C 416 -9.33 39.20 19.03
N THR C 417 -8.01 39.30 19.18
CA THR C 417 -7.34 38.80 20.39
C THR C 417 -7.74 39.56 21.64
N ALA C 418 -8.25 40.78 21.48
CA ALA C 418 -8.64 41.58 22.65
C ALA C 418 -10.02 41.23 23.15
N THR C 419 -10.91 40.75 22.28
CA THR C 419 -12.30 40.54 22.64
C THR C 419 -12.87 39.18 22.27
N GLY C 420 -12.24 38.43 21.35
CA GLY C 420 -12.88 37.25 20.80
C GLY C 420 -12.65 35.98 21.60
N PHE C 421 -13.57 35.03 21.41
CA PHE C 421 -13.45 33.69 21.96
C PHE C 421 -13.67 32.67 20.86
N ASP C 422 -13.25 31.43 21.13
CA ASP C 422 -13.30 30.34 20.16
C ASP C 422 -13.97 29.14 20.79
N PHE C 423 -15.17 28.81 20.32
CA PHE C 423 -16.06 27.85 20.96
C PHE C 423 -16.30 26.66 20.04
N GLU C 424 -16.30 25.46 20.61
CA GLU C 424 -16.54 24.22 19.87
C GLU C 424 -17.75 23.51 20.45
N LEU C 425 -18.79 23.34 19.63
CA LEU C 425 -19.93 22.53 20.00
C LEU C 425 -19.70 21.11 19.51
N ILE C 426 -19.89 20.13 20.40
CA ILE C 426 -19.44 18.76 20.15
C ILE C 426 -20.63 17.81 20.25
N ASP C 427 -20.73 16.89 19.29
CA ASP C 427 -21.69 15.79 19.34
C ASP C 427 -21.08 14.66 20.16
N GLN C 428 -21.57 14.48 21.38
CA GLN C 428 -20.97 13.53 22.33
C GLN C 428 -21.69 12.20 22.41
N ALA C 429 -22.80 12.02 21.67
CA ALA C 429 -23.57 10.79 21.79
C ALA C 429 -24.13 10.33 20.45
N GLY C 430 -23.40 10.57 19.37
CA GLY C 430 -23.84 10.10 18.05
C GLY C 430 -25.16 10.65 17.60
N LEU C 431 -25.40 11.95 17.83
CA LEU C 431 -26.69 12.53 17.46
C LEU C 431 -26.81 12.71 15.95
N GLY C 432 -25.72 13.07 15.29
CA GLY C 432 -25.71 13.29 13.86
C GLY C 432 -25.67 14.77 13.51
N HIS C 433 -25.43 15.02 12.22
CA HIS C 433 -25.20 16.39 11.75
C HIS C 433 -26.46 17.24 11.88
N GLU C 434 -27.62 16.68 11.54
CA GLU C 434 -28.86 17.44 11.56
C GLU C 434 -29.20 17.90 12.98
N LYS C 435 -29.09 17.01 13.96
CA LYS C 435 -29.40 17.38 15.33
C LYS C 435 -28.35 18.32 15.90
N LEU C 436 -27.08 18.18 15.49
CA LEU C 436 -26.06 19.11 15.95
C LEU C 436 -26.28 20.50 15.39
N THR C 437 -26.87 20.61 14.18
CA THR C 437 -27.21 21.91 13.64
C THR C 437 -28.33 22.56 14.45
N GLN C 438 -29.36 21.80 14.80
CA GLN C 438 -30.46 22.35 15.60
C GLN C 438 -29.96 22.79 16.96
N ALA C 439 -29.07 22.01 17.59
CA ALA C 439 -28.51 22.42 18.86
C ALA C 439 -27.70 23.69 18.73
N ARG C 440 -26.96 23.82 17.62
CA ARG C 440 -26.22 25.05 17.37
C ARG C 440 -27.16 26.25 17.23
N ASN C 441 -28.26 26.07 16.49
CA ASN C 441 -29.24 27.15 16.34
C ASN C 441 -29.83 27.53 17.68
N GLN C 442 -30.07 26.55 18.55
CA GLN C 442 -30.59 26.84 19.88
C GLN C 442 -29.61 27.69 20.69
N LEU C 443 -28.31 27.37 20.59
CA LEU C 443 -27.31 28.14 21.32
C LEU C 443 -27.14 29.53 20.72
N LEU C 444 -27.17 29.63 19.39
CA LEU C 444 -26.99 30.93 18.75
C LEU C 444 -28.17 31.86 19.04
N ALA C 445 -29.39 31.32 19.06
CA ALA C 445 -30.55 32.13 19.36
C ALA C 445 -30.51 32.66 20.79
N GLU C 446 -30.11 31.81 21.73
CA GLU C 446 -30.00 32.25 23.12
C GLU C 446 -28.87 33.26 23.30
N ALA C 447 -27.77 33.11 22.55
CA ALA C 447 -26.70 34.10 22.62
C ALA C 447 -27.18 35.46 22.13
N ALA C 448 -28.08 35.49 21.15
CA ALA C 448 -28.59 36.76 20.64
C ALA C 448 -29.44 37.48 21.68
N LYS C 449 -30.03 36.74 22.61
CA LYS C 449 -30.84 37.34 23.67
C LYS C 449 -30.02 38.02 24.76
N HIS C 450 -28.69 37.99 24.65
CA HIS C 450 -27.80 38.69 25.60
C HIS C 450 -26.86 39.60 24.84
N PRO C 451 -27.37 40.66 24.21
CA PRO C 451 -26.47 41.62 23.55
C PRO C 451 -25.62 42.40 24.54
N ASP C 452 -26.00 42.43 25.82
CA ASP C 452 -25.23 43.12 26.84
C ASP C 452 -23.91 42.43 27.14
N MET C 453 -23.77 41.15 26.79
CA MET C 453 -22.58 40.37 27.09
C MET C 453 -21.93 39.77 25.85
N LEU C 454 -22.70 39.35 24.87
CA LEU C 454 -22.18 38.68 23.69
C LEU C 454 -22.48 39.49 22.44
N THR C 455 -21.52 39.51 21.51
CA THR C 455 -21.66 40.24 20.26
C THR C 455 -21.06 39.41 19.13
N SER C 456 -21.78 39.33 18.01
CA SER C 456 -21.30 38.68 16.80
C SER C 456 -21.04 37.19 17.01
N VAL C 457 -21.91 36.53 17.76
CA VAL C 457 -21.82 35.09 17.95
C VAL C 457 -22.35 34.42 16.69
N ARG C 458 -21.48 33.68 16.00
CA ARG C 458 -21.78 33.18 14.67
C ARG C 458 -21.02 31.88 14.46
N PRO C 459 -21.49 31.02 13.55
CA PRO C 459 -20.71 29.83 13.20
C PRO C 459 -19.53 30.22 12.31
N ASN C 460 -18.40 29.55 12.55
CA ASN C 460 -17.24 29.73 11.69
C ASN C 460 -17.36 28.95 10.39
N GLY C 461 -18.31 28.03 10.29
CA GLY C 461 -18.45 27.15 9.15
C GLY C 461 -19.55 27.55 8.20
N LEU C 462 -20.00 26.58 7.41
CA LEU C 462 -20.95 26.80 6.33
C LEU C 462 -22.28 26.13 6.64
N GLU C 463 -23.33 26.62 5.98
CA GLU C 463 -24.67 26.07 6.12
C GLU C 463 -24.90 24.98 5.10
N ASP C 464 -25.87 24.11 5.41
CA ASP C 464 -26.30 23.11 4.44
C ASP C 464 -26.78 23.78 3.16
N THR C 465 -26.57 23.09 2.05
CA THR C 465 -26.90 23.59 0.72
C THR C 465 -27.68 22.52 -0.04
N PRO C 466 -28.39 22.89 -1.10
CA PRO C 466 -29.07 21.88 -1.93
C PRO C 466 -28.06 20.95 -2.59
N GLN C 467 -28.34 19.65 -2.53
CA GLN C 467 -27.51 18.66 -3.18
C GLN C 467 -28.39 17.66 -3.91
N PHE C 468 -27.80 16.99 -4.89
CA PHE C 468 -28.52 16.14 -5.85
C PHE C 468 -28.36 14.68 -5.44
N LYS C 469 -29.39 14.14 -4.80
CA LYS C 469 -29.36 12.76 -4.30
C LYS C 469 -29.89 11.83 -5.40
N ILE C 470 -29.07 10.86 -5.81
CA ILE C 470 -29.44 9.91 -6.84
C ILE C 470 -29.38 8.50 -6.25
N ASP C 471 -30.48 7.77 -6.38
CA ASP C 471 -30.60 6.41 -5.86
C ASP C 471 -30.49 5.43 -7.03
N ILE C 472 -29.52 4.52 -6.94
CA ILE C 472 -29.42 3.41 -7.88
C ILE C 472 -30.37 2.31 -7.42
N ASP C 473 -31.23 1.84 -8.31
CA ASP C 473 -32.16 0.75 -7.99
C ASP C 473 -31.46 -0.57 -8.26
N GLN C 474 -31.12 -1.29 -7.18
CA GLN C 474 -30.35 -2.52 -7.33
C GLN C 474 -31.13 -3.58 -8.09
N GLU C 475 -32.45 -3.65 -7.87
CA GLU C 475 -33.25 -4.68 -8.53
C GLU C 475 -33.30 -4.46 -10.03
N LYS C 476 -33.53 -3.22 -10.47
CA LYS C 476 -33.59 -2.95 -11.89
C LYS C 476 -32.24 -3.22 -12.56
N ALA C 477 -31.14 -2.85 -11.89
CA ALA C 477 -29.81 -3.08 -12.45
C ALA C 477 -29.55 -4.57 -12.62
N GLN C 478 -29.91 -5.38 -11.62
CA GLN C 478 -29.69 -6.81 -11.72
C GLN C 478 -30.57 -7.44 -12.79
N ALA C 479 -31.81 -6.95 -12.91
CA ALA C 479 -32.71 -7.50 -13.93
C ALA C 479 -32.20 -7.20 -15.33
N LEU C 480 -31.64 -6.01 -15.55
CA LEU C 480 -31.10 -5.64 -16.85
C LEU C 480 -29.69 -6.16 -17.07
N GLY C 481 -29.03 -6.69 -16.04
CA GLY C 481 -27.67 -7.19 -16.20
C GLY C 481 -26.60 -6.13 -16.19
N VAL C 482 -26.85 -5.01 -15.50
CA VAL C 482 -25.89 -3.92 -15.41
C VAL C 482 -25.19 -4.02 -14.06
N SER C 483 -23.86 -4.09 -14.08
CA SER C 483 -23.09 -4.22 -12.85
C SER C 483 -23.00 -2.88 -12.14
N ILE C 484 -23.03 -2.93 -10.81
CA ILE C 484 -22.96 -1.71 -10.00
C ILE C 484 -21.62 -1.02 -10.17
N ASN C 485 -20.54 -1.79 -10.37
CA ASN C 485 -19.23 -1.20 -10.57
C ASN C 485 -19.19 -0.38 -11.87
N ASP C 486 -19.86 -0.87 -12.92
CA ASP C 486 -19.95 -0.12 -14.16
C ASP C 486 -20.78 1.16 -13.98
N ILE C 487 -21.86 1.06 -13.22
CA ILE C 487 -22.71 2.23 -12.97
C ILE C 487 -21.94 3.30 -12.22
N ASN C 488 -21.31 2.91 -11.10
CA ASN C 488 -20.66 3.90 -10.25
C ASN C 488 -19.39 4.45 -10.88
N THR C 489 -18.71 3.67 -11.73
CA THR C 489 -17.55 4.20 -12.43
C THR C 489 -17.97 5.15 -13.55
N THR C 490 -19.05 4.84 -14.26
CA THR C 490 -19.55 5.74 -15.30
C THR C 490 -19.98 7.07 -14.68
N LEU C 491 -20.71 7.01 -13.57
CA LEU C 491 -21.15 8.25 -12.92
C LEU C 491 -19.97 9.02 -12.36
N GLY C 492 -19.05 8.33 -11.68
CA GLY C 492 -17.94 9.02 -11.03
C GLY C 492 -16.93 9.57 -12.03
N ALA C 493 -16.54 8.76 -13.01
CA ALA C 493 -15.51 9.20 -13.96
C ALA C 493 -16.03 10.35 -14.84
N ALA C 494 -17.30 10.30 -15.23
CA ALA C 494 -17.85 11.35 -16.07
C ALA C 494 -18.06 12.65 -15.28
N TRP C 495 -18.71 12.56 -14.13
CA TRP C 495 -19.11 13.77 -13.40
C TRP C 495 -18.06 14.26 -12.42
N GLY C 496 -17.20 13.38 -11.92
CA GLY C 496 -16.20 13.78 -10.95
C GLY C 496 -14.78 13.71 -11.47
N GLY C 497 -14.56 12.95 -12.53
CA GLY C 497 -13.24 12.75 -13.08
C GLY C 497 -12.53 11.58 -12.41
N SER C 498 -11.57 11.02 -13.15
CA SER C 498 -10.82 9.86 -12.67
C SER C 498 -9.37 9.97 -13.10
N TYR C 499 -8.47 9.86 -12.12
CA TYR C 499 -7.02 9.80 -12.38
C TYR C 499 -6.67 8.38 -12.79
N VAL C 500 -6.34 8.19 -14.07
CA VAL C 500 -6.15 6.85 -14.62
C VAL C 500 -4.73 6.38 -14.39
N ASN C 501 -3.76 7.01 -15.06
CA ASN C 501 -2.36 6.64 -14.89
C ASN C 501 -1.50 7.83 -15.31
N ASP C 502 -0.21 7.59 -15.55
CA ASP C 502 0.73 8.64 -15.86
C ASP C 502 1.23 8.52 -17.29
N PHE C 503 1.67 9.66 -17.83
CA PHE C 503 2.29 9.74 -19.14
C PHE C 503 3.53 10.62 -19.04
N ILE C 504 4.27 10.75 -20.14
CA ILE C 504 5.52 11.50 -20.17
C ILE C 504 5.33 12.71 -21.06
N ASP C 505 5.30 13.89 -20.45
CA ASP C 505 5.16 15.16 -21.17
C ASP C 505 6.55 15.78 -21.30
N ARG C 506 7.15 15.66 -22.48
CA ARG C 506 8.46 16.25 -22.77
C ARG C 506 9.51 15.79 -21.76
N GLY C 507 9.53 14.49 -21.48
CA GLY C 507 10.51 13.90 -20.59
C GLY C 507 10.13 13.91 -19.12
N ARG C 508 8.95 14.42 -18.76
CA ARG C 508 8.55 14.55 -17.36
C ARG C 508 7.25 13.79 -17.12
N VAL C 509 7.23 12.98 -16.05
CA VAL C 509 6.02 12.22 -15.71
C VAL C 509 4.93 13.17 -15.24
N LYS C 510 3.73 13.00 -15.79
CA LYS C 510 2.56 13.78 -15.42
C LYS C 510 1.33 12.88 -15.45
N LYS C 511 0.22 13.41 -14.94
CA LYS C 511 -0.98 12.62 -14.74
C LYS C 511 -1.88 12.61 -15.98
N VAL C 512 -2.71 11.57 -16.08
CA VAL C 512 -3.74 11.44 -17.10
C VAL C 512 -5.09 11.40 -16.40
N TYR C 513 -6.00 12.27 -16.84
CA TYR C 513 -7.33 12.37 -16.24
C TYR C 513 -8.40 12.11 -17.28
N VAL C 514 -9.39 11.32 -16.88
CA VAL C 514 -10.58 11.07 -17.70
C VAL C 514 -11.76 11.74 -17.01
N MET C 515 -12.55 12.47 -17.79
CA MET C 515 -13.72 13.19 -17.27
C MET C 515 -14.61 13.55 -18.45
N SER C 516 -15.90 13.71 -18.17
CA SER C 516 -16.82 14.16 -19.19
C SER C 516 -16.51 15.60 -19.61
N GLU C 517 -16.72 15.88 -20.89
CA GLU C 517 -16.71 17.26 -21.35
C GLU C 517 -17.78 18.05 -20.60
N ALA C 518 -17.50 19.34 -20.39
CA ALA C 518 -18.32 20.15 -19.49
C ALA C 518 -19.80 20.11 -19.86
N LYS C 519 -20.12 20.22 -21.15
CA LYS C 519 -21.51 20.37 -21.56
C LYS C 519 -22.35 19.12 -21.35
N TYR C 520 -21.77 18.02 -20.87
CA TYR C 520 -22.51 16.80 -20.60
C TYR C 520 -22.54 16.45 -19.13
N ARG C 521 -22.16 17.39 -18.25
CA ARG C 521 -22.16 17.13 -16.81
C ARG C 521 -22.55 18.39 -16.05
N MET C 522 -23.52 19.13 -16.56
CA MET C 522 -23.93 20.40 -15.98
C MET C 522 -25.23 20.34 -15.21
N LEU C 523 -26.25 19.67 -15.73
CA LEU C 523 -27.59 19.74 -15.21
C LEU C 523 -28.17 18.34 -15.05
N PRO C 524 -29.21 18.18 -14.21
CA PRO C 524 -29.79 16.86 -13.99
C PRO C 524 -30.23 16.14 -15.26
N ASP C 525 -30.69 16.88 -16.28
CA ASP C 525 -31.11 16.24 -17.52
C ASP C 525 -29.96 15.50 -18.18
N ASP C 526 -28.72 15.92 -17.93
CA ASP C 526 -27.56 15.26 -18.53
C ASP C 526 -27.33 13.86 -17.97
N ILE C 527 -27.87 13.56 -16.78
CA ILE C 527 -27.73 12.23 -16.21
C ILE C 527 -28.25 11.17 -17.17
N GLY C 528 -29.43 11.40 -17.75
CA GLY C 528 -30.05 10.45 -18.67
C GLY C 528 -29.29 10.23 -19.96
N ASP C 529 -28.34 11.09 -20.30
CA ASP C 529 -27.59 10.94 -21.54
C ASP C 529 -26.42 9.96 -21.41
N TRP C 530 -26.14 9.46 -20.21
CA TRP C 530 -25.04 8.54 -19.98
C TRP C 530 -25.55 7.10 -19.98
N TYR C 531 -24.90 6.25 -20.77
CA TYR C 531 -25.33 4.87 -20.97
C TYR C 531 -24.29 3.91 -20.42
N VAL C 532 -24.77 2.78 -19.93
CA VAL C 532 -23.93 1.70 -19.41
C VAL C 532 -24.25 0.44 -20.19
N ARG C 533 -23.23 -0.35 -20.48
CA ARG C 533 -23.42 -1.59 -21.25
C ARG C 533 -23.77 -2.73 -20.31
N ALA C 534 -24.87 -3.41 -20.61
CA ALA C 534 -25.29 -4.56 -19.81
C ALA C 534 -24.47 -5.80 -20.18
N ALA C 535 -24.70 -6.87 -19.43
CA ALA C 535 -23.99 -8.11 -19.68
C ALA C 535 -24.30 -8.68 -21.07
N ASP C 536 -25.54 -8.51 -21.53
CA ASP C 536 -25.93 -9.00 -22.84
C ASP C 536 -25.47 -8.08 -23.98
N GLY C 537 -24.87 -6.94 -23.67
CA GLY C 537 -24.35 -6.03 -24.68
C GLY C 537 -25.23 -4.83 -24.96
N GLN C 538 -26.44 -4.77 -24.42
CA GLN C 538 -27.31 -3.63 -24.65
C GLN C 538 -26.80 -2.41 -23.89
N MET C 539 -27.10 -1.23 -24.45
CA MET C 539 -26.78 0.03 -23.79
C MET C 539 -28.02 0.51 -23.01
N VAL C 540 -27.86 0.66 -21.71
CA VAL C 540 -28.95 1.01 -20.81
C VAL C 540 -28.73 2.46 -20.35
N PRO C 541 -29.71 3.34 -20.53
CA PRO C 541 -29.53 4.72 -20.05
C PRO C 541 -29.60 4.78 -18.53
N PHE C 542 -28.93 5.79 -17.97
CA PHE C 542 -28.89 5.94 -16.52
C PHE C 542 -30.29 6.10 -15.93
N SER C 543 -31.20 6.69 -16.69
CA SER C 543 -32.55 6.91 -16.20
C SER C 543 -33.33 5.62 -16.00
N ALA C 544 -32.86 4.51 -16.57
CA ALA C 544 -33.60 3.26 -16.50
C ALA C 544 -33.47 2.59 -15.13
N PHE C 545 -32.38 2.84 -14.40
CA PHE C 545 -32.14 2.16 -13.13
C PHE C 545 -31.88 3.15 -11.99
N SER C 546 -32.32 4.39 -12.12
CA SER C 546 -31.99 5.39 -11.12
C SER C 546 -33.13 6.39 -10.97
N SER C 547 -33.18 7.01 -9.80
CA SER C 547 -34.12 8.09 -9.50
C SER C 547 -33.38 9.12 -8.67
N SER C 548 -33.88 10.35 -8.69
CA SER C 548 -33.16 11.44 -8.02
C SER C 548 -34.15 12.42 -7.40
N ARG C 549 -33.63 13.21 -6.46
CA ARG C 549 -34.41 14.21 -5.75
C ARG C 549 -33.46 15.23 -5.14
N TRP C 550 -33.99 16.41 -4.84
CA TRP C 550 -33.23 17.44 -4.15
C TRP C 550 -33.34 17.25 -2.64
N GLU C 551 -32.21 17.39 -1.95
CA GLU C 551 -32.19 17.38 -0.49
C GLU C 551 -31.16 18.40 -0.03
N TYR C 552 -30.97 18.49 1.29
CA TYR C 552 -29.96 19.36 1.86
C TYR C 552 -28.91 18.52 2.56
N GLY C 553 -27.67 19.02 2.54
CA GLY C 553 -26.54 18.34 3.13
C GLY C 553 -25.39 19.30 3.33
N SER C 554 -24.40 18.84 4.07
CA SER C 554 -23.33 19.74 4.46
C SER C 554 -22.25 19.81 3.37
N PRO C 555 -21.81 21.00 2.98
CA PRO C 555 -20.63 21.12 2.12
C PRO C 555 -19.31 21.20 2.88
N ARG C 556 -19.36 21.17 4.23
CA ARG C 556 -18.15 21.27 5.03
C ARG C 556 -18.48 20.74 6.43
N LEU C 557 -18.07 19.50 6.71
CA LEU C 557 -18.27 18.91 8.01
C LEU C 557 -17.03 19.12 8.88
N GLU C 558 -17.26 19.40 10.16
CA GLU C 558 -16.19 19.71 11.09
C GLU C 558 -16.15 18.67 12.20
N ARG C 559 -14.94 18.39 12.70
CA ARG C 559 -14.75 17.48 13.81
C ARG C 559 -13.74 18.08 14.77
N TYR C 560 -13.89 17.74 16.06
CA TYR C 560 -13.00 18.24 17.10
C TYR C 560 -12.68 17.10 18.04
N ASN C 561 -11.39 16.78 18.17
CA ASN C 561 -10.92 15.66 18.99
C ASN C 561 -11.64 14.36 18.59
N GLY C 562 -11.87 14.18 17.30
CA GLY C 562 -12.42 12.96 16.77
C GLY C 562 -13.93 12.86 16.73
N LEU C 563 -14.64 13.91 17.13
CA LEU C 563 -16.09 13.86 17.22
C LEU C 563 -16.71 14.95 16.35
N PRO C 564 -17.92 14.72 15.82
CA PRO C 564 -18.58 15.78 15.03
C PRO C 564 -18.69 17.07 15.85
N SER C 565 -18.45 18.19 15.17
CA SER C 565 -18.35 19.46 15.88
C SER C 565 -18.76 20.60 14.97
N MET C 566 -18.97 21.76 15.60
CA MET C 566 -19.28 22.99 14.89
C MET C 566 -18.61 24.14 15.64
N GLU C 567 -17.67 24.80 14.98
CA GLU C 567 -16.95 25.90 15.61
C GLU C 567 -17.84 27.15 15.65
N ILE C 568 -17.83 27.83 16.80
CA ILE C 568 -18.63 29.03 17.01
C ILE C 568 -17.70 30.14 17.47
N LEU C 569 -17.73 31.27 16.76
CA LEU C 569 -16.92 32.43 17.11
C LEU C 569 -17.81 33.52 17.71
N GLY C 570 -17.17 34.45 18.39
CA GLY C 570 -17.88 35.56 19.01
C GLY C 570 -16.93 36.45 19.76
N GLN C 571 -17.50 37.42 20.48
CA GLN C 571 -16.69 38.32 21.28
C GLN C 571 -17.54 38.91 22.40
N ALA C 572 -16.84 39.38 23.43
CA ALA C 572 -17.52 40.01 24.56
C ALA C 572 -18.02 41.39 24.16
N ALA C 573 -19.19 41.76 24.69
CA ALA C 573 -19.76 43.06 24.43
C ALA C 573 -18.84 44.16 24.96
N PRO C 574 -18.99 45.40 24.46
CA PRO C 574 -18.18 46.51 24.98
C PRO C 574 -18.33 46.65 26.49
N GLY C 575 -17.19 46.76 27.18
CA GLY C 575 -17.16 46.88 28.62
C GLY C 575 -17.09 45.57 29.37
N LYS C 576 -17.22 44.43 28.69
CA LYS C 576 -17.17 43.13 29.32
C LYS C 576 -15.85 42.44 29.00
N SER C 577 -15.42 41.57 29.91
CA SER C 577 -14.17 40.84 29.73
C SER C 577 -14.41 39.55 28.95
N THR C 578 -13.31 39.01 28.41
CA THR C 578 -13.41 37.76 27.67
C THR C 578 -13.91 36.63 28.55
N GLY C 579 -13.32 36.50 29.75
CA GLY C 579 -13.75 35.45 30.66
C GLY C 579 -15.20 35.59 31.08
N GLU C 580 -15.69 36.82 31.18
CA GLU C 580 -17.10 37.03 31.51
C GLU C 580 -18.00 36.50 30.40
N ALA C 581 -17.64 36.75 29.14
CA ALA C 581 -18.43 36.25 28.03
C ALA C 581 -18.35 34.72 27.93
N MET C 582 -17.17 34.16 28.16
CA MET C 582 -17.03 32.70 28.12
C MET C 582 -17.89 32.03 29.17
N GLU C 583 -18.03 32.65 30.35
CA GLU C 583 -18.82 32.04 31.40
C GLU C 583 -20.31 32.01 31.03
N LEU C 584 -20.80 33.03 30.34
CA LEU C 584 -22.18 33.01 29.89
C LEU C 584 -22.38 31.95 28.81
N MET C 585 -21.41 31.80 27.90
CA MET C 585 -21.52 30.75 26.88
C MET C 585 -21.62 29.37 27.50
N GLU C 586 -20.84 29.13 28.56
CA GLU C 586 -20.93 27.85 29.27
C GLU C 586 -22.29 27.69 29.93
N GLN C 587 -22.88 28.79 30.42
CA GLN C 587 -24.22 28.72 31.00
C GLN C 587 -25.26 28.33 29.94
N LEU C 588 -25.20 28.96 28.77
CA LEU C 588 -26.14 28.64 27.71
C LEU C 588 -25.92 27.24 27.17
N ALA C 589 -24.65 26.82 27.08
CA ALA C 589 -24.35 25.48 26.56
C ALA C 589 -24.84 24.39 27.51
N SER C 590 -24.90 24.68 28.81
CA SER C 590 -25.38 23.70 29.78
C SER C 590 -26.87 23.38 29.62
N LYS C 591 -27.62 24.21 28.90
CA LYS C 591 -29.04 24.00 28.69
C LYS C 591 -29.35 23.43 27.31
N LEU C 592 -28.34 22.90 26.62
CA LEU C 592 -28.51 22.34 25.30
C LEU C 592 -29.03 20.89 25.39
N PRO C 593 -29.55 20.34 24.30
CA PRO C 593 -30.13 18.99 24.36
C PRO C 593 -29.14 17.94 24.86
N THR C 594 -29.69 16.78 25.20
CA THR C 594 -28.88 15.70 25.76
C THR C 594 -27.88 15.19 24.73
N GLY C 595 -26.63 15.04 25.16
CA GLY C 595 -25.59 14.54 24.30
C GLY C 595 -24.77 15.59 23.58
N VAL C 596 -25.09 16.87 23.77
CA VAL C 596 -24.36 17.96 23.15
C VAL C 596 -23.40 18.55 24.18
N GLY C 597 -22.10 18.45 23.90
CA GLY C 597 -21.08 19.00 24.75
C GLY C 597 -20.44 20.24 24.14
N TYR C 598 -19.36 20.68 24.78
CA TYR C 598 -18.65 21.86 24.29
C TYR C 598 -17.21 21.84 24.80
N ASP C 599 -16.38 22.65 24.15
CA ASP C 599 -14.99 22.79 24.53
C ASP C 599 -14.47 24.13 24.00
N TRP C 600 -13.47 24.66 24.67
CA TRP C 600 -12.79 25.88 24.23
C TRP C 600 -11.51 25.51 23.49
N THR C 601 -11.18 26.29 22.47
CA THR C 601 -10.04 25.99 21.62
C THR C 601 -9.33 27.28 21.23
N GLY C 602 -8.15 27.13 20.64
CA GLY C 602 -7.42 28.27 20.13
C GLY C 602 -7.05 29.25 21.21
N MET C 603 -7.33 30.53 20.97
CA MET C 603 -7.01 31.57 21.94
C MET C 603 -7.79 31.42 23.24
N SER C 604 -8.93 30.75 23.22
CA SER C 604 -9.72 30.53 24.42
C SER C 604 -9.31 29.29 25.20
N TYR C 605 -8.56 28.37 24.58
CA TYR C 605 -8.11 27.17 25.27
C TYR C 605 -7.17 27.53 26.42
N GLN C 606 -6.23 28.44 26.18
CA GLN C 606 -5.25 28.80 27.20
C GLN C 606 -5.82 29.80 28.20
N GLU C 607 -6.76 30.64 27.78
CA GLU C 607 -7.34 31.63 28.68
C GLU C 607 -7.95 30.98 29.91
N ARG C 608 -8.85 30.01 29.70
CA ARG C 608 -9.53 29.33 30.80
C ARG C 608 -10.06 27.98 30.35
N HIS D 6 -15.41 -49.63 18.60
CA HIS D 6 -14.11 -49.09 18.20
C HIS D 6 -14.04 -47.59 18.45
N HIS D 7 -15.21 -46.94 18.47
CA HIS D 7 -15.29 -45.50 18.74
C HIS D 7 -15.46 -45.32 20.24
N HIS D 8 -14.33 -45.23 20.95
CA HIS D 8 -14.35 -45.09 22.39
C HIS D 8 -14.62 -43.64 22.81
N ASP D 13 -10.39 -39.49 34.99
CA ASP D 13 -9.21 -38.77 35.45
C ASP D 13 -7.94 -39.57 35.20
N LEU D 14 -7.96 -40.84 35.60
CA LEU D 14 -6.83 -41.71 35.30
C LEU D 14 -6.69 -41.92 33.79
N GLY D 15 -7.82 -41.99 33.08
CA GLY D 15 -7.77 -42.11 31.64
C GLY D 15 -7.19 -40.89 30.97
N LYS D 16 -7.49 -39.70 31.52
CA LYS D 16 -6.91 -38.48 30.98
C LYS D 16 -5.42 -38.40 31.27
N LYS D 17 -5.00 -38.83 32.47
CA LYS D 17 -3.57 -38.86 32.77
C LYS D 17 -2.85 -39.91 31.94
N LEU D 18 -3.52 -41.02 31.61
CA LEU D 18 -2.91 -42.02 30.73
C LEU D 18 -2.78 -41.48 29.31
N LEU D 19 -3.78 -40.74 28.84
CA LEU D 19 -3.70 -40.14 27.51
C LEU D 19 -2.51 -39.20 27.41
N GLU D 20 -2.31 -38.36 28.42
CA GLU D 20 -1.20 -37.40 28.39
C GLU D 20 0.14 -38.10 28.58
N ALA D 21 0.17 -39.19 29.35
CA ALA D 21 1.43 -39.89 29.57
C ALA D 21 1.89 -40.63 28.31
N ALA D 22 0.96 -41.22 27.57
CA ALA D 22 1.32 -41.90 26.34
C ALA D 22 1.77 -40.92 25.27
N ARG D 23 1.21 -39.71 25.27
CA ARG D 23 1.62 -38.70 24.29
C ARG D 23 3.01 -38.15 24.62
N ALA D 24 3.32 -37.99 25.91
CA ALA D 24 4.60 -37.43 26.31
C ALA D 24 5.74 -38.43 26.25
N GLY D 25 5.44 -39.72 26.17
CA GLY D 25 6.46 -40.75 26.12
C GLY D 25 6.98 -41.22 27.45
N ARG D 26 6.20 -41.05 28.52
CA ARG D 26 6.62 -41.45 29.86
C ARG D 26 6.30 -42.93 30.05
N ASP D 27 7.31 -43.79 29.84
CA ASP D 27 7.10 -45.23 29.95
C ASP D 27 6.78 -45.63 31.38
N ASP D 28 7.42 -44.99 32.37
CA ASP D 28 7.22 -45.37 33.76
C ASP D 28 5.80 -45.06 34.22
N GLU D 29 5.29 -43.87 33.88
CA GLU D 29 3.96 -43.48 34.35
C GLU D 29 2.87 -44.29 33.67
N VAL D 30 3.07 -44.69 32.42
CA VAL D 30 2.05 -45.47 31.72
C VAL D 30 1.83 -46.80 32.41
N ARG D 31 2.92 -47.48 32.79
CA ARG D 31 2.77 -48.78 33.45
C ARG D 31 2.19 -48.65 34.85
N ILE D 32 2.51 -47.55 35.55
CA ILE D 32 1.93 -47.33 36.88
C ILE D 32 0.42 -47.18 36.78
N LEU D 33 -0.04 -46.37 35.82
CA LEU D 33 -1.48 -46.14 35.68
C LEU D 33 -2.20 -47.38 35.18
N MET D 34 -1.54 -48.20 34.35
CA MET D 34 -2.15 -49.46 33.94
C MET D 34 -2.34 -50.40 35.11
N ALA D 35 -1.38 -50.45 36.03
CA ALA D 35 -1.46 -51.26 37.23
C ALA D 35 -2.42 -50.69 38.27
N ASN D 36 -3.03 -49.54 37.99
CA ASN D 36 -4.03 -48.96 38.88
C ASN D 36 -5.41 -48.88 38.24
N GLY D 37 -5.64 -49.61 37.14
CA GLY D 37 -6.96 -49.73 36.57
C GLY D 37 -7.35 -48.65 35.58
N ALA D 38 -6.41 -47.87 35.07
CA ALA D 38 -6.74 -46.83 34.11
C ALA D 38 -7.29 -47.44 32.83
N ASP D 39 -8.30 -46.78 32.26
CA ASP D 39 -8.94 -47.27 31.03
C ASP D 39 -7.93 -47.23 29.90
N VAL D 40 -7.56 -48.39 29.37
CA VAL D 40 -6.61 -48.47 28.28
C VAL D 40 -7.17 -47.88 26.99
N ASN D 41 -8.50 -47.82 26.87
CA ASN D 41 -9.15 -47.26 25.69
C ASN D 41 -9.78 -45.90 25.97
N ALA D 42 -9.19 -45.13 26.88
CA ALA D 42 -9.66 -43.77 27.13
C ALA D 42 -9.42 -42.90 25.91
N ALA D 43 -10.45 -42.17 25.49
CA ALA D 43 -10.38 -41.34 24.31
C ALA D 43 -10.48 -39.86 24.69
N ASP D 44 -9.90 -39.01 23.87
CA ASP D 44 -9.97 -37.57 24.06
C ASP D 44 -11.09 -37.00 23.18
N VAL D 45 -11.14 -35.66 23.09
CA VAL D 45 -12.23 -35.01 22.37
C VAL D 45 -12.22 -35.34 20.89
N VAL D 46 -11.07 -35.71 20.31
CA VAL D 46 -11.03 -36.09 18.90
C VAL D 46 -11.09 -37.59 18.70
N GLY D 47 -11.26 -38.37 19.77
CA GLY D 47 -11.38 -39.80 19.65
C GLY D 47 -10.07 -40.55 19.64
N TRP D 48 -8.98 -39.93 20.07
CA TRP D 48 -7.67 -40.57 20.06
C TRP D 48 -7.48 -41.30 21.39
N THR D 49 -7.26 -42.60 21.31
CA THR D 49 -6.89 -43.43 22.45
C THR D 49 -5.41 -43.25 22.73
N PRO D 50 -4.91 -43.77 23.86
CA PRO D 50 -3.45 -43.71 24.08
C PRO D 50 -2.66 -44.44 23.01
N LEU D 51 -3.24 -45.46 22.38
CA LEU D 51 -2.58 -46.14 21.28
C LEU D 51 -2.43 -45.21 20.08
N HIS D 52 -3.42 -44.35 19.84
CA HIS D 52 -3.30 -43.34 18.79
C HIS D 52 -2.12 -42.42 19.05
N LEU D 53 -2.05 -41.87 20.27
CA LEU D 53 -1.01 -40.90 20.58
C LEU D 53 0.38 -41.53 20.58
N ALA D 54 0.50 -42.74 21.11
CA ALA D 54 1.80 -43.42 21.12
C ALA D 54 2.26 -43.72 19.71
N ALA D 55 1.35 -44.15 18.84
CA ALA D 55 1.72 -44.41 17.44
C ALA D 55 2.07 -43.13 16.71
N TYR D 56 1.37 -42.03 17.01
CA TYR D 56 1.63 -40.77 16.33
C TYR D 56 3.00 -40.22 16.69
N TRP D 57 3.33 -40.18 17.98
CA TRP D 57 4.59 -39.61 18.44
C TRP D 57 5.72 -40.63 18.49
N GLY D 58 5.51 -41.83 17.96
CA GLY D 58 6.58 -42.80 17.82
C GLY D 58 7.14 -43.37 19.10
N HIS D 59 6.30 -43.62 20.10
CA HIS D 59 6.73 -44.20 21.38
C HIS D 59 6.45 -45.69 21.32
N LEU D 60 7.45 -46.45 20.85
CA LEU D 60 7.25 -47.88 20.57
C LEU D 60 7.00 -48.67 21.84
N GLU D 61 7.73 -48.36 22.93
CA GLU D 61 7.56 -49.11 24.17
C GLU D 61 6.14 -49.00 24.71
N ILE D 62 5.56 -47.80 24.64
CA ILE D 62 4.19 -47.61 25.13
C ILE D 62 3.19 -48.32 24.24
N VAL D 63 3.48 -48.44 22.94
CA VAL D 63 2.59 -49.15 22.04
C VAL D 63 2.44 -50.61 22.44
N GLU D 64 3.56 -51.24 22.82
CA GLU D 64 3.50 -52.65 23.21
C GLU D 64 2.89 -52.80 24.60
N VAL D 65 3.18 -51.86 25.51
CA VAL D 65 2.61 -51.92 26.85
C VAL D 65 1.09 -51.78 26.79
N LEU D 66 0.58 -50.87 25.96
CA LEU D 66 -0.85 -50.69 25.83
C LEU D 66 -1.51 -51.93 25.23
N LEU D 67 -0.92 -52.48 24.17
CA LEU D 67 -1.45 -53.70 23.57
C LEU D 67 -1.36 -54.88 24.52
N LYS D 68 -0.35 -54.89 25.40
CA LYS D 68 -0.25 -55.92 26.42
C LYS D 68 -1.46 -55.89 27.35
N ASN D 69 -1.98 -54.69 27.64
CA ASN D 69 -3.11 -54.53 28.53
C ASN D 69 -4.44 -54.47 27.80
N GLY D 70 -4.52 -55.04 26.60
CA GLY D 70 -5.79 -55.17 25.90
C GLY D 70 -6.26 -53.94 25.18
N ALA D 71 -5.35 -53.06 24.74
CA ALA D 71 -5.75 -51.87 24.01
C ALA D 71 -6.38 -52.25 22.67
N ASP D 72 -7.42 -51.51 22.29
CA ASP D 72 -8.07 -51.73 21.00
C ASP D 72 -7.10 -51.37 19.89
N VAL D 73 -6.57 -52.38 19.20
CA VAL D 73 -5.60 -52.14 18.14
C VAL D 73 -6.23 -51.42 16.95
N ASN D 74 -7.55 -51.53 16.80
CA ASN D 74 -8.26 -50.92 15.68
C ASN D 74 -9.22 -49.82 16.15
N ALA D 75 -8.79 -49.06 17.16
CA ALA D 75 -9.60 -47.97 17.68
C ALA D 75 -9.77 -46.88 16.62
N TYR D 76 -10.97 -46.33 16.53
CA TYR D 76 -11.30 -45.27 15.59
C TYR D 76 -11.26 -43.92 16.30
N ASP D 77 -10.78 -42.90 15.60
CA ASP D 77 -11.03 -41.54 16.04
C ASP D 77 -12.30 -41.03 15.37
N THR D 78 -12.66 -39.78 15.62
CA THR D 78 -13.93 -39.27 15.12
C THR D 78 -13.98 -39.17 13.59
N LEU D 79 -12.84 -39.32 12.91
CA LEU D 79 -12.80 -39.32 11.46
C LEU D 79 -12.46 -40.70 10.89
N GLY D 80 -12.44 -41.73 11.72
CA GLY D 80 -12.22 -43.08 11.24
C GLY D 80 -10.78 -43.51 11.12
N SER D 81 -9.85 -42.81 11.76
CA SER D 81 -8.44 -43.13 11.63
C SER D 81 -8.00 -44.03 12.78
N THR D 82 -7.24 -45.07 12.45
CA THR D 82 -6.72 -46.08 13.37
C THR D 82 -5.27 -45.79 13.71
N PRO D 83 -4.76 -46.35 14.81
CA PRO D 83 -3.33 -46.16 15.13
C PRO D 83 -2.40 -46.61 14.02
N LEU D 84 -2.80 -47.60 13.21
CA LEU D 84 -1.96 -48.02 12.09
C LEU D 84 -1.87 -46.92 11.03
N HIS D 85 -2.97 -46.21 10.80
CA HIS D 85 -2.94 -45.05 9.90
C HIS D 85 -1.85 -44.07 10.31
N LEU D 86 -1.83 -43.69 11.59
CA LEU D 86 -0.87 -42.71 12.07
C LEU D 86 0.55 -43.26 12.00
N ALA D 87 0.76 -44.51 12.41
CA ALA D 87 2.09 -45.08 12.39
C ALA D 87 2.64 -45.17 10.97
N ALA D 88 1.81 -45.61 10.02
CA ALA D 88 2.26 -45.71 8.65
C ALA D 88 2.48 -44.33 8.03
N HIS D 89 1.67 -43.34 8.41
CA HIS D 89 1.78 -42.02 7.80
C HIS D 89 3.07 -41.31 8.21
N PHE D 90 3.55 -41.53 9.44
CA PHE D 90 4.65 -40.76 9.99
C PHE D 90 5.95 -41.56 10.07
N GLY D 91 6.06 -42.65 9.32
CA GLY D 91 7.31 -43.36 9.20
C GLY D 91 7.81 -44.04 10.46
N HIS D 92 6.90 -44.65 11.23
CA HIS D 92 7.27 -45.39 12.44
C HIS D 92 7.18 -46.87 12.10
N LEU D 93 8.27 -47.40 11.53
CA LEU D 93 8.27 -48.75 11.00
C LEU D 93 8.06 -49.80 12.09
N GLU D 94 8.77 -49.66 13.21
CA GLU D 94 8.64 -50.63 14.30
C GLU D 94 7.21 -50.69 14.82
N ILE D 95 6.56 -49.53 14.93
CA ILE D 95 5.18 -49.51 15.43
C ILE D 95 4.24 -50.18 14.43
N VAL D 96 4.45 -49.93 13.13
CA VAL D 96 3.67 -50.62 12.11
C VAL D 96 3.84 -52.13 12.24
N GLU D 97 5.07 -52.58 12.56
CA GLU D 97 5.31 -53.99 12.79
C GLU D 97 4.51 -54.50 13.98
N VAL D 98 4.60 -53.80 15.11
CA VAL D 98 3.94 -54.24 16.34
C VAL D 98 2.43 -54.25 16.15
N LEU D 99 1.89 -53.18 15.56
CA LEU D 99 0.43 -53.09 15.40
C LEU D 99 -0.11 -54.21 14.53
N LEU D 100 0.50 -54.43 13.37
CA LEU D 100 0.06 -55.51 12.50
C LEU D 100 0.22 -56.88 13.15
N LYS D 101 1.27 -57.04 13.96
CA LYS D 101 1.45 -58.30 14.68
C LYS D 101 0.32 -58.53 15.68
N ASN D 102 -0.21 -57.46 16.27
CA ASN D 102 -1.24 -57.57 17.29
C ASN D 102 -2.66 -57.47 16.73
N GLY D 103 -2.82 -57.64 15.42
CA GLY D 103 -4.13 -57.72 14.81
C GLY D 103 -4.69 -56.44 14.22
N ALA D 104 -3.84 -55.47 13.88
CA ALA D 104 -4.33 -54.24 13.28
C ALA D 104 -4.87 -54.50 11.88
N ASP D 105 -6.03 -53.91 11.59
CA ASP D 105 -6.65 -54.03 10.28
C ASP D 105 -5.79 -53.32 9.24
N VAL D 106 -5.16 -54.09 8.35
CA VAL D 106 -4.28 -53.52 7.35
C VAL D 106 -5.07 -52.84 6.23
N ASN D 107 -6.37 -53.13 6.12
CA ASN D 107 -7.21 -52.55 5.07
C ASN D 107 -8.26 -51.60 5.64
N ALA D 108 -7.97 -51.00 6.80
CA ALA D 108 -8.91 -50.08 7.42
C ALA D 108 -8.97 -48.78 6.63
N LYS D 109 -10.19 -48.34 6.34
CA LYS D 109 -10.44 -47.10 5.60
C LYS D 109 -11.07 -46.08 6.53
N ASP D 110 -10.52 -44.86 6.54
CA ASP D 110 -11.10 -43.79 7.34
C ASP D 110 -12.30 -43.22 6.60
N ASP D 111 -12.84 -42.10 7.09
CA ASP D 111 -14.04 -41.53 6.48
C ASP D 111 -13.83 -41.17 5.01
N ASN D 112 -12.60 -40.83 4.63
CA ASN D 112 -12.29 -40.48 3.25
C ASN D 112 -11.90 -41.68 2.40
N GLY D 113 -11.95 -42.89 2.96
CA GLY D 113 -11.52 -44.07 2.23
C GLY D 113 -10.02 -44.25 2.16
N ILE D 114 -9.27 -43.57 3.03
CA ILE D 114 -7.82 -43.60 3.01
C ILE D 114 -7.34 -44.73 3.90
N THR D 115 -6.53 -45.63 3.34
CA THR D 115 -5.95 -46.78 4.01
C THR D 115 -4.54 -46.45 4.50
N PRO D 116 -3.99 -47.25 5.42
CA PRO D 116 -2.59 -47.03 5.82
C PRO D 116 -1.61 -47.14 4.67
N LEU D 117 -1.96 -47.89 3.61
CA LEU D 117 -1.10 -47.96 2.43
C LEU D 117 -1.07 -46.63 1.70
N HIS D 118 -2.23 -45.97 1.56
CA HIS D 118 -2.28 -44.66 0.94
C HIS D 118 -1.39 -43.67 1.68
N LEU D 119 -1.42 -43.70 3.02
CA LEU D 119 -0.64 -42.75 3.80
C LEU D 119 0.86 -43.04 3.70
N ALA D 120 1.24 -44.31 3.76
CA ALA D 120 2.66 -44.65 3.63
C ALA D 120 3.19 -44.30 2.25
N ALA D 121 2.38 -44.52 1.21
CA ALA D 121 2.82 -44.23 -0.15
C ALA D 121 2.99 -42.73 -0.36
N ASN D 122 2.09 -41.93 0.19
CA ASN D 122 2.13 -40.48 -0.03
C ASN D 122 3.40 -39.87 0.56
N ARG D 123 3.81 -40.32 1.74
CA ARG D 123 5.01 -39.82 2.40
C ARG D 123 6.28 -40.51 1.92
N GLY D 124 6.17 -41.51 1.05
CA GLY D 124 7.35 -42.20 0.55
C GLY D 124 8.02 -43.11 1.55
N HIS D 125 7.24 -43.73 2.45
CA HIS D 125 7.78 -44.65 3.45
C HIS D 125 7.82 -46.05 2.84
N LEU D 126 8.89 -46.31 2.09
CA LEU D 126 8.98 -47.53 1.29
C LEU D 126 9.01 -48.78 2.17
N GLU D 127 9.80 -48.76 3.25
CA GLU D 127 9.89 -49.94 4.12
C GLU D 127 8.53 -50.29 4.71
N ILE D 128 7.76 -49.26 5.11
CA ILE D 128 6.43 -49.51 5.67
C ILE D 128 5.49 -50.04 4.59
N VAL D 129 5.64 -49.56 3.35
CA VAL D 129 4.77 -50.00 2.26
C VAL D 129 4.91 -51.51 2.05
N GLU D 130 6.14 -52.03 2.05
CA GLU D 130 6.33 -53.45 1.85
C GLU D 130 5.84 -54.26 3.06
N VAL D 131 5.97 -53.72 4.26
CA VAL D 131 5.44 -54.41 5.44
C VAL D 131 3.92 -54.49 5.37
N LEU D 132 3.26 -53.40 4.95
CA LEU D 132 1.81 -53.43 4.81
C LEU D 132 1.38 -54.42 3.74
N LEU D 133 2.08 -54.43 2.60
CA LEU D 133 1.77 -55.41 1.56
C LEU D 133 1.99 -56.83 2.05
N LYS D 134 3.01 -57.03 2.90
CA LYS D 134 3.28 -58.36 3.44
C LYS D 134 2.11 -58.88 4.25
N TYR D 135 1.43 -58.00 4.99
CA TYR D 135 0.30 -58.39 5.81
C TYR D 135 -1.02 -58.37 5.05
N GLY D 136 -0.99 -58.31 3.72
CA GLY D 136 -2.19 -58.43 2.92
C GLY D 136 -2.88 -57.13 2.56
N ALA D 137 -2.13 -56.04 2.41
CA ALA D 137 -2.73 -54.77 2.06
C ALA D 137 -3.24 -54.79 0.63
N ASP D 138 -4.54 -54.54 0.46
CA ASP D 138 -5.14 -54.47 -0.87
C ASP D 138 -4.52 -53.33 -1.67
N VAL D 139 -3.55 -53.66 -2.54
CA VAL D 139 -2.84 -52.65 -3.30
C VAL D 139 -3.71 -51.94 -4.33
N ASN D 140 -4.90 -52.48 -4.62
CA ASN D 140 -5.85 -51.85 -5.52
C ASN D 140 -6.94 -51.10 -4.77
N ALA D 141 -6.74 -50.83 -3.48
CA ALA D 141 -7.74 -50.11 -2.70
C ALA D 141 -7.81 -48.65 -3.16
N GLN D 142 -9.00 -48.22 -3.52
CA GLN D 142 -9.24 -46.85 -3.96
C GLN D 142 -9.85 -46.04 -2.82
N ASP D 143 -9.46 -44.76 -2.73
CA ASP D 143 -10.05 -43.86 -1.76
C ASP D 143 -11.30 -43.22 -2.35
N LYS D 144 -11.81 -42.17 -1.70
CA LYS D 144 -13.05 -41.55 -2.15
C LYS D 144 -12.90 -40.93 -3.54
N PHE D 145 -11.69 -40.53 -3.90
CA PHE D 145 -11.43 -39.93 -5.20
C PHE D 145 -11.00 -40.96 -6.25
N GLY D 146 -11.04 -42.25 -5.90
CA GLY D 146 -10.69 -43.29 -6.85
C GLY D 146 -9.21 -43.53 -7.03
N LYS D 147 -8.40 -43.08 -6.08
CA LYS D 147 -6.95 -43.18 -6.18
C LYS D 147 -6.44 -44.40 -5.44
N THR D 148 -5.50 -45.12 -6.07
CA THR D 148 -4.82 -46.24 -5.46
C THR D 148 -3.43 -45.81 -5.01
N ALA D 149 -2.69 -46.75 -4.43
CA ALA D 149 -1.30 -46.46 -4.05
C ALA D 149 -0.43 -46.25 -5.28
N PHE D 150 -0.79 -46.89 -6.41
CA PHE D 150 -0.02 -46.69 -7.64
C PHE D 150 -0.27 -45.32 -8.23
N ASP D 151 -1.52 -44.84 -8.17
CA ASP D 151 -1.81 -43.48 -8.63
C ASP D 151 -1.07 -42.45 -7.82
N ILE D 152 -0.88 -42.71 -6.51
CA ILE D 152 -0.10 -41.80 -5.68
C ILE D 152 1.37 -41.77 -6.13
N SER D 153 1.92 -42.94 -6.46
CA SER D 153 3.31 -42.99 -6.90
C SER D 153 3.51 -42.27 -8.22
N ILE D 154 2.52 -42.33 -9.11
CA ILE D 154 2.63 -41.64 -10.40
C ILE D 154 2.54 -40.13 -10.19
N ASN D 155 1.60 -39.67 -9.37
CA ASN D 155 1.42 -38.24 -9.16
C ASN D 155 2.62 -37.64 -8.43
N ASN D 156 3.19 -38.38 -7.46
CA ASN D 156 4.34 -37.88 -6.73
C ASN D 156 5.64 -38.02 -7.51
N GLY D 157 5.69 -38.90 -8.50
CA GLY D 157 6.92 -39.14 -9.24
C GLY D 157 7.93 -39.93 -8.43
N ASN D 158 7.46 -41.01 -7.80
CA ASN D 158 8.29 -41.89 -6.98
C ASN D 158 8.51 -43.19 -7.73
N GLU D 159 9.66 -43.30 -8.41
CA GLU D 159 9.93 -44.49 -9.22
C GLU D 159 10.12 -45.72 -8.36
N ASP D 160 10.80 -45.59 -7.21
CA ASP D 160 11.01 -46.74 -6.34
C ASP D 160 9.69 -47.31 -5.85
N LEU D 161 8.73 -46.43 -5.53
CA LEU D 161 7.43 -46.89 -5.04
C LEU D 161 6.67 -47.67 -6.11
N ALA D 162 6.65 -47.13 -7.34
CA ALA D 162 5.82 -47.73 -8.39
C ALA D 162 6.30 -49.14 -8.75
N GLU D 163 7.60 -49.42 -8.57
CA GLU D 163 8.11 -50.75 -8.86
C GLU D 163 8.01 -51.69 -7.67
N ILE D 164 8.02 -51.16 -6.44
CA ILE D 164 7.65 -51.97 -5.29
C ILE D 164 6.21 -52.45 -5.45
N LEU D 165 5.32 -51.54 -5.84
CA LEU D 165 3.94 -51.92 -6.14
C LEU D 165 3.86 -52.78 -7.40
N GLN D 166 4.87 -52.73 -8.26
CA GLN D 166 4.99 -53.57 -9.45
C GLN D 166 3.72 -53.61 -10.30
N SER E 12 -37.17 39.87 -8.37
CA SER E 12 -37.45 40.54 -7.10
C SER E 12 -36.41 40.19 -6.05
N ASP E 13 -35.78 41.23 -5.49
CA ASP E 13 -34.81 41.02 -4.42
C ASP E 13 -35.48 40.52 -3.14
N LEU E 14 -36.74 40.92 -2.91
CA LEU E 14 -37.47 40.45 -1.74
C LEU E 14 -37.77 38.96 -1.82
N GLY E 15 -37.90 38.42 -3.04
CA GLY E 15 -38.11 36.99 -3.18
C GLY E 15 -36.93 36.19 -2.67
N LYS E 16 -35.71 36.64 -2.98
CA LYS E 16 -34.52 35.94 -2.48
C LYS E 16 -34.45 35.99 -0.97
N LYS E 17 -34.76 37.15 -0.37
CA LYS E 17 -34.74 37.25 1.08
C LYS E 17 -35.83 36.40 1.72
N LEU E 18 -36.98 36.27 1.05
CA LEU E 18 -38.04 35.41 1.57
C LEU E 18 -37.64 33.94 1.55
N LEU E 19 -36.93 33.53 0.50
CA LEU E 19 -36.43 32.17 0.44
C LEU E 19 -35.44 31.89 1.58
N GLU E 20 -34.53 32.83 1.84
CA GLU E 20 -33.53 32.63 2.89
C GLU E 20 -34.17 32.72 4.27
N ALA E 21 -35.17 33.59 4.43
CA ALA E 21 -35.83 33.72 5.73
C ALA E 21 -36.64 32.47 6.05
N ALA E 22 -37.34 31.91 5.06
CA ALA E 22 -38.10 30.69 5.29
C ALA E 22 -37.19 29.49 5.47
N ARG E 23 -36.04 29.47 4.78
CA ARG E 23 -35.08 28.40 4.96
C ARG E 23 -34.46 28.45 6.36
N ALA E 24 -34.36 29.64 6.94
CA ALA E 24 -33.77 29.82 8.26
C ALA E 24 -34.80 29.81 9.38
N GLY E 25 -36.09 29.65 9.07
CA GLY E 25 -37.10 29.59 10.10
C GLY E 25 -37.33 30.88 10.85
N ARG E 26 -37.16 32.03 10.20
CA ARG E 26 -37.35 33.33 10.84
C ARG E 26 -38.80 33.75 10.61
N ASP E 27 -39.66 33.43 11.57
CA ASP E 27 -41.07 33.77 11.46
C ASP E 27 -41.27 35.28 11.35
N ASP E 28 -40.44 36.06 12.06
CA ASP E 28 -40.58 37.51 12.04
C ASP E 28 -40.30 38.05 10.64
N GLU E 29 -39.08 37.83 10.12
CA GLU E 29 -38.71 38.41 8.84
C GLU E 29 -39.60 37.93 7.70
N VAL E 30 -40.14 36.71 7.81
CA VAL E 30 -41.03 36.20 6.77
C VAL E 30 -42.27 37.07 6.66
N ARG E 31 -42.87 37.42 7.80
CA ARG E 31 -44.08 38.22 7.78
C ARG E 31 -43.81 39.63 7.25
N ILE E 32 -42.70 40.24 7.68
CA ILE E 32 -42.35 41.58 7.19
C ILE E 32 -42.27 41.59 5.68
N LEU E 33 -41.55 40.63 5.11
CA LEU E 33 -41.31 40.61 3.67
C LEU E 33 -42.62 40.45 2.91
N MET E 34 -43.55 39.66 3.45
CA MET E 34 -44.87 39.53 2.82
C MET E 34 -45.62 40.86 2.84
N ALA E 35 -45.54 41.58 3.97
CA ALA E 35 -46.17 42.89 4.06
C ALA E 35 -45.55 43.90 3.11
N ASN E 36 -44.32 43.66 2.66
CA ASN E 36 -43.65 44.52 1.69
C ASN E 36 -43.79 44.00 0.27
N GLY E 37 -44.72 43.07 0.03
CA GLY E 37 -45.00 42.62 -1.32
C GLY E 37 -44.05 41.59 -1.88
N ALA E 38 -43.38 40.82 -1.03
CA ALA E 38 -42.46 39.80 -1.53
C ALA E 38 -43.22 38.71 -2.27
N ASP E 39 -42.62 38.23 -3.36
CA ASP E 39 -43.22 37.19 -4.18
C ASP E 39 -43.34 35.89 -3.39
N VAL E 40 -44.57 35.53 -3.00
CA VAL E 40 -44.82 34.33 -2.21
C VAL E 40 -44.36 33.07 -2.93
N ASN E 41 -44.27 33.11 -4.26
CA ASN E 41 -43.97 31.93 -5.05
C ASN E 41 -42.60 32.01 -5.71
N ALA E 42 -41.71 32.86 -5.18
CA ALA E 42 -40.34 32.92 -5.69
C ALA E 42 -39.67 31.56 -5.51
N ALA E 43 -38.82 31.20 -6.46
CA ALA E 43 -38.15 29.90 -6.46
C ALA E 43 -36.66 30.09 -6.62
N ASP E 44 -35.90 29.17 -6.02
CA ASP E 44 -34.45 29.20 -6.13
C ASP E 44 -34.03 28.38 -7.35
N VAL E 45 -32.73 28.11 -7.47
CA VAL E 45 -32.20 27.46 -8.67
C VAL E 45 -32.67 26.01 -8.78
N VAL E 46 -32.99 25.35 -7.67
CA VAL E 46 -33.48 23.98 -7.73
C VAL E 46 -35.00 23.99 -7.76
N GLY E 47 -35.59 25.18 -7.84
CA GLY E 47 -37.03 25.30 -7.97
C GLY E 47 -37.80 25.15 -6.68
N TRP E 48 -37.19 25.47 -5.55
CA TRP E 48 -37.86 25.37 -4.26
C TRP E 48 -38.46 26.72 -3.88
N THR E 49 -39.75 26.71 -3.56
CA THR E 49 -40.44 27.89 -3.09
C THR E 49 -40.23 28.06 -1.60
N PRO E 50 -40.61 29.19 -1.01
CA PRO E 50 -40.57 29.31 0.45
C PRO E 50 -41.41 28.24 1.14
N LEU E 51 -42.50 27.79 0.50
CA LEU E 51 -43.28 26.70 1.07
C LEU E 51 -42.50 25.39 1.03
N HIS E 52 -41.67 25.18 0.01
CA HIS E 52 -40.79 24.02 -0.01
C HIS E 52 -39.86 24.02 1.18
N LEU E 53 -39.11 25.11 1.36
CA LEU E 53 -38.09 25.18 2.40
C LEU E 53 -38.72 25.03 3.78
N ALA E 54 -39.82 25.76 4.03
CA ALA E 54 -40.47 25.67 5.33
C ALA E 54 -40.97 24.26 5.61
N ALA E 55 -41.52 23.59 4.59
CA ALA E 55 -41.98 22.22 4.77
C ALA E 55 -40.80 21.28 5.02
N TYR E 56 -39.69 21.48 4.29
CA TYR E 56 -38.53 20.61 4.46
C TYR E 56 -37.98 20.69 5.88
N TRP E 57 -37.83 21.91 6.39
CA TRP E 57 -37.22 22.13 7.70
C TRP E 57 -38.22 22.16 8.85
N GLY E 58 -39.48 21.84 8.58
CA GLY E 58 -40.47 21.69 9.64
C GLY E 58 -40.86 22.97 10.36
N HIS E 59 -40.94 24.09 9.65
CA HIS E 59 -41.37 25.35 10.24
C HIS E 59 -42.87 25.50 10.00
N LEU E 60 -43.67 25.09 10.98
CA LEU E 60 -45.11 24.99 10.79
C LEU E 60 -45.75 26.36 10.55
N GLU E 61 -45.42 27.34 11.40
CA GLU E 61 -46.10 28.63 11.31
C GLU E 61 -45.75 29.36 10.02
N ILE E 62 -44.52 29.21 9.52
CA ILE E 62 -44.17 29.82 8.25
C ILE E 62 -44.98 29.17 7.12
N VAL E 63 -45.21 27.87 7.21
CA VAL E 63 -46.08 27.19 6.24
C VAL E 63 -47.48 27.79 6.28
N GLU E 64 -47.97 28.09 7.48
CA GLU E 64 -49.33 28.63 7.61
C GLU E 64 -49.41 30.06 7.11
N VAL E 65 -48.41 30.89 7.45
CA VAL E 65 -48.40 32.27 6.99
C VAL E 65 -48.31 32.35 5.48
N LEU E 66 -47.45 31.53 4.88
CA LEU E 66 -47.29 31.55 3.43
C LEU E 66 -48.59 31.15 2.73
N LEU E 67 -49.28 30.12 3.24
CA LEU E 67 -50.48 29.64 2.59
C LEU E 67 -51.60 30.69 2.64
N LYS E 68 -51.74 31.37 3.78
CA LYS E 68 -52.75 32.42 3.88
C LYS E 68 -52.46 33.60 2.97
N ASN E 69 -51.20 33.74 2.52
CA ASN E 69 -50.82 34.80 1.59
C ASN E 69 -50.78 34.33 0.13
N GLY E 70 -51.44 33.21 -0.17
CA GLY E 70 -51.60 32.77 -1.54
C GLY E 70 -50.54 31.87 -2.10
N ALA E 71 -49.76 31.20 -1.25
CA ALA E 71 -48.70 30.33 -1.74
C ALA E 71 -49.27 29.15 -2.50
N ASP E 72 -48.66 28.85 -3.65
CA ASP E 72 -49.04 27.70 -4.46
C ASP E 72 -48.75 26.42 -3.68
N VAL E 73 -49.81 25.75 -3.22
CA VAL E 73 -49.65 24.57 -2.38
C VAL E 73 -49.14 23.38 -3.18
N ASN E 74 -49.23 23.41 -4.50
CA ASN E 74 -48.83 22.29 -5.34
C ASN E 74 -47.65 22.64 -6.24
N ALA E 75 -46.84 23.62 -5.83
CA ALA E 75 -45.66 23.98 -6.60
C ALA E 75 -44.67 22.81 -6.62
N TYR E 76 -44.06 22.58 -7.78
CA TYR E 76 -43.11 21.49 -7.95
C TYR E 76 -41.74 22.04 -8.30
N ASP E 77 -40.69 21.38 -7.80
CA ASP E 77 -39.33 21.81 -8.08
C ASP E 77 -38.92 21.28 -9.46
N THR E 78 -37.63 21.43 -9.80
CA THR E 78 -37.15 21.02 -11.12
C THR E 78 -37.19 19.51 -11.32
N LEU E 79 -37.45 18.73 -10.27
CA LEU E 79 -37.60 17.28 -10.38
C LEU E 79 -39.01 16.83 -10.02
N GLY E 80 -39.97 17.75 -9.92
CA GLY E 80 -41.36 17.39 -9.71
C GLY E 80 -41.78 17.17 -8.29
N SER E 81 -41.01 17.64 -7.31
CA SER E 81 -41.33 17.42 -5.91
C SER E 81 -42.11 18.60 -5.35
N THR E 82 -43.19 18.28 -4.63
CA THR E 82 -44.07 19.26 -4.01
C THR E 82 -43.71 19.45 -2.55
N PRO E 83 -44.22 20.51 -1.92
CA PRO E 83 -44.02 20.64 -0.46
C PRO E 83 -44.56 19.47 0.34
N LEU E 84 -45.64 18.82 -0.14
CA LEU E 84 -46.15 17.65 0.57
C LEU E 84 -45.16 16.50 0.51
N HIS E 85 -44.44 16.34 -0.60
CA HIS E 85 -43.37 15.35 -0.68
C HIS E 85 -42.35 15.57 0.43
N LEU E 86 -41.89 16.80 0.60
CA LEU E 86 -40.86 17.10 1.59
C LEU E 86 -41.37 16.88 3.00
N ALA E 87 -42.58 17.37 3.30
CA ALA E 87 -43.12 17.24 4.65
C ALA E 87 -43.43 15.79 5.00
N ALA E 88 -43.87 15.00 4.02
CA ALA E 88 -44.15 13.59 4.30
C ALA E 88 -42.85 12.79 4.45
N HIS E 89 -41.82 13.15 3.67
CA HIS E 89 -40.57 12.41 3.72
C HIS E 89 -39.86 12.58 5.06
N PHE E 90 -39.89 13.79 5.62
CA PHE E 90 -39.11 14.12 6.80
C PHE E 90 -39.94 14.11 8.09
N GLY E 91 -41.11 13.51 8.06
CA GLY E 91 -41.87 13.27 9.28
C GLY E 91 -42.40 14.50 9.98
N HIS E 92 -42.87 15.49 9.23
CA HIS E 92 -43.49 16.69 9.81
C HIS E 92 -45.01 16.49 9.69
N LEU E 93 -45.60 15.90 10.73
CA LEU E 93 -47.00 15.49 10.67
C LEU E 93 -47.93 16.69 10.57
N GLU E 94 -47.69 17.73 11.39
CA GLU E 94 -48.58 18.89 11.39
C GLU E 94 -48.58 19.59 10.04
N ILE E 95 -47.41 19.69 9.41
CA ILE E 95 -47.32 20.37 8.11
C ILE E 95 -48.03 19.56 7.04
N VAL E 96 -47.97 18.22 7.12
CA VAL E 96 -48.68 17.38 6.17
C VAL E 96 -50.18 17.66 6.24
N GLU E 97 -50.72 17.80 7.45
CA GLU E 97 -52.14 18.07 7.60
C GLU E 97 -52.50 19.47 7.10
N VAL E 98 -51.66 20.46 7.41
CA VAL E 98 -51.95 21.83 6.95
C VAL E 98 -51.91 21.90 5.43
N LEU E 99 -50.93 21.23 4.81
CA LEU E 99 -50.84 21.22 3.36
C LEU E 99 -52.04 20.52 2.74
N LEU E 100 -52.41 19.36 3.28
CA LEU E 100 -53.54 18.60 2.73
C LEU E 100 -54.84 19.37 2.86
N LYS E 101 -55.03 20.08 3.98
CA LYS E 101 -56.23 20.88 4.16
C LYS E 101 -56.31 22.00 3.13
N ASN E 102 -55.19 22.65 2.83
CA ASN E 102 -55.14 23.74 1.89
C ASN E 102 -55.07 23.29 0.43
N GLY E 103 -55.40 22.02 0.16
CA GLY E 103 -55.53 21.54 -1.20
C GLY E 103 -54.31 20.88 -1.81
N ALA E 104 -53.36 20.40 -1.01
CA ALA E 104 -52.21 19.72 -1.57
C ALA E 104 -52.64 18.44 -2.29
N ASP E 105 -52.07 18.22 -3.48
CA ASP E 105 -52.33 17.03 -4.25
C ASP E 105 -51.77 15.82 -3.51
N VAL E 106 -52.66 15.04 -2.89
CA VAL E 106 -52.23 13.90 -2.09
C VAL E 106 -51.63 12.80 -2.95
N ASN E 107 -51.91 12.80 -4.25
CA ASN E 107 -51.38 11.80 -5.18
C ASN E 107 -50.38 12.40 -6.16
N ALA E 108 -49.74 13.49 -5.77
CA ALA E 108 -48.76 14.12 -6.65
C ALA E 108 -47.55 13.21 -6.84
N LYS E 109 -47.10 13.08 -8.08
CA LYS E 109 -45.94 12.28 -8.42
C LYS E 109 -44.83 13.19 -8.91
N ASP E 110 -43.59 12.85 -8.58
CA ASP E 110 -42.43 13.57 -9.09
C ASP E 110 -41.98 12.94 -10.40
N ASP E 111 -40.80 13.34 -10.88
CA ASP E 111 -40.30 12.83 -12.15
C ASP E 111 -40.09 11.32 -12.12
N ASN E 112 -39.98 10.72 -10.95
CA ASN E 112 -39.78 9.28 -10.81
C ASN E 112 -41.06 8.55 -10.46
N GLY E 113 -42.21 9.21 -10.53
CA GLY E 113 -43.44 8.58 -10.13
C GLY E 113 -43.58 8.33 -8.65
N ILE E 114 -42.80 9.02 -7.82
CA ILE E 114 -42.82 8.83 -6.38
C ILE E 114 -43.83 9.78 -5.78
N THR E 115 -44.72 9.25 -4.95
CA THR E 115 -45.78 9.99 -4.28
C THR E 115 -45.40 10.24 -2.83
N PRO E 116 -46.08 11.18 -2.15
CA PRO E 116 -45.82 11.36 -0.72
C PRO E 116 -46.05 10.09 0.10
N LEU E 117 -46.96 9.22 -0.33
CA LEU E 117 -47.17 7.97 0.38
C LEU E 117 -45.94 7.08 0.32
N HIS E 118 -45.27 7.03 -0.84
CA HIS E 118 -44.04 6.27 -0.96
C HIS E 118 -42.98 6.76 0.02
N LEU E 119 -42.78 8.08 0.05
CA LEU E 119 -41.72 8.65 0.88
C LEU E 119 -42.01 8.45 2.37
N ALA E 120 -43.25 8.67 2.78
CA ALA E 120 -43.61 8.47 4.19
C ALA E 120 -43.49 7.00 4.58
N ALA E 121 -43.85 6.09 3.66
CA ALA E 121 -43.76 4.67 3.96
C ALA E 121 -42.31 4.20 4.02
N ASN E 122 -41.46 4.75 3.14
CA ASN E 122 -40.07 4.31 3.11
C ASN E 122 -39.33 4.67 4.39
N ARG E 123 -39.64 5.82 4.98
CA ARG E 123 -39.00 6.25 6.21
C ARG E 123 -39.78 5.85 7.46
N GLY E 124 -40.89 5.13 7.30
CA GLY E 124 -41.61 4.60 8.45
C GLY E 124 -42.40 5.61 9.24
N HIS E 125 -42.84 6.70 8.61
CA HIS E 125 -43.67 7.70 9.28
C HIS E 125 -45.11 7.21 9.26
N LEU E 126 -45.47 6.42 10.28
CA LEU E 126 -46.75 5.71 10.26
C LEU E 126 -47.93 6.68 10.35
N GLU E 127 -47.86 7.65 11.25
CA GLU E 127 -48.99 8.57 11.42
C GLU E 127 -49.23 9.39 10.16
N ILE E 128 -48.15 9.75 9.45
CA ILE E 128 -48.30 10.50 8.20
C ILE E 128 -48.95 9.63 7.14
N VAL E 129 -48.59 8.34 7.09
CA VAL E 129 -49.19 7.43 6.13
C VAL E 129 -50.71 7.35 6.33
N GLU E 130 -51.14 7.36 7.60
CA GLU E 130 -52.57 7.29 7.88
C GLU E 130 -53.29 8.55 7.42
N VAL E 131 -52.68 9.72 7.66
CA VAL E 131 -53.30 10.98 7.25
C VAL E 131 -53.38 11.06 5.72
N LEU E 132 -52.35 10.56 5.03
CA LEU E 132 -52.37 10.59 3.57
C LEU E 132 -53.48 9.71 3.02
N LEU E 133 -53.59 8.48 3.53
CA LEU E 133 -54.69 7.61 3.12
C LEU E 133 -56.04 8.18 3.52
N LYS E 134 -56.10 8.89 4.65
CA LYS E 134 -57.33 9.55 5.07
C LYS E 134 -57.78 10.58 4.04
N TYR E 135 -56.82 11.30 3.44
CA TYR E 135 -57.13 12.30 2.43
C TYR E 135 -57.18 11.72 1.02
N GLY E 136 -57.25 10.40 0.89
CA GLY E 136 -57.47 9.79 -0.41
C GLY E 136 -56.23 9.40 -1.18
N ALA E 137 -55.14 9.07 -0.49
CA ALA E 137 -53.93 8.64 -1.20
C ALA E 137 -54.16 7.31 -1.89
N ASP E 138 -53.79 7.23 -3.16
CA ASP E 138 -53.91 6.00 -3.93
C ASP E 138 -52.92 4.98 -3.40
N VAL E 139 -53.42 3.97 -2.68
CA VAL E 139 -52.56 2.95 -2.09
C VAL E 139 -51.88 2.10 -3.16
N ASN E 140 -52.44 2.03 -4.37
CA ASN E 140 -51.90 1.23 -5.44
C ASN E 140 -51.02 2.02 -6.40
N ALA E 141 -50.63 3.24 -6.03
CA ALA E 141 -49.77 4.04 -6.89
C ALA E 141 -48.40 3.39 -7.00
N GLN E 142 -47.91 3.28 -8.24
CA GLN E 142 -46.62 2.68 -8.53
C GLN E 142 -45.65 3.75 -9.02
N ASP E 143 -44.40 3.67 -8.57
CA ASP E 143 -43.36 4.57 -9.06
C ASP E 143 -42.84 4.06 -10.39
N LYS E 144 -41.77 4.66 -10.90
CA LYS E 144 -41.23 4.28 -12.20
C LYS E 144 -40.75 2.83 -12.23
N PHE E 145 -40.54 2.21 -11.07
CA PHE E 145 -40.12 0.81 -10.99
C PHE E 145 -41.27 -0.13 -10.68
N GLY E 146 -42.51 0.37 -10.70
CA GLY E 146 -43.66 -0.49 -10.42
C GLY E 146 -43.83 -0.85 -8.97
N LYS E 147 -43.28 -0.06 -8.05
CA LYS E 147 -43.33 -0.35 -6.63
C LYS E 147 -44.43 0.47 -5.96
N THR E 148 -45.20 -0.19 -5.10
CA THR E 148 -46.24 0.46 -4.32
C THR E 148 -45.74 0.68 -2.89
N ALA E 149 -46.59 1.30 -2.07
CA ALA E 149 -46.24 1.49 -0.66
C ALA E 149 -46.19 0.15 0.08
N PHE E 150 -46.94 -0.84 -0.40
CA PHE E 150 -46.90 -2.16 0.25
C PHE E 150 -45.59 -2.88 -0.04
N ASP E 151 -45.11 -2.82 -1.29
CA ASP E 151 -43.81 -3.39 -1.61
C ASP E 151 -42.70 -2.76 -0.79
N ILE E 152 -42.83 -1.47 -0.47
CA ILE E 152 -41.85 -0.80 0.37
C ILE E 152 -41.87 -1.38 1.78
N SER E 153 -43.05 -1.62 2.33
CA SER E 153 -43.16 -2.18 3.67
C SER E 153 -42.59 -3.59 3.72
N ILE E 154 -42.79 -4.37 2.65
CA ILE E 154 -42.25 -5.73 2.62
C ILE E 154 -40.73 -5.68 2.53
N ASN E 155 -40.19 -4.86 1.64
CA ASN E 155 -38.75 -4.79 1.46
C ASN E 155 -38.05 -4.28 2.71
N ASN E 156 -38.63 -3.27 3.37
CA ASN E 156 -38.05 -2.73 4.58
C ASN E 156 -38.32 -3.61 5.81
N GLY E 157 -39.22 -4.59 5.70
CA GLY E 157 -39.54 -5.44 6.83
C GLY E 157 -40.30 -4.72 7.92
N ASN E 158 -41.07 -3.68 7.58
CA ASN E 158 -41.85 -2.92 8.55
C ASN E 158 -43.19 -3.62 8.74
N GLU E 159 -43.35 -4.29 9.89
CA GLU E 159 -44.58 -5.04 10.14
C GLU E 159 -45.76 -4.11 10.40
N ASP E 160 -45.55 -3.07 11.22
CA ASP E 160 -46.65 -2.16 11.55
C ASP E 160 -47.19 -1.47 10.31
N LEU E 161 -46.31 -0.99 9.44
CA LEU E 161 -46.75 -0.38 8.19
C LEU E 161 -47.43 -1.39 7.29
N ALA E 162 -46.97 -2.64 7.29
CA ALA E 162 -47.51 -3.65 6.39
C ALA E 162 -48.99 -3.90 6.65
N GLU E 163 -49.39 -3.93 7.92
CA GLU E 163 -50.79 -4.20 8.25
C GLU E 163 -51.64 -2.95 8.27
N ILE E 164 -51.04 -1.76 8.43
CA ILE E 164 -51.80 -0.53 8.23
C ILE E 164 -52.29 -0.45 6.80
N LEU E 165 -51.45 -0.88 5.85
CA LEU E 165 -51.86 -1.03 4.46
C LEU E 165 -52.55 -2.37 4.20
N GLN E 166 -52.66 -3.22 5.22
CA GLN E 166 -53.21 -4.58 5.14
C GLN E 166 -52.89 -5.29 3.82
N SER F 12 36.24 -9.38 -37.72
CA SER F 12 37.64 -8.97 -37.77
C SER F 12 37.87 -7.74 -36.89
N ASP F 13 39.10 -7.57 -36.42
CA ASP F 13 39.41 -6.46 -35.53
C ASP F 13 39.37 -5.13 -36.27
N LEU F 14 39.86 -5.10 -37.52
CA LEU F 14 39.80 -3.87 -38.30
C LEU F 14 38.35 -3.52 -38.64
N GLY F 15 37.55 -4.51 -39.03
CA GLY F 15 36.14 -4.27 -39.28
C GLY F 15 35.37 -3.87 -38.04
N LYS F 16 35.87 -4.20 -36.85
CA LYS F 16 35.24 -3.77 -35.61
C LYS F 16 35.55 -2.31 -35.30
N LYS F 17 36.81 -1.91 -35.51
CA LYS F 17 37.15 -0.49 -35.37
C LYS F 17 36.41 0.36 -36.39
N LEU F 18 36.16 -0.20 -37.58
CA LEU F 18 35.37 0.52 -38.57
C LEU F 18 33.92 0.67 -38.13
N LEU F 19 33.34 -0.39 -37.55
CA LEU F 19 31.98 -0.31 -37.04
C LEU F 19 31.86 0.77 -35.96
N GLU F 20 32.84 0.84 -35.07
CA GLU F 20 32.79 1.83 -33.99
C GLU F 20 33.12 3.23 -34.48
N ALA F 21 33.93 3.34 -35.54
CA ALA F 21 34.23 4.66 -36.09
C ALA F 21 33.08 5.20 -36.93
N ALA F 22 32.36 4.34 -37.65
CA ALA F 22 31.20 4.77 -38.41
C ALA F 22 30.04 5.18 -37.50
N ARG F 23 29.98 4.65 -36.28
CA ARG F 23 28.93 5.04 -35.35
C ARG F 23 29.26 6.36 -34.66
N ALA F 24 30.51 6.54 -34.22
CA ALA F 24 30.91 7.75 -33.51
C ALA F 24 31.08 8.95 -34.43
N GLY F 25 31.02 8.76 -35.74
CA GLY F 25 31.17 9.87 -36.67
C GLY F 25 32.59 10.36 -36.83
N ARG F 26 33.58 9.50 -36.59
CA ARG F 26 34.99 9.87 -36.74
C ARG F 26 35.38 9.65 -38.20
N ASP F 27 35.39 10.74 -38.97
CA ASP F 27 35.53 10.64 -40.42
C ASP F 27 36.94 10.19 -40.81
N ASP F 28 37.96 10.87 -40.28
CA ASP F 28 39.33 10.56 -40.68
C ASP F 28 39.68 9.11 -40.37
N GLU F 29 39.21 8.59 -39.24
CA GLU F 29 39.49 7.20 -38.90
C GLU F 29 38.88 6.25 -39.91
N VAL F 30 37.63 6.50 -40.33
CA VAL F 30 36.97 5.63 -41.30
C VAL F 30 37.79 5.58 -42.59
N ARG F 31 38.26 6.74 -43.06
CA ARG F 31 39.06 6.77 -44.28
C ARG F 31 40.38 6.03 -44.10
N ILE F 32 41.01 6.18 -42.92
CA ILE F 32 42.25 5.45 -42.65
C ILE F 32 41.98 3.95 -42.59
N LEU F 33 40.86 3.55 -41.97
CA LEU F 33 40.51 2.14 -41.91
C LEU F 33 40.26 1.57 -43.30
N MET F 34 39.59 2.34 -44.16
CA MET F 34 39.32 1.87 -45.51
C MET F 34 40.61 1.72 -46.32
N ALA F 35 41.55 2.65 -46.15
CA ALA F 35 42.82 2.57 -46.86
C ALA F 35 43.69 1.42 -46.35
N ASN F 36 43.39 0.89 -45.17
CA ASN F 36 44.14 -0.24 -44.61
C ASN F 36 43.43 -1.56 -44.78
N GLY F 37 42.41 -1.62 -45.64
CA GLY F 37 41.79 -2.88 -45.99
C GLY F 37 40.69 -3.36 -45.06
N ALA F 38 40.05 -2.47 -44.33
CA ALA F 38 38.97 -2.88 -43.44
C ALA F 38 37.77 -3.39 -44.24
N ASP F 39 37.15 -4.45 -43.75
CA ASP F 39 35.98 -5.00 -44.43
C ASP F 39 34.82 -4.01 -44.37
N VAL F 40 34.41 -3.52 -45.54
CA VAL F 40 33.33 -2.54 -45.62
C VAL F 40 31.97 -3.15 -45.32
N ASN F 41 31.86 -4.47 -45.30
CA ASN F 41 30.62 -5.16 -45.00
C ASN F 41 30.65 -5.87 -43.66
N ALA F 42 31.47 -5.37 -42.73
CA ALA F 42 31.55 -5.97 -41.40
C ALA F 42 30.22 -5.82 -40.67
N ALA F 43 29.76 -6.92 -40.07
CA ALA F 43 28.46 -6.96 -39.41
C ALA F 43 28.66 -7.17 -37.91
N ASP F 44 27.80 -6.54 -37.11
CA ASP F 44 27.86 -6.59 -35.66
C ASP F 44 27.10 -7.82 -35.15
N VAL F 45 26.73 -7.81 -33.86
CA VAL F 45 25.98 -8.92 -33.31
C VAL F 45 24.53 -8.93 -33.81
N VAL F 46 23.99 -7.78 -34.22
CA VAL F 46 22.63 -7.71 -34.74
C VAL F 46 22.61 -7.55 -36.25
N GLY F 47 23.75 -7.75 -36.91
CA GLY F 47 23.78 -7.71 -38.37
C GLY F 47 23.88 -6.33 -38.97
N TRP F 48 24.33 -5.34 -38.21
CA TRP F 48 24.44 -3.96 -38.70
C TRP F 48 25.82 -3.75 -39.32
N THR F 49 25.83 -3.33 -40.58
CA THR F 49 27.05 -2.93 -41.25
C THR F 49 27.40 -1.50 -40.86
N PRO F 50 28.60 -1.03 -41.18
CA PRO F 50 28.91 0.40 -40.93
C PRO F 50 27.95 1.34 -41.64
N LEU F 51 27.42 0.92 -42.79
CA LEU F 51 26.41 1.72 -43.48
C LEU F 51 25.14 1.84 -42.63
N HIS F 52 24.78 0.77 -41.93
CA HIS F 52 23.66 0.84 -41.00
C HIS F 52 23.94 1.87 -39.91
N LEU F 53 25.10 1.78 -39.27
CA LEU F 53 25.41 2.65 -38.14
C LEU F 53 25.54 4.11 -38.57
N ALA F 54 26.12 4.36 -39.75
CA ALA F 54 26.25 5.74 -40.22
C ALA F 54 24.89 6.31 -40.62
N ALA F 55 24.04 5.50 -41.24
CA ALA F 55 22.70 5.97 -41.60
C ALA F 55 21.84 6.17 -40.35
N TYR F 56 22.10 5.43 -39.27
CA TYR F 56 21.32 5.58 -38.06
C TYR F 56 21.64 6.89 -37.35
N TRP F 57 22.92 7.12 -37.08
CA TRP F 57 23.36 8.29 -36.32
C TRP F 57 23.56 9.53 -37.19
N GLY F 58 23.14 9.48 -38.46
CA GLY F 58 23.15 10.65 -39.31
C GLY F 58 24.53 11.18 -39.66
N HIS F 59 25.37 10.35 -40.24
CA HIS F 59 26.72 10.74 -40.68
C HIS F 59 26.74 10.64 -42.20
N LEU F 60 26.29 11.71 -42.86
CA LEU F 60 26.13 11.69 -44.31
C LEU F 60 27.47 11.47 -45.01
N GLU F 61 28.53 12.12 -44.53
CA GLU F 61 29.83 12.01 -45.18
C GLU F 61 30.36 10.58 -45.11
N ILE F 62 30.16 9.89 -43.98
CA ILE F 62 30.64 8.52 -43.86
C ILE F 62 29.80 7.58 -44.73
N VAL F 63 28.51 7.86 -44.87
CA VAL F 63 27.67 7.08 -45.79
C VAL F 63 28.23 7.17 -47.20
N GLU F 64 28.69 8.34 -47.62
CA GLU F 64 29.25 8.50 -48.95
C GLU F 64 30.61 7.81 -49.07
N VAL F 65 31.44 7.91 -48.03
CA VAL F 65 32.75 7.28 -48.05
C VAL F 65 32.60 5.76 -48.12
N LEU F 66 31.69 5.20 -47.33
CA LEU F 66 31.49 3.76 -47.35
C LEU F 66 30.92 3.28 -48.69
N LEU F 67 29.94 4.02 -49.22
CA LEU F 67 29.36 3.63 -50.50
C LEU F 67 30.38 3.74 -51.63
N LYS F 68 31.30 4.69 -51.54
CA LYS F 68 32.34 4.80 -52.56
C LYS F 68 33.28 3.61 -52.54
N ASN F 69 33.50 3.01 -51.36
CA ASN F 69 34.38 1.86 -51.22
C ASN F 69 33.65 0.54 -51.35
N GLY F 70 32.49 0.52 -51.99
CA GLY F 70 31.82 -0.72 -52.30
C GLY F 70 30.95 -1.31 -51.21
N ALA F 71 30.47 -0.50 -50.28
CA ALA F 71 29.59 -1.01 -49.23
C ALA F 71 28.28 -1.51 -49.84
N ASP F 72 27.74 -2.58 -49.26
CA ASP F 72 26.46 -3.11 -49.70
C ASP F 72 25.36 -2.10 -49.37
N VAL F 73 24.79 -1.49 -50.40
CA VAL F 73 23.73 -0.52 -50.19
C VAL F 73 22.44 -1.19 -49.70
N ASN F 74 22.27 -2.48 -49.97
CA ASN F 74 21.06 -3.21 -49.60
C ASN F 74 21.35 -4.28 -48.55
N ALA F 75 22.24 -3.99 -47.62
CA ALA F 75 22.58 -4.94 -46.57
C ALA F 75 21.40 -5.12 -45.61
N TYR F 76 21.14 -6.38 -45.25
CA TYR F 76 20.07 -6.73 -44.31
C TYR F 76 20.65 -7.03 -42.95
N ASP F 77 19.98 -6.56 -41.90
CA ASP F 77 20.34 -6.93 -40.54
C ASP F 77 19.59 -8.21 -40.18
N THR F 78 19.71 -8.66 -38.92
CA THR F 78 19.11 -9.92 -38.52
C THR F 78 17.59 -9.90 -38.54
N LEU F 79 16.97 -8.75 -38.79
CA LEU F 79 15.52 -8.65 -38.89
C LEU F 79 15.08 -8.14 -40.27
N GLY F 80 15.97 -8.18 -41.26
CA GLY F 80 15.61 -7.81 -42.62
C GLY F 80 15.60 -6.34 -42.91
N SER F 81 16.14 -5.50 -42.03
CA SER F 81 16.11 -4.06 -42.20
C SER F 81 17.37 -3.58 -42.91
N THR F 82 17.19 -2.65 -43.84
CA THR F 82 18.26 -2.08 -44.65
C THR F 82 18.66 -0.71 -44.12
N PRO F 83 19.84 -0.20 -44.52
CA PRO F 83 20.20 1.17 -44.13
C PRO F 83 19.21 2.23 -44.60
N LEU F 84 18.46 1.96 -45.67
CA LEU F 84 17.44 2.91 -46.10
C LEU F 84 16.29 2.96 -45.11
N HIS F 85 15.95 1.81 -44.50
CA HIS F 85 14.94 1.80 -43.44
C HIS F 85 15.35 2.74 -42.31
N LEU F 86 16.60 2.68 -41.89
CA LEU F 86 17.07 3.49 -40.77
C LEU F 86 17.09 4.97 -41.12
N ALA F 87 17.58 5.32 -42.31
CA ALA F 87 17.64 6.72 -42.71
C ALA F 87 16.24 7.32 -42.86
N ALA F 88 15.32 6.55 -43.46
CA ALA F 88 13.96 7.06 -43.64
C ALA F 88 13.23 7.16 -42.31
N HIS F 89 13.52 6.28 -41.36
CA HIS F 89 12.82 6.29 -40.08
C HIS F 89 13.22 7.51 -39.25
N PHE F 90 14.50 7.84 -39.20
CA PHE F 90 15.00 8.87 -38.32
C PHE F 90 15.16 10.22 -39.02
N GLY F 91 14.57 10.39 -40.20
CA GLY F 91 14.47 11.69 -40.82
C GLY F 91 15.72 12.24 -41.46
N HIS F 92 16.72 11.39 -41.72
CA HIS F 92 17.96 11.84 -42.37
C HIS F 92 17.72 11.90 -43.87
N LEU F 93 17.33 13.09 -44.34
CA LEU F 93 16.93 13.23 -45.74
C LEU F 93 18.12 13.14 -46.69
N GLU F 94 19.26 13.73 -46.32
CA GLU F 94 20.42 13.70 -47.20
C GLU F 94 20.92 12.28 -47.39
N ILE F 95 20.90 11.47 -46.32
CA ILE F 95 21.35 10.09 -46.43
C ILE F 95 20.37 9.28 -47.28
N VAL F 96 19.07 9.59 -47.19
CA VAL F 96 18.08 8.90 -48.01
C VAL F 96 18.37 9.15 -49.49
N GLU F 97 18.72 10.40 -49.84
CA GLU F 97 18.98 10.72 -51.24
C GLU F 97 20.22 10.00 -51.75
N VAL F 98 21.28 9.95 -50.94
CA VAL F 98 22.52 9.32 -51.37
C VAL F 98 22.35 7.82 -51.53
N LEU F 99 21.64 7.18 -50.59
CA LEU F 99 21.45 5.73 -50.67
C LEU F 99 20.63 5.34 -51.89
N LEU F 100 19.57 6.11 -52.18
CA LEU F 100 18.76 5.83 -53.37
C LEU F 100 19.56 6.07 -54.65
N LYS F 101 20.51 7.00 -54.63
CA LYS F 101 21.37 7.21 -55.78
C LYS F 101 22.22 5.98 -56.06
N ASN F 102 22.73 5.34 -55.01
CA ASN F 102 23.60 4.18 -55.13
C ASN F 102 22.83 2.87 -55.25
N GLY F 103 21.52 2.92 -55.40
CA GLY F 103 20.72 1.75 -55.67
C GLY F 103 20.05 1.09 -54.49
N ALA F 104 19.72 1.86 -53.45
CA ALA F 104 18.99 1.30 -52.32
C ALA F 104 17.59 0.88 -52.75
N ASP F 105 17.23 -0.37 -52.48
CA ASP F 105 15.91 -0.89 -52.81
C ASP F 105 14.83 -0.04 -52.15
N VAL F 106 14.17 0.80 -52.93
CA VAL F 106 13.17 1.71 -52.39
C VAL F 106 11.95 0.96 -51.85
N ASN F 107 11.73 -0.29 -52.29
CA ASN F 107 10.60 -1.10 -51.83
C ASN F 107 11.06 -2.26 -50.96
N ALA F 108 12.20 -2.10 -50.28
CA ALA F 108 12.71 -3.17 -49.43
C ALA F 108 11.78 -3.43 -48.26
N LYS F 109 11.47 -4.70 -48.02
CA LYS F 109 10.65 -5.13 -46.91
C LYS F 109 11.51 -5.82 -45.87
N ASP F 110 11.24 -5.54 -44.59
CA ASP F 110 11.92 -6.24 -43.51
C ASP F 110 11.11 -7.48 -43.14
N ASP F 111 11.48 -8.14 -42.05
CA ASP F 111 10.80 -9.37 -41.65
C ASP F 111 9.32 -9.14 -41.35
N ASN F 112 8.91 -7.90 -41.08
CA ASN F 112 7.53 -7.58 -40.80
C ASN F 112 6.81 -6.98 -42.01
N GLY F 113 7.45 -7.01 -43.19
CA GLY F 113 6.86 -6.41 -44.37
C GLY F 113 6.82 -4.89 -44.35
N ILE F 114 7.68 -4.27 -43.55
CA ILE F 114 7.69 -2.81 -43.40
C ILE F 114 8.68 -2.23 -44.40
N THR F 115 8.24 -1.21 -45.12
CA THR F 115 9.01 -0.51 -46.14
C THR F 115 9.51 0.82 -45.59
N PRO F 116 10.57 1.38 -46.19
CA PRO F 116 11.02 2.72 -45.76
C PRO F 116 9.93 3.78 -45.88
N LEU F 117 8.97 3.61 -46.79
CA LEU F 117 7.85 4.53 -46.86
C LEU F 117 7.00 4.46 -45.60
N HIS F 118 6.79 3.25 -45.07
CA HIS F 118 6.04 3.09 -43.83
C HIS F 118 6.71 3.83 -42.69
N LEU F 119 8.03 3.65 -42.54
CA LEU F 119 8.74 4.29 -41.43
C LEU F 119 8.76 5.80 -41.59
N ALA F 120 8.91 6.30 -42.81
CA ALA F 120 8.90 7.74 -43.03
C ALA F 120 7.52 8.32 -42.79
N ALA F 121 6.47 7.66 -43.30
CA ALA F 121 5.12 8.17 -43.11
C ALA F 121 4.71 8.17 -41.64
N ASN F 122 5.18 7.18 -40.87
CA ASN F 122 4.78 7.08 -39.48
C ASN F 122 5.34 8.23 -38.65
N ARG F 123 6.60 8.59 -38.89
CA ARG F 123 7.24 9.67 -38.14
C ARG F 123 7.01 11.04 -38.75
N GLY F 124 6.21 11.14 -39.81
CA GLY F 124 5.89 12.43 -40.38
C GLY F 124 7.02 13.10 -41.13
N HIS F 125 7.92 12.32 -41.72
CA HIS F 125 9.01 12.88 -42.52
C HIS F 125 8.48 13.08 -43.93
N LEU F 126 7.91 14.27 -44.17
CA LEU F 126 7.21 14.54 -45.43
C LEU F 126 8.16 14.56 -46.61
N GLU F 127 9.31 15.23 -46.47
CA GLU F 127 10.23 15.36 -47.60
C GLU F 127 10.79 14.01 -48.02
N ILE F 128 11.06 13.12 -47.06
CA ILE F 128 11.58 11.80 -47.39
C ILE F 128 10.54 10.97 -48.12
N VAL F 129 9.27 11.13 -47.77
CA VAL F 129 8.20 10.39 -48.44
C VAL F 129 8.17 10.74 -49.93
N GLU F 130 8.34 12.02 -50.25
CA GLU F 130 8.34 12.43 -51.65
C GLU F 130 9.57 11.93 -52.39
N VAL F 131 10.73 11.96 -51.72
CA VAL F 131 11.95 11.43 -52.33
C VAL F 131 11.80 9.94 -52.59
N LEU F 132 11.20 9.21 -51.65
CA LEU F 132 10.97 7.79 -51.86
C LEU F 132 10.01 7.55 -53.01
N LEU F 133 8.92 8.31 -53.07
CA LEU F 133 7.97 8.18 -54.17
C LEU F 133 8.62 8.55 -55.49
N LYS F 134 9.50 9.56 -55.48
CA LYS F 134 10.22 9.93 -56.69
C LYS F 134 11.06 8.78 -57.21
N TYR F 135 11.70 8.05 -56.31
CA TYR F 135 12.52 6.90 -56.69
C TYR F 135 11.69 5.63 -56.88
N GLY F 136 10.37 5.73 -56.84
CA GLY F 136 9.50 4.62 -57.15
C GLY F 136 9.00 3.82 -55.97
N ALA F 137 8.73 4.45 -54.84
CA ALA F 137 8.20 3.72 -53.69
C ALA F 137 6.75 3.32 -53.97
N ASP F 138 6.47 2.03 -53.82
CA ASP F 138 5.12 1.51 -54.00
C ASP F 138 4.22 2.05 -52.89
N VAL F 139 3.33 2.98 -53.25
CA VAL F 139 2.46 3.61 -52.27
C VAL F 139 1.43 2.64 -51.71
N ASN F 140 1.17 1.53 -52.41
CA ASN F 140 0.16 0.57 -52.02
C ASN F 140 0.76 -0.67 -51.34
N ALA F 141 2.01 -0.60 -50.91
CA ALA F 141 2.65 -1.74 -50.28
C ALA F 141 2.08 -1.97 -48.88
N GLN F 142 1.70 -3.22 -48.60
CA GLN F 142 1.15 -3.62 -47.31
C GLN F 142 2.23 -4.28 -46.47
N ASP F 143 2.12 -4.12 -45.16
CA ASP F 143 2.97 -4.84 -44.23
C ASP F 143 2.27 -6.14 -43.83
N LYS F 144 2.82 -6.84 -42.83
CA LYS F 144 2.23 -8.11 -42.40
C LYS F 144 0.80 -7.93 -41.90
N PHE F 145 0.42 -6.74 -41.46
CA PHE F 145 -0.93 -6.48 -41.00
C PHE F 145 -1.82 -5.88 -42.09
N GLY F 146 -1.30 -5.73 -43.30
CA GLY F 146 -2.08 -5.19 -44.40
C GLY F 146 -2.21 -3.69 -44.44
N LYS F 147 -1.44 -2.97 -43.64
CA LYS F 147 -1.52 -1.52 -43.59
C LYS F 147 -0.63 -0.91 -44.67
N THR F 148 -1.14 0.16 -45.29
CA THR F 148 -0.39 0.93 -46.28
C THR F 148 0.02 2.27 -45.67
N ALA F 149 0.83 3.01 -46.43
CA ALA F 149 1.24 4.35 -45.99
C ALA F 149 0.04 5.27 -45.85
N PHE F 150 -1.03 5.02 -46.61
CA PHE F 150 -2.24 5.82 -46.48
C PHE F 150 -2.96 5.53 -45.18
N ASP F 151 -2.99 4.26 -44.78
CA ASP F 151 -3.59 3.90 -43.49
C ASP F 151 -2.83 4.54 -42.33
N ILE F 152 -1.51 4.69 -42.47
CA ILE F 152 -0.72 5.32 -41.42
C ILE F 152 -1.10 6.79 -41.28
N SER F 153 -1.27 7.50 -42.41
CA SER F 153 -1.64 8.90 -42.34
C SER F 153 -3.01 9.10 -41.72
N ILE F 154 -3.95 8.20 -42.03
CA ILE F 154 -5.30 8.31 -41.46
C ILE F 154 -5.26 8.06 -39.97
N ASN F 155 -4.59 6.99 -39.55
CA ASN F 155 -4.54 6.65 -38.13
C ASN F 155 -3.80 7.70 -37.31
N ASN F 156 -2.76 8.30 -37.88
CA ASN F 156 -2.00 9.32 -37.18
C ASN F 156 -2.65 10.70 -37.24
N GLY F 157 -3.63 10.90 -38.11
CA GLY F 157 -4.22 12.21 -38.27
C GLY F 157 -3.36 13.20 -39.00
N ASN F 158 -2.38 12.74 -39.77
CA ASN F 158 -1.49 13.61 -40.53
C ASN F 158 -2.19 13.95 -41.85
N GLU F 159 -2.75 15.15 -41.93
CA GLU F 159 -3.47 15.56 -43.14
C GLU F 159 -2.51 15.93 -44.26
N ASP F 160 -1.37 16.55 -43.92
CA ASP F 160 -0.41 16.93 -44.95
C ASP F 160 0.11 15.72 -45.70
N LEU F 161 0.35 14.61 -44.98
CA LEU F 161 0.86 13.41 -45.62
C LEU F 161 -0.24 12.65 -46.35
N ALA F 162 -1.44 12.62 -45.78
CA ALA F 162 -2.56 11.97 -46.45
C ALA F 162 -2.88 12.62 -47.79
N GLU F 163 -2.53 13.90 -47.96
CA GLU F 163 -2.71 14.56 -49.24
C GLU F 163 -1.65 14.12 -50.25
N ILE F 164 -0.43 13.85 -49.79
CA ILE F 164 0.65 13.51 -50.70
C ILE F 164 0.44 12.13 -51.31
N LEU F 165 -0.01 11.17 -50.51
CA LEU F 165 -0.19 9.81 -51.00
C LEU F 165 -1.54 9.61 -51.72
N GLN F 166 -2.16 10.71 -52.16
CA GLN F 166 -3.42 10.68 -52.90
C GLN F 166 -4.45 9.70 -52.34
#